data_1XES
#
_entry.id   1XES
#
_cell.length_a   54.366
_cell.length_b   111.373
_cell.length_c   131.695
_cell.angle_alpha   90.00
_cell.angle_beta   93.05
_cell.angle_gamma   90.00
#
_symmetry.space_group_name_H-M   'P 1 21 1'
#
loop_
_entity.id
_entity.type
_entity.pdbx_description
1 polymer 'Dihydropinosylvin synthase'
2 non-polymer '3-(1H-INDOL-3-YL)-2-OXOPROPANOIC ACID'
3 water water
#
_entity_poly.entity_id   1
_entity_poly.type   'polypeptide(L)'
_entity_poly.pdbx_seq_one_letter_code
;MGSSHHHHHHSSGLVPRGSHMGGVDFEGFRKLQRADGFASILAIGTANPPNAVDQSTYPDFYFRITGNEHNTELKDKFKR
ICERSAIKQRYMYLTEEILKKNPDVCAFVEVPSLDARQAMLAMEVPRLAKEAAEKAIQEWGQSKSGITHLIFCSTTTPDL
PGADFEVAKLLGLHPSVKRVGVFQHGCFAGGTVLRMAKDLAENNRGARVLVICSETTAVTFRGPSETHLDSLVGQALFGD
GASALIVGADPIPQVEKACFEIVWTAQTVVPNSEGAIGGKVREVGLTFQLKGAVPDLISANIENCMVEAFSQFKISDWNK
LFWVVHPGGRAILDRVEAKLNLDPTKLIPTRHVMSEYGNMSSACVHFILDQTRKASLQNGCSTTGEGLEMGVLFGFGPGL
TIETVVLKSVPIQ
;
_entity_poly.pdbx_strand_id   A,B,C,D
#
loop_
_chem_comp.id
_chem_comp.type
_chem_comp.name
_chem_comp.formula
3IO non-polymer '3-(1H-INDOL-3-YL)-2-OXOPROPANOIC ACID' 'C11 H9 N O3'
#
# COMPACT_ATOMS: atom_id res chain seq x y z
N PHE A 26 41.12 39.93 23.56
CA PHE A 26 40.14 39.11 22.81
C PHE A 26 38.73 39.20 23.39
N GLU A 27 38.63 39.50 24.68
CA GLU A 27 37.31 39.61 25.33
C GLU A 27 36.48 40.65 24.61
N GLY A 28 37.05 41.85 24.45
CA GLY A 28 36.34 42.91 23.76
C GLY A 28 36.10 42.49 22.32
N PHE A 29 37.00 41.66 21.79
CA PHE A 29 36.89 41.20 20.41
C PHE A 29 35.60 40.40 20.19
N ARG A 30 35.34 39.44 21.08
CA ARG A 30 34.14 38.61 20.96
C ARG A 30 32.88 39.47 21.11
N LYS A 31 32.91 40.41 22.04
CA LYS A 31 31.75 41.27 22.25
C LYS A 31 31.44 42.16 21.06
N LEU A 32 32.48 42.65 20.38
CA LEU A 32 32.25 43.51 19.23
C LEU A 32 31.98 42.69 17.97
N GLN A 33 32.47 41.46 17.95
CA GLN A 33 32.29 40.57 16.80
C GLN A 33 30.83 40.13 16.64
N ARG A 34 30.13 39.94 17.76
CA ARG A 34 28.74 39.50 17.71
C ARG A 34 27.75 40.66 17.61
N ALA A 35 26.53 40.34 17.18
CA ALA A 35 25.47 41.34 17.02
C ALA A 35 24.72 41.49 18.34
N ASP A 36 23.96 42.58 18.46
CA ASP A 36 23.25 42.85 19.71
C ASP A 36 21.84 42.30 19.92
N GLY A 37 20.92 42.55 18.99
CA GLY A 37 19.56 42.08 19.16
C GLY A 37 19.17 40.79 18.48
N PHE A 38 17.87 40.56 18.37
CA PHE A 38 17.33 39.36 17.72
C PHE A 38 17.46 39.40 16.20
N ALA A 39 17.67 38.23 15.61
CA ALA A 39 17.75 38.12 14.17
C ALA A 39 16.35 38.48 13.67
N SER A 40 16.26 39.34 12.67
CA SER A 40 14.97 39.76 12.16
C SER A 40 14.86 39.56 10.66
N ILE A 41 13.65 39.25 10.21
CA ILE A 41 13.40 39.09 8.78
C ILE A 41 13.16 40.50 8.27
N LEU A 42 14.00 40.96 7.34
CA LEU A 42 13.92 42.31 6.81
C LEU A 42 13.28 42.40 5.42
N ALA A 43 13.01 41.25 4.81
CA ALA A 43 12.39 41.22 3.50
C ALA A 43 12.04 39.79 3.13
N ILE A 44 10.99 39.64 2.33
CA ILE A 44 10.56 38.33 1.87
C ILE A 44 10.16 38.46 0.41
N GLY A 45 10.78 37.66 -0.43
CA GLY A 45 10.45 37.65 -1.85
C GLY A 45 10.09 36.24 -2.27
N THR A 46 9.20 36.10 -3.25
CA THR A 46 8.82 34.76 -3.71
C THR A 46 8.72 34.71 -5.22
N ALA A 47 8.85 33.51 -5.77
CA ALA A 47 8.79 33.30 -7.21
C ALA A 47 8.31 31.89 -7.54
N ASN A 48 7.71 31.74 -8.71
CA ASN A 48 7.24 30.44 -9.17
C ASN A 48 7.35 30.38 -10.68
N PRO A 49 7.42 29.15 -11.23
CA PRO A 49 7.51 29.00 -12.69
C PRO A 49 6.24 29.61 -13.28
N PRO A 50 6.33 30.25 -14.45
CA PRO A 50 5.18 30.90 -15.10
C PRO A 50 4.27 29.91 -15.83
N ASN A 51 3.79 28.91 -15.10
CA ASN A 51 2.92 27.90 -15.68
C ASN A 51 1.98 27.38 -14.60
N ALA A 52 0.79 27.97 -14.53
CA ALA A 52 -0.20 27.55 -13.53
C ALA A 52 -0.89 26.29 -14.00
N VAL A 53 -0.96 25.29 -13.13
CA VAL A 53 -1.61 24.03 -13.45
C VAL A 53 -2.84 23.84 -12.57
N ASP A 54 -4.01 23.81 -13.19
CA ASP A 54 -5.27 23.66 -12.47
C ASP A 54 -5.41 22.22 -11.96
N GLN A 55 -5.74 22.08 -10.67
CA GLN A 55 -5.90 20.78 -10.06
C GLN A 55 -7.14 20.07 -10.60
N SER A 56 -8.17 20.84 -10.92
CA SER A 56 -9.42 20.30 -11.42
C SER A 56 -9.28 19.47 -12.70
N THR A 57 -8.29 19.78 -13.52
CA THR A 57 -8.09 19.07 -14.78
C THR A 57 -6.78 18.29 -14.84
N TYR A 58 -6.06 18.23 -13.72
CA TYR A 58 -4.79 17.53 -13.70
C TYR A 58 -4.85 16.02 -13.89
N PRO A 59 -5.81 15.33 -13.25
CA PRO A 59 -5.87 13.88 -13.42
C PRO A 59 -5.83 13.46 -14.90
N ASP A 60 -6.67 14.08 -15.72
CA ASP A 60 -6.71 13.75 -17.14
C ASP A 60 -5.40 14.07 -17.85
N PHE A 61 -4.83 15.24 -17.53
CA PHE A 61 -3.57 15.64 -18.15
C PHE A 61 -2.43 14.71 -17.75
N TYR A 62 -2.31 14.47 -16.46
CA TYR A 62 -1.25 13.62 -15.91
C TYR A 62 -1.30 12.21 -16.50
N PHE A 63 -2.49 11.60 -16.53
CA PHE A 63 -2.57 10.26 -17.08
C PHE A 63 -2.39 10.22 -18.58
N ARG A 64 -2.71 11.32 -19.26
CA ARG A 64 -2.54 11.38 -20.70
C ARG A 64 -1.05 11.50 -21.05
N ILE A 65 -0.39 12.50 -20.49
CA ILE A 65 1.01 12.74 -20.78
C ILE A 65 1.94 11.60 -20.40
N THR A 66 1.57 10.82 -19.39
CA THR A 66 2.40 9.69 -18.97
C THR A 66 2.04 8.41 -19.70
N GLY A 67 1.02 8.48 -20.57
CA GLY A 67 0.60 7.34 -21.33
C GLY A 67 -0.15 6.26 -20.58
N ASN A 68 -1.01 6.67 -19.64
CA ASN A 68 -1.78 5.73 -18.84
C ASN A 68 -3.27 6.07 -18.89
N GLU A 69 -3.70 6.67 -19.99
CA GLU A 69 -5.09 7.09 -20.16
C GLU A 69 -6.13 5.98 -20.02
N HIS A 70 -5.74 4.75 -20.35
CA HIS A 70 -6.66 3.62 -20.26
C HIS A 70 -6.81 3.02 -18.87
N ASN A 71 -5.90 3.35 -17.96
CA ASN A 71 -5.94 2.82 -16.59
C ASN A 71 -6.95 3.61 -15.77
N THR A 72 -8.22 3.43 -16.10
CA THR A 72 -9.31 4.14 -15.43
C THR A 72 -9.34 4.03 -13.91
N GLU A 73 -9.08 2.84 -13.37
CA GLU A 73 -9.12 2.67 -11.93
C GLU A 73 -8.01 3.46 -11.23
N LEU A 74 -6.82 3.43 -11.80
CA LEU A 74 -5.69 4.15 -11.22
C LEU A 74 -5.94 5.65 -11.35
N LYS A 75 -6.52 6.06 -12.48
CA LYS A 75 -6.80 7.47 -12.69
C LYS A 75 -7.88 7.94 -11.70
N ASP A 76 -8.83 7.06 -11.40
CA ASP A 76 -9.89 7.43 -10.47
C ASP A 76 -9.34 7.57 -9.05
N LYS A 77 -8.34 6.77 -8.71
CA LYS A 77 -7.74 6.85 -7.38
C LYS A 77 -7.06 8.21 -7.28
N PHE A 78 -6.38 8.60 -8.36
CA PHE A 78 -5.67 9.88 -8.39
C PHE A 78 -6.67 11.05 -8.37
N LYS A 79 -7.77 10.87 -9.07
CA LYS A 79 -8.81 11.89 -9.11
C LYS A 79 -9.31 12.17 -7.70
N ARG A 80 -9.48 11.10 -6.92
CA ARG A 80 -9.96 11.24 -5.55
C ARG A 80 -8.93 12.00 -4.69
N ILE A 81 -7.66 11.68 -4.89
CA ILE A 81 -6.59 12.33 -4.13
C ILE A 81 -6.57 13.83 -4.42
N CYS A 82 -6.62 14.17 -5.70
CA CYS A 82 -6.62 15.57 -6.11
C CYS A 82 -7.84 16.31 -5.58
N GLU A 83 -9.00 15.68 -5.65
CA GLU A 83 -10.23 16.31 -5.19
C GLU A 83 -10.25 16.63 -3.69
N ARG A 84 -9.56 15.83 -2.89
CA ARG A 84 -9.52 16.06 -1.45
C ARG A 84 -8.24 16.76 -1.00
N SER A 85 -7.42 17.18 -1.95
CA SER A 85 -6.14 17.83 -1.63
C SER A 85 -6.27 19.25 -1.08
N ALA A 86 -7.36 19.93 -1.40
CA ALA A 86 -7.57 21.31 -0.98
C ALA A 86 -6.53 22.20 -1.66
N ILE A 87 -6.11 21.78 -2.85
CA ILE A 87 -5.15 22.52 -3.65
C ILE A 87 -5.88 22.86 -4.94
N LYS A 88 -5.99 24.15 -5.25
CA LYS A 88 -6.67 24.60 -6.46
C LYS A 88 -5.75 24.65 -7.67
N GLN A 89 -4.47 24.94 -7.42
CA GLN A 89 -3.49 25.02 -8.50
C GLN A 89 -2.07 24.94 -7.96
N ARG A 90 -1.14 24.65 -8.88
CA ARG A 90 0.27 24.56 -8.57
C ARG A 90 1.02 25.13 -9.77
N TYR A 91 2.22 25.65 -9.54
CA TYR A 91 3.03 26.18 -10.62
C TYR A 91 4.07 25.11 -10.92
N MET A 92 4.24 24.79 -12.20
CA MET A 92 5.19 23.75 -12.59
C MET A 92 6.14 24.10 -13.72
N TYR A 93 7.42 23.85 -13.47
CA TYR A 93 8.45 24.09 -14.46
C TYR A 93 8.19 23.12 -15.61
N LEU A 94 7.83 21.89 -15.28
CA LEU A 94 7.54 20.87 -16.29
C LEU A 94 6.27 21.19 -17.06
N THR A 95 6.40 21.29 -18.37
CA THR A 95 5.27 21.58 -19.25
C THR A 95 5.08 20.38 -20.17
N GLU A 96 3.97 20.36 -20.90
CA GLU A 96 3.71 19.26 -21.82
C GLU A 96 4.87 19.14 -22.82
N GLU A 97 5.35 20.28 -23.29
CA GLU A 97 6.44 20.32 -24.27
C GLU A 97 7.72 19.69 -23.71
N ILE A 98 8.06 20.04 -22.48
CA ILE A 98 9.26 19.50 -21.85
C ILE A 98 9.11 18.01 -21.60
N LEU A 99 7.93 17.59 -21.16
CA LEU A 99 7.69 16.18 -20.89
C LEU A 99 7.72 15.38 -22.19
N LYS A 100 7.24 15.98 -23.27
CA LYS A 100 7.24 15.29 -24.57
C LYS A 100 8.66 15.06 -25.06
N LYS A 101 9.57 15.95 -24.66
CA LYS A 101 10.97 15.84 -25.06
C LYS A 101 11.76 14.99 -24.07
N ASN A 102 11.12 14.61 -22.97
CA ASN A 102 11.75 13.81 -21.93
C ASN A 102 10.85 12.67 -21.48
N PRO A 103 10.57 11.72 -22.38
CA PRO A 103 9.72 10.56 -22.08
C PRO A 103 10.16 9.77 -20.86
N ASP A 104 11.47 9.71 -20.64
CA ASP A 104 12.01 8.96 -19.51
C ASP A 104 11.48 9.48 -18.17
N VAL A 105 11.19 10.78 -18.12
CA VAL A 105 10.68 11.38 -16.90
C VAL A 105 9.20 11.02 -16.70
N CYS A 106 8.56 10.56 -17.77
CA CYS A 106 7.16 10.17 -17.71
C CYS A 106 6.98 8.71 -17.30
N ALA A 107 8.07 7.95 -17.32
CA ALA A 107 8.03 6.56 -16.92
C ALA A 107 8.00 6.52 -15.41
N PHE A 108 7.78 5.33 -14.83
CA PHE A 108 7.79 5.23 -13.38
C PHE A 108 9.25 4.96 -13.02
N VAL A 109 9.70 3.71 -13.16
CA VAL A 109 11.07 3.36 -12.88
C VAL A 109 11.62 2.34 -13.87
N GLU A 110 10.90 2.12 -14.98
CA GLU A 110 11.35 1.14 -15.97
C GLU A 110 12.60 1.56 -16.73
N VAL A 111 12.93 2.85 -16.69
CA VAL A 111 14.12 3.35 -17.35
C VAL A 111 14.74 4.44 -16.49
N PRO A 112 16.06 4.66 -16.61
CA PRO A 112 16.73 5.69 -15.80
C PRO A 112 16.35 7.10 -16.28
N SER A 113 16.45 8.08 -15.39
CA SER A 113 16.11 9.44 -15.76
C SER A 113 16.84 10.48 -14.92
N LEU A 114 17.76 10.04 -14.08
CA LEU A 114 18.48 10.99 -13.22
C LEU A 114 19.24 12.06 -14.01
N ASP A 115 20.05 11.64 -14.97
CA ASP A 115 20.84 12.60 -15.74
C ASP A 115 20.00 13.70 -16.38
N ALA A 116 18.84 13.35 -16.92
CA ALA A 116 17.97 14.32 -17.56
C ALA A 116 17.45 15.28 -16.49
N ARG A 117 17.12 14.74 -15.33
CA ARG A 117 16.61 15.57 -14.23
C ARG A 117 17.69 16.51 -13.69
N GLN A 118 18.91 16.02 -13.58
CA GLN A 118 20.01 16.86 -13.08
C GLN A 118 20.20 18.07 -13.99
N ALA A 119 20.07 17.87 -15.30
CA ALA A 119 20.22 18.96 -16.25
C ALA A 119 19.13 20.01 -16.01
N MET A 120 17.90 19.55 -15.75
CA MET A 120 16.80 20.45 -15.50
C MET A 120 17.02 21.21 -14.20
N LEU A 121 17.46 20.49 -13.16
CA LEU A 121 17.69 21.12 -11.86
C LEU A 121 18.81 22.15 -11.91
N ALA A 122 19.86 21.83 -12.66
CA ALA A 122 21.00 22.75 -12.75
C ALA A 122 20.55 24.12 -13.27
N MET A 123 19.50 24.12 -14.08
CA MET A 123 19.01 25.37 -14.64
C MET A 123 17.86 26.00 -13.83
N GLU A 124 16.82 25.22 -13.56
CA GLU A 124 15.64 25.73 -12.88
C GLU A 124 15.77 26.14 -11.41
N VAL A 125 16.47 25.36 -10.61
CA VAL A 125 16.59 25.71 -9.20
C VAL A 125 17.28 27.07 -9.01
N PRO A 126 18.40 27.29 -9.70
CA PRO A 126 19.04 28.61 -9.50
C PRO A 126 18.21 29.74 -10.12
N ARG A 127 17.48 29.45 -11.19
CA ARG A 127 16.66 30.46 -11.86
C ARG A 127 15.56 30.98 -10.92
N LEU A 128 14.82 30.06 -10.31
CA LEU A 128 13.76 30.46 -9.39
C LEU A 128 14.35 31.16 -8.18
N ALA A 129 15.50 30.66 -7.72
CA ALA A 129 16.17 31.25 -6.56
C ALA A 129 16.56 32.69 -6.86
N LYS A 130 17.12 32.93 -8.03
CA LYS A 130 17.51 34.27 -8.43
C LYS A 130 16.32 35.21 -8.44
N GLU A 131 15.21 34.75 -9.02
CA GLU A 131 14.01 35.57 -9.12
C GLU A 131 13.47 35.97 -7.76
N ALA A 132 13.41 35.02 -6.84
CA ALA A 132 12.91 35.32 -5.49
C ALA A 132 13.86 36.26 -4.76
N ALA A 133 15.16 35.99 -4.87
CA ALA A 133 16.17 36.81 -4.20
C ALA A 133 16.16 38.25 -4.69
N GLU A 134 15.99 38.44 -5.99
CA GLU A 134 15.96 39.79 -6.54
C GLU A 134 14.82 40.57 -5.93
N LYS A 135 13.68 39.92 -5.73
CA LYS A 135 12.52 40.58 -5.14
C LYS A 135 12.79 40.92 -3.68
N ALA A 136 13.40 39.99 -2.94
CA ALA A 136 13.68 40.24 -1.54
C ALA A 136 14.68 41.39 -1.41
N ILE A 137 15.71 41.39 -2.26
CA ILE A 137 16.72 42.43 -2.24
C ILE A 137 16.11 43.79 -2.57
N GLN A 138 15.19 43.81 -3.54
CA GLN A 138 14.55 45.06 -3.91
C GLN A 138 13.74 45.61 -2.73
N GLU A 139 13.04 44.73 -2.02
CA GLU A 139 12.24 45.18 -0.87
C GLU A 139 13.16 45.71 0.23
N TRP A 140 14.21 44.95 0.50
CA TRP A 140 15.19 45.31 1.51
C TRP A 140 15.70 46.73 1.21
N GLY A 141 15.96 47.00 -0.07
CA GLY A 141 16.37 48.33 -0.49
C GLY A 141 17.83 48.73 -0.36
N GLN A 142 18.68 47.79 0.03
CA GLN A 142 20.10 48.07 0.18
C GLN A 142 20.89 47.42 -0.96
N SER A 143 22.15 47.82 -1.12
CA SER A 143 23.01 47.24 -2.15
C SER A 143 23.34 45.81 -1.78
N LYS A 144 23.40 44.92 -2.77
CA LYS A 144 23.72 43.53 -2.50
C LYS A 144 25.13 43.38 -1.97
N SER A 145 25.93 44.45 -2.08
CA SER A 145 27.30 44.42 -1.58
C SER A 145 27.28 44.26 -0.07
N GLY A 146 26.13 44.53 0.54
CA GLY A 146 25.99 44.41 1.98
C GLY A 146 25.62 43.02 2.45
N ILE A 147 25.34 42.12 1.51
CA ILE A 147 24.98 40.75 1.88
C ILE A 147 26.29 40.05 2.26
N THR A 148 26.32 39.50 3.47
CA THR A 148 27.52 38.85 3.99
C THR A 148 27.47 37.33 4.00
N HIS A 149 26.25 36.78 4.02
CA HIS A 149 26.09 35.33 4.06
C HIS A 149 24.93 34.90 3.17
N LEU A 150 24.99 33.65 2.73
CA LEU A 150 23.95 33.05 1.92
C LEU A 150 23.67 31.64 2.42
N ILE A 151 22.42 31.38 2.77
CA ILE A 151 22.00 30.05 3.18
C ILE A 151 21.05 29.64 2.06
N PHE A 152 21.42 28.59 1.33
CA PHE A 152 20.63 28.13 0.20
C PHE A 152 20.14 26.71 0.39
N CYS A 153 18.85 26.52 0.19
CA CYS A 153 18.22 25.22 0.40
C CYS A 153 17.41 24.70 -0.79
N SER A 154 17.61 23.43 -1.12
CA SER A 154 16.85 22.75 -2.17
C SER A 154 16.87 21.26 -1.83
N THR A 155 15.81 20.54 -2.17
CA THR A 155 15.75 19.12 -1.85
C THR A 155 17.00 18.38 -2.33
N THR A 156 17.49 18.72 -3.51
CA THR A 156 18.71 18.10 -4.01
C THR A 156 19.46 19.14 -4.82
N THR A 157 20.73 18.84 -5.12
CA THR A 157 21.55 19.71 -5.96
C THR A 157 22.32 18.70 -6.81
N PRO A 158 22.47 18.98 -8.11
CA PRO A 158 23.16 18.07 -9.03
C PRO A 158 24.67 17.93 -9.04
N ASP A 159 25.38 18.99 -8.70
CA ASP A 159 26.82 18.96 -8.77
C ASP A 159 27.54 19.51 -7.55
N LEU A 160 28.84 19.70 -7.77
CA LEU A 160 29.75 20.34 -6.82
C LEU A 160 30.49 21.27 -7.78
N PRO A 161 30.40 22.59 -7.56
CA PRO A 161 29.69 23.29 -6.48
C PRO A 161 28.19 23.07 -6.42
N GLY A 162 27.64 23.24 -5.23
CA GLY A 162 26.20 23.10 -5.05
C GLY A 162 25.55 24.34 -5.63
N ALA A 163 24.22 24.33 -5.65
CA ALA A 163 23.45 25.45 -6.21
C ALA A 163 23.69 26.78 -5.49
N ASP A 164 24.18 26.73 -4.25
CA ASP A 164 24.45 27.97 -3.52
C ASP A 164 25.48 28.79 -4.28
N PHE A 165 26.45 28.11 -4.89
CA PHE A 165 27.49 28.78 -5.66
C PHE A 165 26.90 29.43 -6.90
N GLU A 166 26.09 28.66 -7.63
CA GLU A 166 25.48 29.16 -8.85
C GLU A 166 24.55 30.34 -8.61
N VAL A 167 23.78 30.27 -7.53
CA VAL A 167 22.85 31.35 -7.21
C VAL A 167 23.60 32.63 -6.87
N ALA A 168 24.68 32.51 -6.10
CA ALA A 168 25.48 33.66 -5.73
C ALA A 168 26.05 34.30 -7.00
N LYS A 169 26.50 33.46 -7.92
CA LYS A 169 27.06 33.91 -9.19
C LYS A 169 26.02 34.67 -10.01
N LEU A 170 24.83 34.07 -10.16
CA LEU A 170 23.76 34.72 -10.91
C LEU A 170 23.37 36.06 -10.31
N LEU A 171 23.41 36.16 -8.98
CA LEU A 171 23.04 37.39 -8.29
C LEU A 171 24.15 38.43 -8.27
N GLY A 172 25.35 38.02 -8.67
CA GLY A 172 26.48 38.93 -8.67
C GLY A 172 26.95 39.29 -7.28
N LEU A 173 26.79 38.37 -6.34
CA LEU A 173 27.23 38.63 -4.97
C LEU A 173 28.75 38.69 -4.88
N HIS A 174 29.26 39.34 -3.84
CA HIS A 174 30.69 39.46 -3.63
C HIS A 174 31.27 38.06 -3.47
N PRO A 175 32.49 37.83 -3.97
CA PRO A 175 33.15 36.52 -3.86
C PRO A 175 33.25 36.06 -2.41
N SER A 176 33.40 37.03 -1.51
CA SER A 176 33.56 36.74 -0.08
C SER A 176 32.29 36.42 0.70
N VAL A 177 31.15 36.32 0.01
CA VAL A 177 29.91 35.98 0.73
C VAL A 177 30.07 34.57 1.26
N LYS A 178 29.79 34.39 2.55
CA LYS A 178 29.92 33.09 3.21
C LYS A 178 28.68 32.26 2.92
N ARG A 179 28.88 31.15 2.22
CA ARG A 179 27.78 30.28 1.82
C ARG A 179 27.62 28.97 2.58
N VAL A 180 26.37 28.52 2.68
CA VAL A 180 26.05 27.25 3.31
C VAL A 180 24.90 26.69 2.49
N GLY A 181 25.07 25.47 1.98
CA GLY A 181 24.03 24.84 1.20
C GLY A 181 23.33 23.78 2.02
N VAL A 182 22.01 23.78 1.98
CA VAL A 182 21.21 22.84 2.77
C VAL A 182 20.46 21.92 1.80
N PHE A 183 21.05 20.75 1.58
CA PHE A 183 20.52 19.78 0.63
C PHE A 183 20.07 18.49 1.29
N GLN A 184 19.07 17.87 0.68
CA GLN A 184 18.49 16.61 1.13
C GLN A 184 18.01 16.61 2.57
N HIS A 185 17.48 17.75 3.00
CA HIS A 185 16.88 17.86 4.32
C HIS A 185 15.40 17.65 4.05
N GLY A 186 14.86 18.38 3.08
CA GLY A 186 13.47 18.19 2.73
C GLY A 186 12.46 19.24 3.17
N CYS A 187 11.22 18.79 3.32
CA CYS A 187 10.14 19.70 3.66
C CYS A 187 10.21 20.48 4.95
N PHE A 188 11.01 20.02 5.91
CA PHE A 188 11.09 20.75 7.16
C PHE A 188 12.11 21.87 7.11
N ALA A 189 12.89 21.92 6.03
CA ALA A 189 13.96 22.90 5.88
C ALA A 189 13.60 24.38 5.88
N GLY A 190 12.33 24.71 5.69
CA GLY A 190 11.92 26.10 5.72
C GLY A 190 12.15 26.59 7.15
N GLY A 191 12.06 25.65 8.09
CA GLY A 191 12.31 25.97 9.48
C GLY A 191 13.81 25.95 9.74
N THR A 192 14.47 24.92 9.22
CA THR A 192 15.91 24.75 9.39
C THR A 192 16.69 26.00 9.00
N VAL A 193 16.39 26.57 7.83
CA VAL A 193 17.13 27.75 7.41
C VAL A 193 16.93 28.97 8.30
N LEU A 194 15.79 29.06 8.99
CA LEU A 194 15.54 30.17 9.90
C LEU A 194 16.33 29.92 11.19
N ARG A 195 16.40 28.67 11.60
CA ARG A 195 17.16 28.27 12.78
C ARG A 195 18.64 28.60 12.53
N MET A 196 19.11 28.32 11.33
CA MET A 196 20.51 28.60 10.97
C MET A 196 20.76 30.10 10.83
N ALA A 197 19.82 30.79 10.19
CA ALA A 197 19.93 32.22 9.98
C ALA A 197 19.97 32.99 11.29
N LYS A 198 19.23 32.53 12.29
CA LYS A 198 19.22 33.21 13.59
C LYS A 198 20.64 33.25 14.16
N ASP A 199 21.32 32.11 14.19
CA ASP A 199 22.65 32.06 14.76
C ASP A 199 23.69 32.83 13.95
N LEU A 200 23.61 32.79 12.62
CA LEU A 200 24.55 33.53 11.80
C LEU A 200 24.37 35.03 11.95
N ALA A 201 23.12 35.47 11.95
CA ALA A 201 22.83 36.90 12.07
C ALA A 201 23.16 37.48 13.44
N GLU A 202 22.83 36.73 14.48
CA GLU A 202 23.06 37.20 15.84
C GLU A 202 24.50 37.11 16.30
N ASN A 203 25.27 36.17 15.76
CA ASN A 203 26.65 36.05 16.20
C ASN A 203 27.65 36.85 15.39
N ASN A 204 27.16 37.62 14.42
CA ASN A 204 28.03 38.42 13.56
C ASN A 204 27.47 39.83 13.36
N ARG A 205 28.09 40.81 14.03
CA ARG A 205 27.65 42.19 13.93
C ARG A 205 27.63 42.67 12.48
N GLY A 206 26.52 43.26 12.07
CA GLY A 206 26.39 43.78 10.71
C GLY A 206 26.04 42.75 9.66
N ALA A 207 26.06 41.48 10.03
CA ALA A 207 25.75 40.45 9.04
C ALA A 207 24.34 40.58 8.48
N ARG A 208 24.25 40.38 7.16
CA ARG A 208 22.97 40.42 6.47
C ARG A 208 22.96 39.12 5.67
N VAL A 209 22.08 38.20 6.08
CA VAL A 209 22.00 36.88 5.48
C VAL A 209 20.88 36.71 4.47
N LEU A 210 21.26 36.33 3.25
CA LEU A 210 20.26 36.05 2.22
C LEU A 210 19.93 34.58 2.42
N VAL A 211 18.65 34.28 2.61
CA VAL A 211 18.17 32.91 2.84
C VAL A 211 17.24 32.57 1.68
N ILE A 212 17.54 31.47 0.99
CA ILE A 212 16.73 31.07 -0.17
C ILE A 212 16.37 29.60 -0.14
N CYS A 213 15.12 29.30 -0.49
CA CYS A 213 14.63 27.93 -0.59
C CYS A 213 14.08 27.85 -2.00
N SER A 214 14.57 26.91 -2.80
CA SER A 214 14.11 26.77 -4.18
C SER A 214 13.82 25.31 -4.47
N GLU A 215 12.58 25.02 -4.83
CA GLU A 215 12.12 23.66 -5.07
C GLU A 215 11.35 23.48 -6.37
N THR A 216 11.58 22.34 -7.03
CA THR A 216 10.87 22.02 -8.27
C THR A 216 10.62 20.53 -8.41
N THR A 217 9.44 20.16 -8.90
CA THR A 217 9.08 18.76 -9.07
C THR A 217 9.79 18.10 -10.25
N ALA A 218 10.72 18.82 -10.88
CA ALA A 218 11.47 18.24 -11.99
C ALA A 218 12.24 17.04 -11.44
N VAL A 219 12.47 17.05 -10.13
CA VAL A 219 13.22 15.97 -9.49
C VAL A 219 12.34 14.81 -9.01
N THR A 220 11.06 15.09 -8.77
CA THR A 220 10.13 14.08 -8.27
C THR A 220 9.04 13.59 -9.22
N PHE A 221 8.72 14.39 -10.23
CA PHE A 221 7.67 13.98 -11.18
C PHE A 221 8.00 12.68 -11.90
N ARG A 222 7.02 11.78 -11.94
CA ARG A 222 7.18 10.51 -12.65
C ARG A 222 5.81 9.90 -12.87
N GLY A 223 5.75 8.89 -13.73
CA GLY A 223 4.48 8.23 -14.03
C GLY A 223 3.84 7.55 -12.84
N PRO A 224 2.54 7.23 -12.93
CA PRO A 224 1.82 6.56 -11.84
C PRO A 224 2.10 5.05 -11.77
N SER A 225 1.94 4.49 -10.58
CA SER A 225 2.16 3.07 -10.33
C SER A 225 1.17 2.60 -9.29
N GLU A 226 0.39 1.58 -9.61
CA GLU A 226 -0.61 1.12 -8.66
C GLU A 226 0.01 0.43 -7.43
N THR A 227 1.28 0.06 -7.52
CA THR A 227 1.96 -0.56 -6.39
C THR A 227 2.68 0.47 -5.52
N HIS A 228 2.61 1.73 -5.92
CA HIS A 228 3.23 2.81 -5.16
C HIS A 228 2.28 4.00 -5.08
N LEU A 229 1.17 3.80 -4.39
CA LEU A 229 0.15 4.82 -4.25
C LEU A 229 0.62 6.05 -3.46
N ASP A 230 1.67 5.90 -2.66
CA ASP A 230 2.19 7.02 -1.90
C ASP A 230 2.86 8.01 -2.86
N SER A 231 3.53 7.48 -3.88
CA SER A 231 4.17 8.32 -4.89
C SER A 231 3.06 9.05 -5.62
N LEU A 232 1.92 8.37 -5.75
CA LEU A 232 0.79 8.95 -6.44
C LEU A 232 0.32 10.20 -5.68
N VAL A 233 0.28 10.12 -4.36
CA VAL A 233 -0.13 11.27 -3.56
C VAL A 233 0.80 12.45 -3.80
N GLY A 234 2.10 12.16 -3.90
CA GLY A 234 3.06 13.22 -4.14
C GLY A 234 2.85 13.93 -5.47
N GLN A 235 2.42 13.16 -6.47
CA GLN A 235 2.18 13.74 -7.79
C GLN A 235 1.01 14.71 -7.78
N ALA A 236 0.15 14.62 -6.76
CA ALA A 236 -1.01 15.49 -6.66
C ALA A 236 -0.75 16.71 -5.76
N LEU A 237 0.22 16.59 -4.85
CA LEU A 237 0.49 17.68 -3.91
C LEU A 237 1.68 18.58 -4.16
N PHE A 238 2.80 18.02 -4.61
CA PHE A 238 4.01 18.82 -4.80
C PHE A 238 3.98 19.85 -5.93
N GLY A 239 4.39 21.07 -5.59
CA GLY A 239 4.43 22.17 -6.54
C GLY A 239 5.80 22.84 -6.53
N ASP A 240 6.00 23.79 -7.45
CA ASP A 240 7.28 24.49 -7.57
C ASP A 240 7.24 25.91 -7.03
N GLY A 241 8.37 26.36 -6.49
CA GLY A 241 8.45 27.71 -5.99
C GLY A 241 9.75 27.99 -5.25
N ALA A 242 10.05 29.26 -5.08
CA ALA A 242 11.23 29.65 -4.34
C ALA A 242 10.92 30.85 -3.47
N SER A 243 11.52 30.88 -2.29
CA SER A 243 11.34 31.99 -1.37
C SER A 243 12.72 32.53 -1.04
N ALA A 244 12.77 33.81 -0.67
CA ALA A 244 14.03 34.45 -0.32
C ALA A 244 13.76 35.45 0.80
N LEU A 245 14.67 35.48 1.78
CA LEU A 245 14.56 36.37 2.91
C LEU A 245 15.90 37.07 3.11
N ILE A 246 15.86 38.22 3.76
CA ILE A 246 17.09 38.91 4.14
C ILE A 246 16.91 38.86 5.65
N VAL A 247 17.88 38.30 6.36
CA VAL A 247 17.81 38.20 7.81
C VAL A 247 19.00 38.91 8.43
N GLY A 248 18.73 39.71 9.45
CA GLY A 248 19.80 40.42 10.11
C GLY A 248 19.37 40.96 11.46
N ALA A 249 20.33 41.12 12.36
CA ALA A 249 20.05 41.67 13.67
C ALA A 249 20.38 43.16 13.64
N ASP A 250 19.84 43.92 14.58
CA ASP A 250 20.13 45.35 14.64
C ASP A 250 19.76 46.09 13.35
N PRO A 251 18.48 46.04 12.94
CA PRO A 251 18.10 46.74 11.71
C PRO A 251 18.30 48.24 11.82
N ILE A 252 18.72 48.86 10.73
CA ILE A 252 18.97 50.29 10.70
C ILE A 252 17.66 51.07 10.79
N PRO A 253 17.51 51.89 11.83
CA PRO A 253 16.29 52.68 12.01
C PRO A 253 15.94 53.54 10.79
N GLN A 254 14.67 53.50 10.40
CA GLN A 254 14.17 54.27 9.26
C GLN A 254 14.78 53.89 7.91
N VAL A 255 15.63 52.88 7.89
CA VAL A 255 16.26 52.43 6.64
C VAL A 255 15.81 51.01 6.31
N GLU A 256 15.95 50.12 7.28
CA GLU A 256 15.53 48.74 7.11
C GLU A 256 14.24 48.57 7.90
N LYS A 257 13.43 47.58 7.51
CA LYS A 257 12.17 47.34 8.19
C LYS A 257 11.99 45.85 8.46
N ALA A 258 11.87 45.51 9.73
CA ALA A 258 11.68 44.13 10.13
C ALA A 258 10.19 43.77 10.13
N CYS A 259 9.86 42.53 9.82
CA CYS A 259 8.47 42.11 9.87
C CYS A 259 8.30 41.01 10.92
N PHE A 260 9.38 40.31 11.24
CA PHE A 260 9.35 39.25 12.24
C PHE A 260 10.71 39.11 12.90
N GLU A 261 10.72 38.63 14.13
CA GLU A 261 11.98 38.40 14.84
C GLU A 261 12.01 36.90 15.14
N ILE A 262 13.18 36.28 14.96
CA ILE A 262 13.33 34.85 15.22
C ILE A 262 13.81 34.72 16.65
N VAL A 263 12.87 34.38 17.52
CA VAL A 263 13.15 34.31 18.95
C VAL A 263 13.80 33.05 19.50
N TRP A 264 13.27 31.90 19.13
CA TRP A 264 13.74 30.62 19.67
C TRP A 264 13.41 29.51 18.69
N THR A 265 14.26 28.49 18.63
CA THR A 265 14.03 27.38 17.72
C THR A 265 14.36 26.04 18.36
N ALA A 266 13.79 24.99 17.78
CA ALA A 266 14.04 23.62 18.21
C ALA A 266 13.86 22.69 17.02
N GLN A 267 14.43 21.50 17.12
CA GLN A 267 14.26 20.49 16.07
C GLN A 267 14.17 19.18 16.81
N THR A 268 13.24 18.32 16.41
CA THR A 268 13.12 17.02 17.07
C THR A 268 12.64 15.96 16.11
N VAL A 269 12.92 14.71 16.46
CA VAL A 269 12.53 13.58 15.64
C VAL A 269 11.48 12.76 16.38
N VAL A 270 10.39 12.42 15.69
CA VAL A 270 9.35 11.62 16.30
C VAL A 270 9.88 10.19 16.32
N PRO A 271 9.91 9.56 17.49
CA PRO A 271 10.40 8.19 17.60
C PRO A 271 9.72 7.17 16.69
N ASN A 272 10.50 6.20 16.23
CA ASN A 272 10.01 5.11 15.38
C ASN A 272 9.17 5.55 14.18
N SER A 273 9.68 6.48 13.38
CA SER A 273 8.94 6.96 12.22
C SER A 273 9.80 7.25 11.00
N GLU A 274 11.00 6.68 10.93
CA GLU A 274 11.89 6.96 9.80
C GLU A 274 11.29 6.71 8.42
N GLY A 275 10.45 5.70 8.31
CA GLY A 275 9.86 5.40 7.01
C GLY A 275 8.63 6.21 6.67
N ALA A 276 8.16 7.03 7.60
CA ALA A 276 6.98 7.85 7.37
C ALA A 276 7.10 8.77 6.17
N ILE A 277 8.23 9.47 6.08
CA ILE A 277 8.49 10.37 4.96
C ILE A 277 9.95 10.18 4.56
N GLY A 278 10.18 9.83 3.31
CA GLY A 278 11.55 9.61 2.89
C GLY A 278 11.75 9.65 1.40
N GLY A 279 13.01 9.72 0.99
CA GLY A 279 13.32 9.78 -0.41
C GLY A 279 14.66 9.12 -0.68
N LYS A 280 14.90 8.76 -1.93
CA LYS A 280 16.15 8.14 -2.31
C LYS A 280 16.59 8.68 -3.66
N VAL A 281 17.85 9.10 -3.74
CA VAL A 281 18.41 9.61 -4.99
C VAL A 281 19.02 8.42 -5.70
N ARG A 282 18.40 8.00 -6.80
CA ARG A 282 18.87 6.84 -7.53
C ARG A 282 18.92 7.12 -9.03
N GLU A 283 19.25 6.09 -9.79
CA GLU A 283 19.36 6.24 -11.23
C GLU A 283 18.05 6.65 -11.91
N VAL A 284 16.92 6.41 -11.22
CA VAL A 284 15.62 6.78 -11.75
C VAL A 284 15.21 8.15 -11.22
N GLY A 285 16.15 8.86 -10.59
CA GLY A 285 15.85 10.17 -10.04
C GLY A 285 15.50 10.06 -8.57
N LEU A 286 14.83 11.07 -8.03
CA LEU A 286 14.46 11.07 -6.62
C LEU A 286 13.11 10.38 -6.42
N THR A 287 13.11 9.27 -5.70
CA THR A 287 11.89 8.55 -5.42
C THR A 287 11.51 8.91 -3.99
N PHE A 288 10.24 8.84 -3.66
CA PHE A 288 9.84 9.14 -2.30
C PHE A 288 8.74 8.22 -1.80
N GLN A 289 8.66 8.11 -0.47
CA GLN A 289 7.68 7.27 0.18
C GLN A 289 6.96 8.13 1.21
N LEU A 290 5.66 7.88 1.36
CA LEU A 290 4.83 8.62 2.31
C LEU A 290 3.85 7.65 2.94
N LYS A 291 3.79 7.65 4.27
CA LYS A 291 2.88 6.75 4.97
C LYS A 291 1.65 7.50 5.49
N GLY A 292 0.51 6.83 5.45
CA GLY A 292 -0.72 7.46 5.90
C GLY A 292 -0.70 7.88 7.35
N ALA A 293 0.21 7.32 8.12
CA ALA A 293 0.33 7.63 9.55
C ALA A 293 0.87 9.02 9.85
N VAL A 294 1.39 9.72 8.84
CA VAL A 294 1.95 11.06 9.04
C VAL A 294 1.06 12.02 9.82
N PRO A 295 -0.21 12.18 9.42
CA PRO A 295 -1.08 13.10 10.16
C PRO A 295 -1.16 12.78 11.65
N ASP A 296 -1.30 11.51 11.99
CA ASP A 296 -1.39 11.09 13.39
C ASP A 296 -0.08 11.33 14.12
N LEU A 297 1.03 10.95 13.49
CA LEU A 297 2.35 11.12 14.10
C LEU A 297 2.64 12.57 14.45
N ILE A 298 2.34 13.48 13.53
CA ILE A 298 2.60 14.89 13.76
C ILE A 298 1.71 15.43 14.88
N SER A 299 0.40 15.21 14.76
CA SER A 299 -0.54 15.70 15.75
C SER A 299 -0.33 15.13 17.15
N ALA A 300 0.20 13.91 17.23
CA ALA A 300 0.43 13.27 18.52
C ALA A 300 1.64 13.85 19.25
N ASN A 301 2.49 14.57 18.53
CA ASN A 301 3.70 15.13 19.14
C ASN A 301 3.78 16.65 19.12
N ILE A 302 2.83 17.30 18.44
CA ILE A 302 2.86 18.75 18.34
C ILE A 302 2.62 19.50 19.64
N GLU A 303 1.76 18.97 20.51
CA GLU A 303 1.49 19.65 21.78
C GLU A 303 2.77 19.79 22.59
N ASN A 304 3.60 18.76 22.62
CA ASN A 304 4.84 18.86 23.37
C ASN A 304 5.79 19.89 22.75
N CYS A 305 5.78 20.00 21.42
CA CYS A 305 6.62 20.99 20.78
C CYS A 305 6.20 22.37 21.28
N MET A 306 4.88 22.58 21.34
CA MET A 306 4.32 23.86 21.80
C MET A 306 4.67 24.19 23.25
N VAL A 307 4.49 23.23 24.15
CA VAL A 307 4.80 23.48 25.56
C VAL A 307 6.29 23.78 25.77
N GLU A 308 7.14 23.01 25.11
CA GLU A 308 8.58 23.24 25.24
C GLU A 308 9.00 24.60 24.72
N ALA A 309 8.29 25.09 23.72
CA ALA A 309 8.60 26.37 23.11
C ALA A 309 8.03 27.58 23.85
N PHE A 310 6.81 27.45 24.34
CA PHE A 310 6.12 28.57 24.97
C PHE A 310 6.00 28.64 26.49
N SER A 311 6.37 27.57 27.19
CA SER A 311 6.28 27.62 28.65
C SER A 311 7.13 28.76 29.20
N GLN A 312 8.27 29.01 28.56
CA GLN A 312 9.18 30.06 28.98
C GLN A 312 8.63 31.47 28.76
N PHE A 313 7.60 31.58 27.93
CA PHE A 313 6.98 32.86 27.64
C PHE A 313 5.63 33.00 28.35
N LYS A 314 5.36 32.06 29.24
CA LYS A 314 4.12 32.03 30.01
C LYS A 314 2.88 32.03 29.12
N ILE A 315 2.96 31.36 27.98
CA ILE A 315 1.83 31.27 27.07
C ILE A 315 1.35 29.82 27.01
N SER A 316 0.05 29.62 27.22
CA SER A 316 -0.54 28.29 27.20
C SER A 316 -1.76 28.21 26.30
N ASP A 317 -2.25 29.37 25.87
CA ASP A 317 -3.43 29.44 25.00
C ASP A 317 -2.90 29.62 23.58
N TRP A 318 -2.92 28.54 22.80
CA TRP A 318 -2.41 28.57 21.44
C TRP A 318 -3.16 29.49 20.49
N ASN A 319 -4.35 29.94 20.88
CA ASN A 319 -5.11 30.84 20.02
C ASN A 319 -4.64 32.28 20.17
N LYS A 320 -3.72 32.51 21.11
CA LYS A 320 -3.19 33.84 21.33
C LYS A 320 -1.94 34.05 20.48
N LEU A 321 -1.66 33.08 19.61
CA LEU A 321 -0.49 33.15 18.74
C LEU A 321 -0.89 33.17 17.27
N PHE A 322 -0.03 33.70 16.41
CA PHE A 322 -0.33 33.64 14.98
C PHE A 322 0.38 32.35 14.54
N TRP A 323 -0.15 31.71 13.51
CA TRP A 323 0.38 30.42 13.05
C TRP A 323 0.89 30.32 11.63
N VAL A 324 1.93 29.51 11.46
CA VAL A 324 2.52 29.24 10.15
C VAL A 324 2.87 27.75 10.20
N VAL A 325 2.16 26.95 9.42
CA VAL A 325 2.41 25.52 9.43
C VAL A 325 2.73 24.97 8.04
N HIS A 326 3.78 24.17 7.94
CA HIS A 326 4.12 23.59 6.65
C HIS A 326 2.88 22.81 6.18
N PRO A 327 2.33 23.19 5.01
CA PRO A 327 1.14 22.54 4.46
C PRO A 327 1.46 21.22 3.74
N GLY A 328 1.96 20.25 4.50
CA GLY A 328 2.31 18.96 3.92
C GLY A 328 1.13 18.28 3.27
N GLY A 329 -0.03 18.48 3.86
CA GLY A 329 -1.25 17.88 3.33
C GLY A 329 -2.46 18.39 4.11
N ARG A 330 -3.63 18.31 3.48
CA ARG A 330 -4.86 18.74 4.12
C ARG A 330 -5.05 18.04 5.47
N ALA A 331 -4.89 16.72 5.47
CA ALA A 331 -5.05 15.91 6.67
C ALA A 331 -4.19 16.41 7.83
N ILE A 332 -2.93 16.72 7.54
CA ILE A 332 -2.03 17.20 8.59
C ILE A 332 -2.59 18.47 9.23
N LEU A 333 -3.01 19.43 8.40
CA LEU A 333 -3.54 20.69 8.90
C LEU A 333 -4.80 20.45 9.72
N ASP A 334 -5.69 19.60 9.21
CA ASP A 334 -6.94 19.31 9.92
C ASP A 334 -6.66 18.67 11.28
N ARG A 335 -5.72 17.74 11.32
CA ARG A 335 -5.39 17.05 12.57
C ARG A 335 -4.73 17.94 13.61
N VAL A 336 -3.84 18.82 13.17
CA VAL A 336 -3.17 19.74 14.09
C VAL A 336 -4.18 20.74 14.66
N GLU A 337 -5.06 21.20 13.79
CA GLU A 337 -6.10 22.16 14.14
C GLU A 337 -7.01 21.56 15.20
N ALA A 338 -7.44 20.32 14.97
CA ALA A 338 -8.32 19.63 15.91
C ALA A 338 -7.62 19.35 17.23
N LYS A 339 -6.44 18.73 17.14
CA LYS A 339 -5.65 18.38 18.32
C LYS A 339 -5.34 19.55 19.24
N LEU A 340 -5.00 20.71 18.67
CA LEU A 340 -4.66 21.88 19.47
C LEU A 340 -5.83 22.83 19.70
N ASN A 341 -7.01 22.46 19.22
CA ASN A 341 -8.21 23.27 19.39
C ASN A 341 -8.03 24.70 18.88
N LEU A 342 -7.38 24.83 17.72
CA LEU A 342 -7.16 26.16 17.15
C LEU A 342 -8.47 26.62 16.51
N ASP A 343 -8.80 27.90 16.66
CA ASP A 343 -10.03 28.39 16.05
C ASP A 343 -9.81 28.39 14.53
N PRO A 344 -10.91 28.27 13.76
CA PRO A 344 -10.89 28.24 12.29
C PRO A 344 -10.11 29.34 11.56
N THR A 345 -9.68 30.38 12.26
CA THR A 345 -8.95 31.46 11.60
C THR A 345 -7.43 31.33 11.63
N LYS A 346 -6.91 30.55 12.56
CA LYS A 346 -5.46 30.41 12.70
C LYS A 346 -4.75 29.92 11.45
N LEU A 347 -5.32 28.91 10.79
CA LEU A 347 -4.68 28.37 9.60
C LEU A 347 -5.13 28.96 8.26
N ILE A 348 -5.77 30.13 8.29
CA ILE A 348 -6.22 30.74 7.04
C ILE A 348 -5.04 31.03 6.10
N PRO A 349 -3.98 31.69 6.59
CA PRO A 349 -2.85 31.97 5.69
C PRO A 349 -2.21 30.68 5.15
N THR A 350 -2.09 29.68 6.02
CA THR A 350 -1.51 28.40 5.65
C THR A 350 -2.30 27.70 4.55
N ARG A 351 -3.61 27.59 4.74
CA ARG A 351 -4.46 26.94 3.76
C ARG A 351 -4.54 27.75 2.47
N HIS A 352 -4.42 29.07 2.59
CA HIS A 352 -4.47 29.94 1.43
C HIS A 352 -3.30 29.61 0.52
N VAL A 353 -2.11 29.50 1.10
CA VAL A 353 -0.92 29.18 0.32
C VAL A 353 -1.02 27.77 -0.29
N MET A 354 -1.47 26.79 0.49
CA MET A 354 -1.59 25.43 -0.03
C MET A 354 -2.57 25.38 -1.19
N SER A 355 -3.62 26.18 -1.11
CA SER A 355 -4.62 26.20 -2.17
C SER A 355 -4.09 26.79 -3.46
N GLU A 356 -3.30 27.86 -3.35
CA GLU A 356 -2.76 28.55 -4.52
C GLU A 356 -1.43 28.04 -5.08
N TYR A 357 -0.67 27.31 -4.27
CA TYR A 357 0.64 26.84 -4.70
C TYR A 357 0.93 25.36 -4.45
N GLY A 358 0.11 24.73 -3.62
CA GLY A 358 0.36 23.33 -3.32
C GLY A 358 1.55 23.21 -2.37
N ASN A 359 2.09 22.02 -2.26
CA ASN A 359 3.22 21.75 -1.38
C ASN A 359 4.55 22.01 -2.08
N MET A 360 5.12 23.19 -1.84
CA MET A 360 6.41 23.59 -2.42
C MET A 360 7.57 23.25 -1.48
N SER A 361 7.40 22.22 -0.66
CA SER A 361 8.44 21.80 0.26
C SER A 361 8.92 22.94 1.17
N SER A 362 10.23 23.06 1.33
CA SER A 362 10.80 24.07 2.22
C SER A 362 10.32 25.51 2.07
N ALA A 363 10.01 25.93 0.85
CA ALA A 363 9.59 27.30 0.62
C ALA A 363 8.23 27.69 1.15
N CYS A 364 7.36 26.71 1.38
CA CYS A 364 5.99 26.98 1.84
C CYS A 364 5.84 27.93 3.01
N VAL A 365 6.49 27.63 4.12
CA VAL A 365 6.35 28.46 5.30
C VAL A 365 6.77 29.91 5.08
N HIS A 366 7.68 30.16 4.14
CA HIS A 366 8.09 31.53 3.88
C HIS A 366 6.98 32.26 3.11
N PHE A 367 6.32 31.54 2.19
CA PHE A 367 5.21 32.12 1.44
C PHE A 367 4.11 32.47 2.46
N ILE A 368 3.90 31.58 3.43
CA ILE A 368 2.86 31.80 4.43
C ILE A 368 3.19 33.02 5.31
N LEU A 369 4.46 33.18 5.65
CA LEU A 369 4.89 34.34 6.44
C LEU A 369 4.61 35.63 5.66
N ASP A 370 4.86 35.58 4.36
CA ASP A 370 4.63 36.74 3.51
C ASP A 370 3.14 37.06 3.48
N GLN A 371 2.32 36.02 3.31
CA GLN A 371 0.87 36.17 3.28
C GLN A 371 0.37 36.74 4.62
N THR A 372 0.98 36.29 5.72
CA THR A 372 0.59 36.75 7.05
C THR A 372 0.85 38.25 7.25
N ARG A 373 2.05 38.71 6.94
CA ARG A 373 2.35 40.11 7.13
C ARG A 373 1.55 41.00 6.19
N LYS A 374 1.32 40.51 4.97
CA LYS A 374 0.54 41.29 4.00
C LYS A 374 -0.92 41.41 4.41
N ALA A 375 -1.50 40.31 4.87
CA ALA A 375 -2.89 40.32 5.31
C ALA A 375 -3.02 41.25 6.52
N SER A 376 -2.01 41.23 7.38
CA SER A 376 -2.03 42.07 8.58
C SER A 376 -2.04 43.56 8.24
N LEU A 377 -1.14 43.95 7.33
CA LEU A 377 -1.05 45.34 6.91
C LEU A 377 -2.34 45.77 6.22
N GLN A 378 -2.84 44.92 5.34
CA GLN A 378 -4.05 45.22 4.58
C GLN A 378 -5.33 45.22 5.41
N ASN A 379 -5.37 44.45 6.49
CA ASN A 379 -6.55 44.39 7.34
C ASN A 379 -6.49 45.39 8.50
N GLY A 380 -5.47 46.24 8.48
CA GLY A 380 -5.33 47.24 9.54
C GLY A 380 -4.98 46.66 10.90
N CYS A 381 -4.28 45.53 10.92
CA CYS A 381 -3.89 44.91 12.19
C CYS A 381 -2.81 45.72 12.90
N SER A 382 -2.71 45.56 14.21
CA SER A 382 -1.73 46.29 15.01
C SER A 382 -0.31 45.73 14.90
N THR A 383 -0.19 44.51 14.41
CA THR A 383 1.13 43.89 14.24
C THR A 383 1.14 43.08 12.95
N THR A 384 2.34 42.72 12.51
CA THR A 384 2.51 41.93 11.29
C THR A 384 2.06 40.49 11.48
N GLY A 385 1.65 40.17 12.70
CA GLY A 385 1.17 38.83 13.02
C GLY A 385 -0.31 38.84 13.35
N GLU A 386 -1.10 39.45 12.46
CA GLU A 386 -2.54 39.53 12.61
C GLU A 386 -2.95 40.18 13.94
N GLY A 387 -2.12 41.09 14.45
CA GLY A 387 -2.42 41.78 15.69
C GLY A 387 -1.91 41.12 16.95
N LEU A 388 -1.31 39.95 16.82
CA LEU A 388 -0.78 39.23 17.98
C LEU A 388 0.73 39.42 18.09
N GLU A 389 1.25 39.29 19.31
CA GLU A 389 2.68 39.47 19.53
C GLU A 389 3.54 38.27 19.16
N MET A 390 3.16 37.09 19.65
CA MET A 390 3.95 35.89 19.38
C MET A 390 3.31 34.94 18.37
N GLY A 391 4.16 34.13 17.73
CA GLY A 391 3.68 33.18 16.76
C GLY A 391 4.59 31.98 16.68
N VAL A 392 4.13 30.94 16.01
CA VAL A 392 4.91 29.73 15.86
C VAL A 392 4.90 29.29 14.40
N LEU A 393 6.04 28.79 13.95
CA LEU A 393 6.18 28.30 12.59
C LEU A 393 6.69 26.86 12.70
N PHE A 394 6.04 25.96 11.96
CA PHE A 394 6.41 24.55 11.98
C PHE A 394 6.80 24.03 10.61
N GLY A 395 7.87 23.25 10.60
CA GLY A 395 8.31 22.60 9.37
C GLY A 395 8.26 21.12 9.68
N PHE A 396 7.75 20.32 8.74
CA PHE A 396 7.66 18.86 8.92
C PHE A 396 8.34 18.18 7.74
N GLY A 397 8.96 17.03 7.98
CA GLY A 397 9.60 16.33 6.90
C GLY A 397 10.25 15.02 7.31
N PRO A 398 11.12 14.45 6.46
CA PRO A 398 11.83 13.20 6.69
C PRO A 398 12.42 13.05 8.10
N GLY A 399 12.06 11.96 8.77
CA GLY A 399 12.58 11.74 10.12
C GLY A 399 11.80 10.72 10.95
N LEU A 400 10.54 11.02 11.28
CA LEU A 400 9.88 12.27 10.92
C LEU A 400 10.47 13.40 11.77
N THR A 401 10.84 14.49 11.10
CA THR A 401 11.43 15.65 11.77
C THR A 401 10.46 16.82 11.88
N ILE A 402 10.48 17.49 13.03
CA ILE A 402 9.65 18.67 13.27
C ILE A 402 10.54 19.83 13.67
N GLU A 403 10.49 20.92 12.91
CA GLU A 403 11.27 22.12 13.23
C GLU A 403 10.29 23.12 13.86
N THR A 404 10.65 23.65 15.02
CA THR A 404 9.80 24.64 15.68
C THR A 404 10.51 25.98 15.66
N VAL A 405 9.80 27.02 15.26
CA VAL A 405 10.38 28.36 15.25
C VAL A 405 9.43 29.33 15.94
N VAL A 406 9.88 29.92 17.05
CA VAL A 406 9.06 30.89 17.74
C VAL A 406 9.38 32.25 17.15
N LEU A 407 8.34 32.96 16.73
CA LEU A 407 8.50 34.28 16.12
C LEU A 407 7.81 35.36 16.93
N LYS A 408 8.28 36.59 16.75
CA LYS A 408 7.66 37.75 17.39
C LYS A 408 7.32 38.68 16.24
N SER A 409 6.11 39.22 16.25
CA SER A 409 5.70 40.13 15.18
C SER A 409 6.31 41.50 15.44
N VAL A 410 6.02 42.44 14.54
CA VAL A 410 6.52 43.80 14.65
C VAL A 410 5.32 44.73 14.63
N PRO A 411 5.27 45.73 15.52
CA PRO A 411 4.13 46.64 15.53
C PRO A 411 3.96 47.36 14.19
N ILE A 412 2.70 47.62 13.83
CA ILE A 412 2.39 48.33 12.60
C ILE A 412 1.81 49.70 12.96
N PHE B 26 12.69 40.58 26.75
CA PHE B 26 13.42 39.85 25.67
C PHE B 26 14.89 40.24 25.59
N GLU B 27 15.23 41.43 26.07
CA GLU B 27 16.62 41.88 26.05
C GLU B 27 17.42 40.96 26.95
N GLY B 28 16.89 40.70 28.14
CA GLY B 28 17.57 39.82 29.07
C GLY B 28 17.55 38.40 28.54
N PHE B 29 16.53 38.10 27.74
CA PHE B 29 16.39 36.78 27.16
C PHE B 29 17.52 36.51 26.18
N ARG B 30 17.78 37.46 25.28
CA ARG B 30 18.85 37.31 24.30
C ARG B 30 20.19 37.12 24.99
N LYS B 31 20.44 37.89 26.05
CA LYS B 31 21.69 37.80 26.78
C LYS B 31 21.85 36.43 27.45
N LEU B 32 20.76 35.91 27.99
CA LEU B 32 20.77 34.61 28.65
C LEU B 32 20.83 33.49 27.62
N GLN B 33 20.26 33.75 26.45
CA GLN B 33 20.22 32.77 25.38
C GLN B 33 21.57 32.47 24.75
N ARG B 34 22.45 33.48 24.70
CA ARG B 34 23.76 33.30 24.08
C ARG B 34 24.91 32.95 25.02
N ALA B 35 26.00 32.43 24.46
CA ALA B 35 27.17 32.05 25.25
C ALA B 35 28.11 33.24 25.41
N ASP B 36 29.05 33.13 26.33
CA ASP B 36 29.98 34.21 26.62
C ASP B 36 31.28 34.31 25.83
N GLY B 37 32.07 33.24 25.81
CA GLY B 37 33.35 33.27 25.11
C GLY B 37 33.42 32.71 23.70
N PHE B 38 34.64 32.37 23.27
CA PHE B 38 34.87 31.82 21.93
C PHE B 38 34.53 30.36 21.83
N ALA B 39 34.07 29.95 20.65
CA ALA B 39 33.76 28.55 20.38
C ALA B 39 35.12 27.85 20.51
N SER B 40 35.16 26.76 21.26
CA SER B 40 36.40 26.04 21.46
C SER B 40 36.29 24.57 21.11
N ILE B 41 37.37 24.01 20.59
CA ILE B 41 37.38 22.59 20.25
C ILE B 41 37.76 21.91 21.56
N LEU B 42 36.85 21.09 22.07
CA LEU B 42 37.02 20.38 23.33
C LEU B 42 37.45 18.92 23.18
N ALA B 43 37.48 18.43 21.95
CA ALA B 43 37.88 17.04 21.68
C ALA B 43 37.96 16.79 20.18
N ILE B 44 38.82 15.85 19.79
CA ILE B 44 38.96 15.48 18.38
C ILE B 44 39.16 13.97 18.31
N GLY B 45 38.34 13.31 17.49
CA GLY B 45 38.45 11.87 17.31
C GLY B 45 38.46 11.57 15.84
N THR B 46 39.15 10.50 15.43
CA THR B 46 39.20 10.15 14.01
C THR B 46 39.05 8.65 13.80
N ALA B 47 38.73 8.26 12.56
CA ALA B 47 38.56 6.86 12.21
C ALA B 47 38.80 6.64 10.73
N ASN B 48 39.18 5.42 10.37
CA ASN B 48 39.42 5.06 8.97
C ASN B 48 39.06 3.59 8.76
N PRO B 49 38.77 3.21 7.50
CA PRO B 49 38.44 1.80 7.25
C PRO B 49 39.68 0.99 7.64
N PRO B 50 39.51 -0.31 7.92
CA PRO B 50 40.63 -1.18 8.32
C PRO B 50 41.65 -1.50 7.21
N ASN B 51 41.23 -1.43 5.97
CA ASN B 51 42.10 -1.75 4.84
C ASN B 51 43.10 -0.66 4.47
N ALA B 52 44.37 -0.91 4.76
CA ALA B 52 45.43 0.04 4.44
C ALA B 52 45.93 -0.30 3.04
N VAL B 53 45.91 0.69 2.16
CA VAL B 53 46.35 0.50 0.78
C VAL B 53 47.70 1.17 0.51
N ASP B 54 48.71 0.34 0.26
CA ASP B 54 50.07 0.80 -0.01
C ASP B 54 50.12 1.52 -1.37
N GLN B 55 50.64 2.74 -1.39
CA GLN B 55 50.72 3.50 -2.62
C GLN B 55 51.72 2.92 -3.59
N SER B 56 52.79 2.33 -3.06
CA SER B 56 53.84 1.75 -3.90
C SER B 56 53.35 0.64 -4.82
N THR B 57 52.30 -0.05 -4.42
CA THR B 57 51.76 -1.15 -5.23
C THR B 57 50.39 -0.84 -5.82
N TYR B 58 49.90 0.38 -5.63
CA TYR B 58 48.57 0.72 -6.14
C TYR B 58 48.40 0.71 -7.65
N PRO B 59 49.37 1.25 -8.40
CA PRO B 59 49.20 1.24 -9.86
C PRO B 59 48.89 -0.15 -10.42
N ASP B 60 49.65 -1.15 -9.99
CA ASP B 60 49.43 -2.51 -10.49
C ASP B 60 48.06 -3.03 -10.09
N PHE B 61 47.68 -2.80 -8.82
CA PHE B 61 46.38 -3.25 -8.34
C PHE B 61 45.23 -2.55 -9.04
N TYR B 62 45.30 -1.23 -9.11
CA TYR B 62 44.27 -0.41 -9.73
C TYR B 62 44.04 -0.76 -11.20
N PHE B 63 45.13 -0.89 -11.97
CA PHE B 63 44.95 -1.23 -13.38
C PHE B 63 44.51 -2.67 -13.60
N ARG B 64 44.86 -3.54 -12.66
CA ARG B 64 44.46 -4.94 -12.76
C ARG B 64 42.97 -5.09 -12.47
N ILE B 65 42.53 -4.58 -11.33
CA ILE B 65 41.13 -4.69 -10.93
C ILE B 65 40.17 -3.96 -11.88
N THR B 66 40.66 -2.98 -12.63
CA THR B 66 39.80 -2.25 -13.57
C THR B 66 39.97 -2.74 -15.01
N GLY B 67 40.78 -3.79 -15.18
CA GLY B 67 41.01 -4.34 -16.50
C GLY B 67 41.71 -3.44 -17.49
N ASN B 68 42.66 -2.64 -17.01
CA ASN B 68 43.40 -1.72 -17.87
C ASN B 68 44.88 -2.08 -18.04
N GLU B 69 45.23 -3.31 -17.71
CA GLU B 69 46.60 -3.78 -17.82
C GLU B 69 47.22 -3.54 -19.20
N HIS B 70 46.39 -3.59 -20.25
CA HIS B 70 46.87 -3.41 -21.61
C HIS B 70 47.19 -1.96 -21.97
N ASN B 71 46.62 -1.01 -21.23
CA ASN B 71 46.86 0.41 -21.50
C ASN B 71 48.15 0.85 -20.83
N THR B 72 49.28 0.47 -21.44
CA THR B 72 50.60 0.78 -20.92
C THR B 72 50.94 2.26 -20.71
N GLU B 73 50.59 3.12 -21.67
CA GLU B 73 50.88 4.54 -21.53
C GLU B 73 50.09 5.15 -20.36
N LEU B 74 48.82 4.80 -20.28
CA LEU B 74 47.97 5.31 -19.21
C LEU B 74 48.49 4.81 -17.86
N LYS B 75 48.91 3.55 -17.81
CA LYS B 75 49.42 3.00 -16.56
C LYS B 75 50.72 3.71 -16.16
N ASP B 76 51.58 3.97 -17.14
CA ASP B 76 52.85 4.65 -16.86
C ASP B 76 52.60 6.04 -16.28
N LYS B 77 51.62 6.74 -16.84
CA LYS B 77 51.28 8.08 -16.36
C LYS B 77 50.81 8.00 -14.91
N PHE B 78 49.97 7.02 -14.61
CA PHE B 78 49.45 6.85 -13.26
C PHE B 78 50.56 6.47 -12.28
N LYS B 79 51.49 5.65 -12.72
CA LYS B 79 52.60 5.24 -11.85
C LYS B 79 53.38 6.47 -11.41
N ARG B 80 53.64 7.37 -12.33
CA ARG B 80 54.40 8.58 -11.99
C ARG B 80 53.60 9.46 -11.05
N ILE B 81 52.29 9.53 -11.28
CA ILE B 81 51.43 10.34 -10.41
C ILE B 81 51.51 9.80 -8.98
N CYS B 82 51.39 8.48 -8.83
CA CYS B 82 51.47 7.88 -7.50
C CYS B 82 52.84 8.06 -6.86
N GLU B 83 53.89 7.93 -7.67
CA GLU B 83 55.25 8.05 -7.18
C GLU B 83 55.61 9.45 -6.71
N ARG B 84 54.93 10.47 -7.24
CA ARG B 84 55.21 11.85 -6.86
C ARG B 84 54.14 12.43 -5.95
N SER B 85 53.16 11.61 -5.58
CA SER B 85 52.05 12.05 -4.73
C SER B 85 52.39 12.38 -3.29
N ALA B 86 53.52 11.89 -2.79
CA ALA B 86 53.91 12.13 -1.40
C ALA B 86 52.89 11.50 -0.45
N ILE B 87 52.25 10.44 -0.93
CA ILE B 87 51.27 9.68 -0.14
C ILE B 87 51.85 8.27 -0.05
N LYS B 88 52.03 7.78 1.17
CA LYS B 88 52.57 6.44 1.38
C LYS B 88 51.46 5.40 1.40
N GLN B 89 50.32 5.78 1.95
CA GLN B 89 49.19 4.87 2.02
C GLN B 89 47.87 5.61 2.23
N ARG B 90 46.79 4.90 1.97
CA ARG B 90 45.44 5.40 2.14
C ARG B 90 44.59 4.27 2.67
N TYR B 91 43.57 4.60 3.45
CA TYR B 91 42.67 3.58 3.97
C TYR B 91 41.46 3.59 3.06
N MET B 92 41.03 2.41 2.63
CA MET B 92 39.90 2.31 1.72
C MET B 92 38.85 1.28 2.08
N TYR B 93 37.60 1.72 2.11
CA TYR B 93 36.49 0.82 2.38
C TYR B 93 36.46 -0.23 1.26
N LEU B 94 36.67 0.21 0.03
CA LEU B 94 36.67 -0.70 -1.11
C LEU B 94 37.87 -1.64 -1.09
N THR B 95 37.58 -2.94 -1.07
CA THR B 95 38.61 -3.96 -1.06
C THR B 95 38.50 -4.75 -2.36
N GLU B 96 39.48 -5.59 -2.65
CA GLU B 96 39.42 -6.37 -3.88
C GLU B 96 38.15 -7.22 -3.85
N GLU B 97 37.81 -7.75 -2.68
CA GLU B 97 36.62 -8.59 -2.54
C GLU B 97 35.35 -7.82 -2.89
N ILE B 98 35.17 -6.65 -2.29
CA ILE B 98 34.00 -5.84 -2.57
C ILE B 98 33.97 -5.42 -4.04
N LEU B 99 35.13 -5.07 -4.59
CA LEU B 99 35.20 -4.65 -5.99
C LEU B 99 34.89 -5.81 -6.92
N LYS B 100 35.26 -7.03 -6.50
CA LYS B 100 35.00 -8.21 -7.32
C LYS B 100 33.50 -8.48 -7.36
N LYS B 101 32.80 -8.12 -6.30
CA LYS B 101 31.36 -8.33 -6.23
C LYS B 101 30.60 -7.15 -6.83
N ASN B 102 31.33 -6.12 -7.24
CA ASN B 102 30.72 -4.93 -7.83
C ASN B 102 31.51 -4.47 -9.06
N PRO B 103 31.49 -5.28 -10.13
CA PRO B 103 32.20 -4.95 -11.37
C PRO B 103 31.76 -3.63 -11.99
N ASP B 104 30.53 -3.21 -11.70
CA ASP B 104 30.00 -1.97 -12.24
C ASP B 104 30.80 -0.77 -11.72
N VAL B 105 31.30 -0.89 -10.50
CA VAL B 105 32.09 0.16 -9.88
C VAL B 105 33.50 0.25 -10.46
N CYS B 106 33.96 -0.83 -11.08
CA CYS B 106 35.30 -0.86 -11.66
C CYS B 106 35.36 -0.24 -13.06
N ALA B 107 34.22 -0.18 -13.73
CA ALA B 107 34.16 0.40 -15.06
C ALA B 107 34.36 1.91 -14.95
N PHE B 108 34.48 2.58 -16.08
CA PHE B 108 34.65 4.03 -16.08
C PHE B 108 33.25 4.66 -16.11
N VAL B 109 32.60 4.59 -17.27
CA VAL B 109 31.25 5.14 -17.41
C VAL B 109 30.43 4.31 -18.39
N GLU B 110 30.90 3.11 -18.70
CA GLU B 110 30.21 2.24 -19.64
C GLU B 110 28.86 1.75 -19.13
N VAL B 111 28.75 1.60 -17.82
CA VAL B 111 27.52 1.14 -17.22
C VAL B 111 27.18 1.94 -15.97
N PRO B 112 25.90 1.97 -15.58
CA PRO B 112 25.45 2.70 -14.39
C PRO B 112 26.00 2.04 -13.13
N SER B 113 26.25 2.85 -12.09
CA SER B 113 26.77 2.29 -10.84
C SER B 113 26.33 3.10 -9.63
N LEU B 114 25.54 4.15 -9.86
CA LEU B 114 25.10 4.98 -8.74
C LEU B 114 24.37 4.20 -7.65
N ASP B 115 23.36 3.42 -8.03
CA ASP B 115 22.59 2.67 -7.03
C ASP B 115 23.46 1.78 -6.13
N ALA B 116 24.43 1.10 -6.72
CA ALA B 116 25.31 0.24 -5.95
C ALA B 116 26.13 1.07 -4.96
N ARG B 117 26.61 2.21 -5.43
CA ARG B 117 27.40 3.12 -4.61
C ARG B 117 26.59 3.70 -3.46
N GLN B 118 25.33 4.04 -3.73
CA GLN B 118 24.46 4.59 -2.71
C GLN B 118 24.28 3.60 -1.56
N ALA B 119 24.17 2.32 -1.89
CA ALA B 119 24.01 1.28 -0.89
C ALA B 119 25.26 1.21 -0.01
N MET B 120 26.43 1.34 -0.63
CA MET B 120 27.69 1.32 0.10
C MET B 120 27.76 2.53 1.02
N LEU B 121 27.43 3.69 0.48
CA LEU B 121 27.49 4.93 1.24
C LEU B 121 26.55 4.94 2.43
N ALA B 122 25.35 4.40 2.23
CA ALA B 122 24.34 4.35 3.29
C ALA B 122 24.87 3.63 4.51
N MET B 123 25.74 2.66 4.30
CA MET B 123 26.33 1.89 5.39
C MET B 123 27.65 2.46 5.91
N GLU B 124 28.60 2.66 5.00
CA GLU B 124 29.94 3.11 5.38
C GLU B 124 30.12 4.53 5.93
N VAL B 125 29.46 5.51 5.34
CA VAL B 125 29.63 6.87 5.84
C VAL B 125 29.19 6.97 7.31
N PRO B 126 28.01 6.45 7.65
CA PRO B 126 27.60 6.54 9.06
C PRO B 126 28.47 5.68 9.98
N ARG B 127 28.93 4.53 9.47
CA ARG B 127 29.77 3.66 10.28
C ARG B 127 31.07 4.35 10.69
N LEU B 128 31.76 4.96 9.73
CA LEU B 128 33.00 5.65 10.04
C LEU B 128 32.72 6.84 10.93
N ALA B 129 31.60 7.54 10.67
CA ALA B 129 31.24 8.70 11.46
C ALA B 129 31.04 8.31 12.92
N LYS B 130 30.35 7.20 13.14
CA LYS B 130 30.09 6.73 14.49
C LYS B 130 31.40 6.42 15.22
N GLU B 131 32.32 5.77 14.52
CA GLU B 131 33.60 5.41 15.12
C GLU B 131 34.37 6.65 15.58
N ALA B 132 34.45 7.65 14.70
CA ALA B 132 35.15 8.88 15.03
C ALA B 132 34.47 9.62 16.18
N ALA B 133 33.15 9.71 16.11
CA ALA B 133 32.37 10.42 17.13
C ALA B 133 32.48 9.76 18.50
N GLU B 134 32.48 8.43 18.54
CA GLU B 134 32.60 7.75 19.82
C GLU B 134 33.93 8.10 20.49
N LYS B 135 34.99 8.19 19.69
CA LYS B 135 36.30 8.53 20.23
C LYS B 135 36.34 9.97 20.71
N ALA B 136 35.69 10.87 19.98
CA ALA B 136 35.68 12.27 20.39
C ALA B 136 34.92 12.42 21.70
N ILE B 137 33.81 11.71 21.81
CA ILE B 137 32.97 11.76 23.00
C ILE B 137 33.72 11.17 24.19
N GLN B 138 34.51 10.13 23.95
CA GLN B 138 35.30 9.52 25.03
C GLN B 138 36.29 10.54 25.57
N GLU B 139 36.99 11.23 24.66
CA GLU B 139 37.98 12.23 25.06
C GLU B 139 37.31 13.33 25.87
N TRP B 140 36.20 13.84 25.33
CA TRP B 140 35.44 14.90 25.97
C TRP B 140 35.10 14.47 27.40
N GLY B 141 34.73 13.20 27.55
CA GLY B 141 34.43 12.65 28.87
C GLY B 141 33.08 12.95 29.47
N GLN B 142 32.24 13.70 28.77
CA GLN B 142 30.93 14.05 29.27
C GLN B 142 29.84 13.18 28.66
N SER B 143 28.63 13.26 29.21
CA SER B 143 27.51 12.47 28.69
C SER B 143 27.10 12.96 27.32
N LYS B 144 26.76 12.05 26.42
CA LYS B 144 26.33 12.45 25.09
C LYS B 144 24.97 13.13 25.17
N SER B 145 24.35 13.07 26.35
CA SER B 145 23.06 13.71 26.55
C SER B 145 23.28 15.22 26.55
N GLY B 146 24.54 15.62 26.70
CA GLY B 146 24.88 17.03 26.72
C GLY B 146 25.07 17.60 25.32
N ILE B 147 25.09 16.73 24.33
CA ILE B 147 25.24 17.17 22.94
C ILE B 147 23.92 17.78 22.49
N THR B 148 23.98 19.05 22.08
CA THR B 148 22.79 19.80 21.67
C THR B 148 22.63 19.99 20.18
N HIS B 149 23.74 19.93 19.45
CA HIS B 149 23.70 20.13 18.01
C HIS B 149 24.61 19.13 17.31
N LEU B 150 24.32 18.88 16.04
CA LEU B 150 25.13 17.99 15.24
C LEU B 150 25.29 18.60 13.85
N ILE B 151 26.54 18.80 13.44
CA ILE B 151 26.82 19.31 12.10
C ILE B 151 27.50 18.12 11.44
N PHE B 152 26.87 17.57 10.41
CA PHE B 152 27.43 16.40 9.74
C PHE B 152 27.74 16.69 8.29
N CYS B 153 28.96 16.36 7.88
CA CYS B 153 29.42 16.61 6.52
C CYS B 153 29.94 15.39 5.76
N SER B 154 29.51 15.27 4.50
CA SER B 154 30.00 14.20 3.61
C SER B 154 29.81 14.70 2.19
N THR B 155 30.72 14.32 1.30
CA THR B 155 30.63 14.78 -0.08
C THR B 155 29.24 14.57 -0.65
N THR B 156 28.64 13.42 -0.38
CA THR B 156 27.27 13.16 -0.84
C THR B 156 26.54 12.36 0.22
N THR B 157 25.23 12.26 0.08
CA THR B 157 24.42 11.45 0.98
C THR B 157 23.38 10.85 0.04
N PRO B 158 23.07 9.56 0.21
CA PRO B 158 22.11 8.86 -0.64
C PRO B 158 20.62 9.09 -0.57
N ASP B 159 20.11 9.36 0.61
CA ASP B 159 18.67 9.50 0.78
C ASP B 159 18.26 10.73 1.56
N LEU B 160 16.98 10.71 1.94
CA LEU B 160 16.38 11.71 2.80
C LEU B 160 15.62 10.79 3.75
N PRO B 161 15.91 10.86 5.06
CA PRO B 161 16.88 11.73 5.74
C PRO B 161 18.32 11.58 5.29
N GLY B 162 19.10 12.64 5.49
CA GLY B 162 20.51 12.62 5.16
C GLY B 162 21.24 11.79 6.21
N ALA B 163 22.53 11.55 5.99
CA ALA B 163 23.32 10.76 6.92
C ALA B 163 23.37 11.33 8.34
N ASP B 164 23.11 12.62 8.50
CA ASP B 164 23.13 13.21 9.83
C ASP B 164 22.09 12.51 10.72
N PHE B 165 20.96 12.14 10.12
CA PHE B 165 19.90 11.46 10.86
C PHE B 165 20.38 10.08 11.30
N GLU B 166 20.96 9.34 10.36
CA GLU B 166 21.44 8.00 10.64
C GLU B 166 22.54 7.97 11.70
N VAL B 167 23.47 8.92 11.61
CA VAL B 167 24.57 8.99 12.57
C VAL B 167 24.05 9.29 13.98
N ALA B 168 23.13 10.24 14.07
CA ALA B 168 22.57 10.61 15.38
C ALA B 168 21.89 9.37 15.97
N LYS B 169 21.21 8.61 15.12
CA LYS B 169 20.53 7.39 15.55
C LYS B 169 21.53 6.35 16.06
N LEU B 170 22.59 6.10 15.28
CA LEU B 170 23.61 5.13 15.70
C LEU B 170 24.29 5.51 17.01
N LEU B 171 24.45 6.81 17.24
CA LEU B 171 25.11 7.32 18.44
C LEU B 171 24.18 7.40 19.64
N GLY B 172 22.89 7.20 19.41
CA GLY B 172 21.93 7.28 20.50
C GLY B 172 21.76 8.68 21.04
N LEU B 173 21.88 9.68 20.18
CA LEU B 173 21.72 11.07 20.61
C LEU B 173 20.25 11.34 20.90
N HIS B 174 20.00 12.38 21.70
CA HIS B 174 18.63 12.75 22.04
C HIS B 174 17.91 13.14 20.78
N PRO B 175 16.60 12.85 20.69
CA PRO B 175 15.79 13.18 19.51
C PRO B 175 15.79 14.68 19.21
N SER B 176 15.96 15.50 20.25
CA SER B 176 15.96 16.96 20.09
C SER B 176 17.30 17.58 19.70
N VAL B 177 18.29 16.75 19.39
CA VAL B 177 19.56 17.33 18.97
C VAL B 177 19.30 18.04 17.64
N LYS B 178 19.75 19.27 17.53
CA LYS B 178 19.55 20.08 16.33
C LYS B 178 20.59 19.75 15.28
N ARG B 179 20.13 19.21 14.16
CA ARG B 179 20.99 18.75 13.08
C ARG B 179 21.07 19.64 11.84
N VAL B 180 22.25 19.65 11.23
CA VAL B 180 22.49 20.37 9.97
C VAL B 180 23.41 19.46 9.17
N GLY B 181 22.98 19.09 7.96
CA GLY B 181 23.78 18.25 7.09
C GLY B 181 24.46 19.13 6.05
N VAL B 182 25.75 18.90 5.82
CA VAL B 182 26.53 19.67 4.86
C VAL B 182 26.96 18.72 3.74
N PHE B 183 26.18 18.70 2.67
CA PHE B 183 26.43 17.80 1.55
C PHE B 183 26.79 18.51 0.26
N GLN B 184 27.60 17.82 -0.55
CA GLN B 184 28.05 18.34 -1.82
C GLN B 184 28.75 19.70 -1.76
N HIS B 185 29.47 19.92 -0.67
CA HIS B 185 30.28 21.13 -0.53
C HIS B 185 31.67 20.70 -0.99
N GLY B 186 32.15 19.59 -0.47
CA GLY B 186 33.44 19.10 -0.93
C GLY B 186 34.63 19.28 0.00
N CYS B 187 35.81 19.30 -0.61
CA CYS B 187 37.05 19.38 0.14
C CYS B 187 37.30 20.57 1.04
N PHE B 188 36.59 21.67 0.85
CA PHE B 188 36.82 22.83 1.70
C PHE B 188 35.95 22.79 2.96
N ALA B 189 35.00 21.86 2.99
CA ALA B 189 34.05 21.76 4.11
C ALA B 189 34.61 21.51 5.51
N GLY B 190 35.89 21.12 5.59
CA GLY B 190 36.49 20.91 6.90
C GLY B 190 36.55 22.27 7.56
N GLY B 191 36.68 23.31 6.76
CA GLY B 191 36.71 24.66 7.27
C GLY B 191 35.28 25.12 7.47
N THR B 192 34.43 24.80 6.49
CA THR B 192 33.02 25.18 6.57
C THR B 192 32.36 24.74 7.86
N VAL B 193 32.56 23.49 8.27
CA VAL B 193 31.91 23.04 9.49
C VAL B 193 32.39 23.77 10.74
N LEU B 194 33.63 24.27 10.72
CA LEU B 194 34.15 25.00 11.87
C LEU B 194 33.52 26.40 11.88
N ARG B 195 33.38 26.99 10.69
CA ARG B 195 32.77 28.31 10.55
C ARG B 195 31.32 28.22 11.08
N MET B 196 30.65 27.13 10.77
CA MET B 196 29.27 26.92 11.22
C MET B 196 29.22 26.63 12.72
N ALA B 197 30.12 25.76 13.19
CA ALA B 197 30.14 25.40 14.60
C ALA B 197 30.37 26.61 15.49
N LYS B 198 31.21 27.54 15.05
CA LYS B 198 31.50 28.74 15.82
C LYS B 198 30.23 29.51 16.16
N ASP B 199 29.39 29.76 15.16
CA ASP B 199 28.16 30.52 15.39
C ASP B 199 27.14 29.76 16.24
N LEU B 200 27.05 28.44 16.04
CA LEU B 200 26.13 27.63 16.82
C LEU B 200 26.55 27.59 18.29
N ALA B 201 27.84 27.39 18.52
CA ALA B 201 28.35 27.32 19.89
C ALA B 201 28.29 28.65 20.62
N GLU B 202 28.66 29.72 19.92
CA GLU B 202 28.70 31.04 20.54
C GLU B 202 27.34 31.69 20.74
N ASN B 203 26.38 31.38 19.89
CA ASN B 203 25.07 32.01 20.04
C ASN B 203 24.08 31.21 20.90
N ASN B 204 24.53 30.10 21.46
CA ASN B 204 23.68 29.26 22.28
C ASN B 204 24.37 28.85 23.56
N ARG B 205 23.97 29.47 24.67
CA ARG B 205 24.56 29.17 25.96
C ARG B 205 24.44 27.69 26.31
N GLY B 206 25.57 27.09 26.67
CA GLY B 206 25.59 25.68 27.05
C GLY B 206 25.65 24.70 25.88
N ALA B 207 25.55 25.21 24.67
CA ALA B 207 25.59 24.34 23.50
C ALA B 207 26.89 23.59 23.35
N ARG B 208 26.77 22.31 23.01
CA ARG B 208 27.93 21.45 22.75
C ARG B 208 27.60 20.83 21.40
N VAL B 209 28.38 21.22 20.41
CA VAL B 209 28.18 20.79 19.03
C VAL B 209 29.09 19.65 18.59
N LEU B 210 28.48 18.55 18.15
CA LEU B 210 29.26 17.42 17.65
C LEU B 210 29.41 17.74 16.16
N VAL B 211 30.64 17.80 15.69
CA VAL B 211 30.95 18.13 14.28
C VAL B 211 31.60 16.90 13.67
N ILE B 212 31.02 16.39 12.59
CA ILE B 212 31.58 15.19 11.97
C ILE B 212 31.75 15.33 10.47
N CYS B 213 32.89 14.85 9.97
CA CYS B 213 33.18 14.81 8.55
C CYS B 213 33.49 13.36 8.26
N SER B 214 32.76 12.75 7.31
CA SER B 214 32.97 11.34 6.98
C SER B 214 32.99 11.19 5.47
N GLU B 215 34.11 10.69 4.95
CA GLU B 215 34.29 10.56 3.51
C GLU B 215 34.81 9.19 3.09
N THR B 216 34.35 8.72 1.94
CA THR B 216 34.79 7.45 1.39
C THR B 216 34.81 7.47 -0.13
N THR B 217 35.85 6.86 -0.71
CA THR B 217 35.97 6.81 -2.16
C THR B 217 35.01 5.81 -2.81
N ALA B 218 34.12 5.22 -2.02
CA ALA B 218 33.15 4.30 -2.58
C ALA B 218 32.34 5.07 -3.63
N VAL B 219 32.23 6.38 -3.46
CA VAL B 219 31.45 7.21 -4.36
C VAL B 219 32.24 7.75 -5.55
N THR B 220 33.56 7.78 -5.44
CA THR B 220 34.40 8.31 -6.51
C THR B 220 35.25 7.29 -7.27
N PHE B 221 35.55 6.17 -6.65
CA PHE B 221 36.38 5.17 -7.33
C PHE B 221 35.78 4.68 -8.64
N ARG B 222 36.62 4.63 -9.68
CA ARG B 222 36.20 4.12 -10.99
C ARG B 222 37.45 3.88 -11.82
N GLY B 223 37.29 3.19 -12.94
CA GLY B 223 38.45 2.91 -13.78
C GLY B 223 39.02 4.14 -14.44
N PRO B 224 40.30 4.11 -14.82
CA PRO B 224 40.96 5.25 -15.47
C PRO B 224 40.51 5.40 -16.93
N SER B 225 40.72 6.59 -17.48
CA SER B 225 40.31 6.84 -18.86
C SER B 225 41.16 7.88 -19.58
N GLU B 226 41.64 7.52 -20.77
CA GLU B 226 42.47 8.42 -21.56
C GLU B 226 41.69 9.66 -21.97
N THR B 227 40.37 9.52 -22.08
CA THR B 227 39.52 10.64 -22.47
C THR B 227 39.15 11.55 -21.31
N HIS B 228 39.59 11.19 -20.11
CA HIS B 228 39.32 11.99 -18.93
C HIS B 228 40.51 11.99 -17.99
N LEU B 229 41.62 12.54 -18.50
CA LEU B 229 42.84 12.60 -17.73
C LEU B 229 42.72 13.56 -16.55
N ASP B 230 41.77 14.48 -16.62
CA ASP B 230 41.56 15.43 -15.53
C ASP B 230 40.83 14.74 -14.37
N SER B 231 40.60 13.44 -14.52
CA SER B 231 39.94 12.64 -13.48
C SER B 231 40.87 11.54 -12.98
N LEU B 232 42.08 11.49 -13.51
CA LEU B 232 43.03 10.45 -13.14
C LEU B 232 43.76 10.65 -11.81
N VAL B 233 44.27 11.85 -11.59
CA VAL B 233 45.01 12.15 -10.36
C VAL B 233 44.19 11.83 -9.12
N GLY B 234 42.90 12.14 -9.15
CA GLY B 234 42.05 11.85 -8.01
C GLY B 234 42.10 10.41 -7.55
N GLN B 235 42.19 9.47 -8.49
CA GLN B 235 42.24 8.07 -8.13
C GLN B 235 43.52 7.70 -7.37
N ALA B 236 44.53 8.56 -7.46
CA ALA B 236 45.79 8.34 -6.77
C ALA B 236 45.86 9.05 -5.43
N LEU B 237 45.02 10.06 -5.25
CA LEU B 237 45.07 10.84 -4.03
C LEU B 237 43.97 10.65 -3.00
N PHE B 238 42.74 10.45 -3.46
CA PHE B 238 41.60 10.31 -2.54
C PHE B 238 41.60 9.07 -1.66
N GLY B 239 41.36 9.29 -0.37
CA GLY B 239 41.33 8.22 0.62
C GLY B 239 40.11 8.35 1.53
N ASP B 240 39.92 7.38 2.42
CA ASP B 240 38.75 7.37 3.31
C ASP B 240 39.08 7.74 4.74
N GLY B 241 38.11 8.35 5.42
CA GLY B 241 38.32 8.72 6.80
C GLY B 241 37.18 9.56 7.35
N ALA B 242 37.10 9.64 8.67
CA ALA B 242 36.08 10.45 9.33
C ALA B 242 36.71 11.15 10.52
N SER B 243 36.27 12.37 10.76
CA SER B 243 36.77 13.15 11.88
C SER B 243 35.57 13.58 12.71
N ALA B 244 35.79 13.82 13.99
CA ALA B 244 34.70 14.27 14.85
C ALA B 244 35.27 15.21 15.90
N LEU B 245 34.57 16.29 16.14
CA LEU B 245 35.00 17.24 17.15
C LEU B 245 33.82 17.60 18.02
N ILE B 246 34.13 18.07 19.23
CA ILE B 246 33.10 18.57 20.14
C ILE B 246 33.49 20.03 20.22
N VAL B 247 32.56 20.92 19.86
CA VAL B 247 32.83 22.35 19.91
C VAL B 247 31.84 23.00 20.87
N GLY B 248 32.36 23.87 21.73
CA GLY B 248 31.51 24.55 22.68
C GLY B 248 32.19 25.76 23.25
N ALA B 249 31.39 26.75 23.65
CA ALA B 249 31.92 27.96 24.25
C ALA B 249 31.82 27.78 25.77
N ASP B 250 32.63 28.53 26.51
CA ASP B 250 32.63 28.49 27.96
C ASP B 250 32.90 27.09 28.54
N PRO B 251 34.08 26.53 28.27
CA PRO B 251 34.38 25.19 28.80
C PRO B 251 34.36 25.17 30.32
N ILE B 252 33.82 24.10 30.90
CA ILE B 252 33.75 23.96 32.34
C ILE B 252 35.15 23.77 32.92
N PRO B 253 35.60 24.71 33.78
CA PRO B 253 36.92 24.64 34.39
C PRO B 253 37.24 23.30 35.04
N GLN B 254 38.45 22.82 34.81
CA GLN B 254 38.92 21.55 35.36
C GLN B 254 38.03 20.35 35.00
N VAL B 255 37.10 20.54 34.07
CA VAL B 255 36.22 19.45 33.64
C VAL B 255 36.42 19.22 32.14
N GLU B 256 36.17 20.26 31.36
CA GLU B 256 36.38 20.16 29.92
C GLU B 256 37.73 20.80 29.64
N LYS B 257 38.34 20.48 28.50
CA LYS B 257 39.63 21.04 28.15
C LYS B 257 39.65 21.42 26.68
N ALA B 258 39.91 22.69 26.40
CA ALA B 258 39.97 23.15 25.03
C ALA B 258 41.39 23.04 24.49
N CYS B 259 41.51 22.75 23.20
CA CYS B 259 42.83 22.68 22.57
C CYS B 259 42.98 23.83 21.58
N PHE B 260 41.86 24.38 21.12
CA PHE B 260 41.86 25.50 20.18
C PHE B 260 40.58 26.33 20.30
N GLU B 261 40.68 27.62 19.96
CA GLU B 261 39.50 28.49 19.96
C GLU B 261 39.32 28.93 18.50
N ILE B 262 38.07 29.00 18.05
CA ILE B 262 37.78 29.43 16.67
C ILE B 262 37.50 30.92 16.75
N VAL B 263 38.49 31.71 16.37
CA VAL B 263 38.42 33.16 16.45
C VAL B 263 37.70 33.93 15.37
N TRP B 264 38.04 33.65 14.12
CA TRP B 264 37.49 34.39 12.99
C TRP B 264 37.49 33.49 11.75
N THR B 265 36.52 33.67 10.87
CA THR B 265 36.45 32.86 9.66
C THR B 265 36.08 33.68 8.43
N ALA B 266 36.37 33.12 7.26
CA ALA B 266 36.05 33.76 6.00
C ALA B 266 35.95 32.70 4.92
N GLN B 267 35.23 33.02 3.85
CA GLN B 267 35.10 32.10 2.73
C GLN B 267 35.15 32.97 1.48
N THR B 268 35.88 32.54 0.47
CA THR B 268 35.92 33.33 -0.75
C THR B 268 36.09 32.43 -1.95
N VAL B 269 35.79 32.98 -3.12
CA VAL B 269 35.89 32.24 -4.37
C VAL B 269 36.95 32.89 -5.24
N VAL B 270 37.83 32.08 -5.80
CA VAL B 270 38.89 32.56 -6.68
C VAL B 270 38.23 32.87 -8.05
N PRO B 271 38.50 34.06 -8.59
CA PRO B 271 37.96 34.52 -9.87
C PRO B 271 38.13 33.55 -11.03
N ASN B 272 37.06 33.42 -11.83
CA ASN B 272 37.04 32.55 -13.02
C ASN B 272 37.75 31.21 -12.85
N SER B 273 37.29 30.41 -11.89
CA SER B 273 37.91 29.11 -11.66
C SER B 273 36.88 28.03 -11.38
N GLU B 274 35.66 28.25 -11.87
CA GLU B 274 34.58 27.30 -11.66
C GLU B 274 34.90 25.85 -12.02
N GLY B 275 35.51 25.65 -13.19
CA GLY B 275 35.83 24.28 -13.60
C GLY B 275 37.13 23.71 -13.06
N ALA B 276 37.83 24.46 -12.20
CA ALA B 276 39.10 23.97 -11.66
C ALA B 276 38.92 22.71 -10.80
N ILE B 277 37.88 22.72 -9.97
CA ILE B 277 37.58 21.57 -9.12
C ILE B 277 36.07 21.40 -9.14
N GLY B 278 35.60 20.24 -9.55
CA GLY B 278 34.17 20.02 -9.59
C GLY B 278 33.77 18.56 -9.69
N GLY B 279 32.49 18.30 -9.51
CA GLY B 279 31.99 16.94 -9.58
C GLY B 279 30.54 16.96 -9.98
N LYS B 280 30.04 15.80 -10.44
CA LYS B 280 28.66 15.69 -10.86
C LYS B 280 28.09 14.36 -10.38
N VAL B 281 26.89 14.39 -9.80
CA VAL B 281 26.24 13.17 -9.34
C VAL B 281 25.37 12.74 -10.50
N ARG B 282 25.73 11.61 -11.12
CA ARG B 282 25.00 11.11 -12.27
C ARG B 282 24.75 9.60 -12.16
N GLU B 283 24.18 9.02 -13.20
CA GLU B 283 23.87 7.59 -13.18
C GLU B 283 25.09 6.69 -13.03
N VAL B 284 26.27 7.19 -13.41
CA VAL B 284 27.50 6.42 -13.28
C VAL B 284 28.16 6.71 -11.94
N GLY B 285 27.45 7.42 -11.08
CA GLY B 285 28.00 7.77 -9.78
C GLY B 285 28.52 9.20 -9.80
N LEU B 286 29.35 9.54 -8.82
CA LEU B 286 29.93 10.88 -8.75
C LEU B 286 31.21 10.95 -9.56
N THR B 287 31.21 11.78 -10.60
CA THR B 287 32.40 11.95 -11.41
C THR B 287 33.05 13.25 -10.97
N PHE B 288 34.35 13.41 -11.19
CA PHE B 288 35.01 14.62 -10.78
C PHE B 288 36.12 15.03 -11.74
N GLN B 289 36.56 16.28 -11.62
CA GLN B 289 37.62 16.81 -12.46
C GLN B 289 38.47 17.76 -11.64
N LEU B 290 39.79 17.67 -11.84
CA LEU B 290 40.74 18.52 -11.14
C LEU B 290 41.68 19.07 -12.21
N LYS B 291 41.71 20.39 -12.38
CA LYS B 291 42.57 20.99 -13.38
C LYS B 291 43.99 21.20 -12.85
N GLY B 292 44.97 21.13 -13.74
CA GLY B 292 46.35 21.32 -13.30
C GLY B 292 46.64 22.71 -12.79
N ALA B 293 45.77 23.66 -13.07
CA ALA B 293 45.96 25.03 -12.63
C ALA B 293 45.66 25.28 -11.16
N VAL B 294 45.04 24.31 -10.50
CA VAL B 294 44.69 24.48 -9.08
C VAL B 294 45.81 25.00 -8.17
N PRO B 295 47.01 24.40 -8.24
CA PRO B 295 48.09 24.90 -7.38
C PRO B 295 48.38 26.39 -7.57
N ASP B 296 48.44 26.81 -8.83
CA ASP B 296 48.70 28.20 -9.16
C ASP B 296 47.57 29.12 -8.69
N LEU B 297 46.33 28.70 -8.95
CA LEU B 297 45.18 29.50 -8.56
C LEU B 297 45.16 29.72 -7.05
N ILE B 298 45.43 28.67 -6.29
CA ILE B 298 45.44 28.78 -4.84
C ILE B 298 46.56 29.69 -4.34
N SER B 299 47.78 29.43 -4.78
CA SER B 299 48.91 30.24 -4.34
C SER B 299 48.82 31.71 -4.74
N ALA B 300 48.16 32.00 -5.86
CA ALA B 300 48.04 33.37 -6.33
C ALA B 300 46.98 34.16 -5.56
N ASN B 301 46.21 33.48 -4.73
CA ASN B 301 45.16 34.15 -3.96
C ASN B 301 45.29 33.96 -2.45
N ILE B 302 46.22 33.11 -2.04
CA ILE B 302 46.42 32.83 -0.62
C ILE B 302 46.96 33.99 0.20
N GLU B 303 47.83 34.81 -0.38
CA GLU B 303 48.39 35.94 0.35
C GLU B 303 47.29 36.91 0.79
N ASN B 304 46.35 37.18 -0.11
CA ASN B 304 45.25 38.09 0.22
C ASN B 304 44.38 37.53 1.34
N CYS B 305 44.23 36.21 1.39
CA CYS B 305 43.43 35.60 2.44
C CYS B 305 44.10 35.86 3.78
N MET B 306 45.42 35.76 3.79
CA MET B 306 46.20 35.97 5.01
C MET B 306 46.12 37.40 5.51
N VAL B 307 46.26 38.36 4.60
CA VAL B 307 46.20 39.76 4.99
C VAL B 307 44.84 40.13 5.54
N GLU B 308 43.79 39.66 4.87
CA GLU B 308 42.43 39.94 5.30
C GLU B 308 42.13 39.34 6.69
N ALA B 309 42.75 38.20 6.98
CA ALA B 309 42.53 37.53 8.26
C ALA B 309 43.36 38.04 9.42
N PHE B 310 44.63 38.32 9.16
CA PHE B 310 45.53 38.71 10.23
C PHE B 310 45.90 40.17 10.45
N SER B 311 45.58 41.04 9.48
CA SER B 311 45.89 42.46 9.63
C SER B 311 45.30 42.99 10.93
N GLN B 312 44.09 42.55 11.25
CA GLN B 312 43.40 43.00 12.45
C GLN B 312 44.09 42.55 13.74
N PHE B 313 44.94 41.54 13.65
CA PHE B 313 45.64 41.04 14.82
C PHE B 313 47.10 41.53 14.84
N LYS B 314 47.40 42.46 13.94
CA LYS B 314 48.75 43.03 13.85
C LYS B 314 49.81 41.99 13.50
N ILE B 315 49.41 40.94 12.79
CA ILE B 315 50.35 39.90 12.38
C ILE B 315 50.62 39.99 10.88
N SER B 316 51.89 40.05 10.51
CA SER B 316 52.28 40.14 9.11
C SER B 316 53.35 39.10 8.76
N ASP B 317 53.92 38.48 9.77
CA ASP B 317 54.94 37.45 9.58
C ASP B 317 54.24 36.10 9.69
N TRP B 318 54.02 35.46 8.54
CA TRP B 318 53.31 34.18 8.50
C TRP B 318 53.99 33.05 9.25
N ASN B 319 55.28 33.20 9.55
CA ASN B 319 55.99 32.16 10.28
C ASN B 319 55.77 32.24 11.78
N LYS B 320 55.01 33.25 12.22
CA LYS B 320 54.72 33.41 13.64
C LYS B 320 53.41 32.70 13.97
N LEU B 321 52.87 31.99 12.98
CA LEU B 321 51.62 31.26 13.13
C LEU B 321 51.81 29.77 12.94
N PHE B 322 50.91 28.96 13.52
CA PHE B 322 51.00 27.53 13.29
C PHE B 322 50.07 27.30 12.10
N TRP B 323 50.32 26.24 11.34
CA TRP B 323 49.56 25.98 10.13
C TRP B 323 48.82 24.65 9.99
N VAL B 324 47.67 24.72 9.32
CA VAL B 324 46.84 23.55 9.01
C VAL B 324 46.31 23.82 7.61
N VAL B 325 46.79 23.04 6.63
CA VAL B 325 46.36 23.25 5.25
C VAL B 325 45.76 22.00 4.65
N HIS B 326 44.60 22.14 4.01
CA HIS B 326 43.97 20.99 3.37
C HIS B 326 44.98 20.44 2.38
N PRO B 327 45.38 19.18 2.54
CA PRO B 327 46.37 18.57 1.62
C PRO B 327 45.75 18.08 0.32
N GLY B 328 45.23 19.00 -0.48
CA GLY B 328 44.61 18.62 -1.74
C GLY B 328 45.58 17.88 -2.65
N GLY B 329 46.86 18.23 -2.53
CA GLY B 329 47.89 17.60 -3.32
C GLY B 329 49.24 18.18 -2.93
N ARG B 330 50.30 17.45 -3.24
CA ARG B 330 51.66 17.89 -2.92
C ARG B 330 51.98 19.24 -3.53
N ALA B 331 51.59 19.45 -4.79
CA ALA B 331 51.88 20.70 -5.48
C ALA B 331 51.25 21.90 -4.80
N ILE B 332 50.02 21.76 -4.32
CA ILE B 332 49.36 22.86 -3.64
C ILE B 332 50.19 23.27 -2.42
N LEU B 333 50.60 22.28 -1.63
CA LEU B 333 51.39 22.53 -0.44
C LEU B 333 52.73 23.19 -0.79
N ASP B 334 53.41 22.65 -1.80
CA ASP B 334 54.69 23.19 -2.21
C ASP B 334 54.55 24.65 -2.67
N ARG B 335 53.50 24.93 -3.43
CA ARG B 335 53.27 26.29 -3.93
C ARG B 335 52.90 27.29 -2.85
N VAL B 336 52.10 26.84 -1.88
CA VAL B 336 51.70 27.74 -0.79
C VAL B 336 52.93 28.05 0.06
N GLU B 337 53.71 27.02 0.38
CA GLU B 337 54.91 27.19 1.17
C GLU B 337 55.85 28.20 0.51
N ALA B 338 56.06 28.03 -0.79
CA ALA B 338 56.94 28.91 -1.55
C ALA B 338 56.41 30.33 -1.61
N LYS B 339 55.14 30.47 -1.97
CA LYS B 339 54.52 31.78 -2.10
C LYS B 339 54.57 32.62 -0.83
N LEU B 340 54.32 31.98 0.32
CA LEU B 340 54.31 32.69 1.58
C LEU B 340 55.63 32.59 2.33
N ASN B 341 56.62 32.00 1.68
CA ASN B 341 57.95 31.84 2.26
C ASN B 341 57.87 31.23 3.66
N LEU B 342 57.15 30.13 3.77
CA LEU B 342 57.01 29.46 5.06
C LEU B 342 58.23 28.62 5.40
N ASP B 343 58.57 28.57 6.68
CA ASP B 343 59.71 27.77 7.13
C ASP B 343 59.35 26.32 6.86
N PRO B 344 60.35 25.46 6.68
CA PRO B 344 60.15 24.03 6.41
C PRO B 344 59.34 23.26 7.45
N THR B 345 59.24 23.81 8.66
CA THR B 345 58.50 23.14 9.72
C THR B 345 57.00 23.40 9.75
N LYS B 346 56.56 24.49 9.14
CA LYS B 346 55.15 24.84 9.15
C LYS B 346 54.18 23.80 8.62
N LEU B 347 54.52 23.16 7.51
CA LEU B 347 53.62 22.17 6.93
C LEU B 347 53.94 20.72 7.30
N ILE B 348 54.78 20.51 8.30
CA ILE B 348 55.10 19.16 8.70
C ILE B 348 53.86 18.34 9.08
N PRO B 349 53.00 18.87 9.98
CA PRO B 349 51.80 18.10 10.35
C PRO B 349 50.92 17.83 9.13
N THR B 350 50.76 18.84 8.28
CA THR B 350 49.95 18.73 7.08
C THR B 350 50.47 17.61 6.18
N ARG B 351 51.77 17.64 5.89
CA ARG B 351 52.36 16.62 5.02
C ARG B 351 52.34 15.23 5.64
N HIS B 352 52.40 15.16 6.97
CA HIS B 352 52.38 13.90 7.69
C HIS B 352 51.03 13.21 7.50
N VAL B 353 49.95 13.98 7.61
CA VAL B 353 48.63 13.42 7.43
C VAL B 353 48.44 12.97 5.98
N MET B 354 48.90 13.79 5.04
CA MET B 354 48.74 13.43 3.63
C MET B 354 49.52 12.15 3.32
N SER B 355 50.68 12.01 3.95
CA SER B 355 51.51 10.84 3.73
C SER B 355 50.88 9.56 4.27
N GLU B 356 50.24 9.66 5.43
CA GLU B 356 49.65 8.50 6.08
C GLU B 356 48.21 8.16 5.70
N TYR B 357 47.47 9.15 5.21
CA TYR B 357 46.05 8.97 4.88
C TYR B 357 45.62 9.42 3.49
N GLY B 358 46.45 10.20 2.82
CA GLY B 358 46.05 10.70 1.51
C GLY B 358 45.01 11.80 1.70
N ASN B 359 44.32 12.15 0.62
CA ASN B 359 43.31 13.20 0.61
C ASN B 359 41.92 12.69 1.01
N MET B 360 41.59 12.84 2.29
CA MET B 360 40.28 12.41 2.81
C MET B 360 39.24 13.53 2.74
N SER B 361 39.42 14.44 1.79
CA SER B 361 38.49 15.55 1.62
C SER B 361 38.31 16.37 2.89
N SER B 362 37.07 16.69 3.23
CA SER B 362 36.79 17.53 4.39
C SER B 362 37.43 17.14 5.71
N ALA B 363 37.62 15.85 5.94
CA ALA B 363 38.18 15.38 7.20
C ALA B 363 39.64 15.72 7.45
N CYS B 364 40.43 15.88 6.37
CA CYS B 364 41.85 16.15 6.48
C CYS B 364 42.32 17.17 7.50
N VAL B 365 41.79 18.38 7.40
CA VAL B 365 42.22 19.43 8.32
C VAL B 365 41.99 19.11 9.79
N HIS B 366 41.00 18.27 10.09
CA HIS B 366 40.76 17.92 11.49
C HIS B 366 41.81 16.91 11.94
N PHE B 367 42.22 16.00 11.04
CA PHE B 367 43.26 15.03 11.38
C PHE B 367 44.52 15.83 11.67
N ILE B 368 44.77 16.86 10.86
CA ILE B 368 45.97 17.68 11.02
C ILE B 368 45.93 18.47 12.32
N LEU B 369 44.75 18.96 12.70
CA LEU B 369 44.63 19.70 13.96
C LEU B 369 44.97 18.77 15.11
N ASP B 370 44.47 17.55 15.03
CA ASP B 370 44.70 16.55 16.07
C ASP B 370 46.19 16.27 16.20
N GLN B 371 46.86 16.11 15.06
CA GLN B 371 48.29 15.83 15.05
C GLN B 371 49.07 16.99 15.64
N THR B 372 48.64 18.20 15.31
CA THR B 372 49.29 19.41 15.79
C THR B 372 49.28 19.51 17.31
N ARG B 373 48.11 19.31 17.91
CA ARG B 373 48.00 19.41 19.36
C ARG B 373 48.75 18.29 20.08
N LYS B 374 48.59 17.06 19.58
CA LYS B 374 49.24 15.92 20.21
C LYS B 374 50.77 16.01 20.16
N ALA B 375 51.31 16.48 19.04
CA ALA B 375 52.75 16.62 18.91
C ALA B 375 53.22 17.72 19.85
N SER B 376 52.49 18.82 19.87
CA SER B 376 52.82 19.96 20.72
C SER B 376 52.96 19.54 22.19
N LEU B 377 52.08 18.66 22.64
CA LEU B 377 52.10 18.19 24.03
C LEU B 377 53.25 17.23 24.31
N GLN B 378 53.67 16.48 23.30
CA GLN B 378 54.76 15.53 23.48
C GLN B 378 56.12 16.11 23.15
N ASN B 379 56.13 17.24 22.45
CA ASN B 379 57.38 17.89 22.07
C ASN B 379 57.80 18.96 23.06
N GLY B 380 57.00 19.14 24.11
CA GLY B 380 57.31 20.13 25.13
C GLY B 380 57.04 21.58 24.74
N CYS B 381 56.11 21.80 23.82
CA CYS B 381 55.79 23.16 23.39
C CYS B 381 54.95 23.87 24.45
N SER B 382 54.96 25.20 24.41
CA SER B 382 54.22 26.00 25.39
C SER B 382 52.72 26.07 25.09
N THR B 383 52.34 25.74 23.87
CA THR B 383 50.93 25.77 23.48
C THR B 383 50.58 24.60 22.58
N THR B 384 49.29 24.40 22.35
CA THR B 384 48.81 23.31 21.50
C THR B 384 49.07 23.64 20.03
N GLY B 385 49.60 24.83 19.79
CA GLY B 385 49.91 25.25 18.44
C GLY B 385 51.40 25.37 18.24
N GLU B 386 52.13 24.34 18.64
CA GLU B 386 53.59 24.32 18.51
C GLU B 386 54.23 25.51 19.22
N GLY B 387 53.67 25.89 20.37
CA GLY B 387 54.21 26.99 21.14
C GLY B 387 53.82 28.38 20.67
N LEU B 388 53.08 28.47 19.58
CA LEU B 388 52.65 29.76 19.06
C LEU B 388 51.22 30.06 19.49
N GLU B 389 50.84 31.34 19.47
CA GLU B 389 49.51 31.72 19.90
C GLU B 389 48.42 31.61 18.83
N MET B 390 48.66 32.23 17.68
CA MET B 390 47.69 32.20 16.59
C MET B 390 48.07 31.21 15.49
N GLY B 391 47.06 30.74 14.77
CA GLY B 391 47.31 29.80 13.70
C GLY B 391 46.27 29.96 12.62
N VAL B 392 46.47 29.32 11.49
CA VAL B 392 45.50 29.42 10.41
C VAL B 392 45.19 28.04 9.84
N LEU B 393 43.93 27.83 9.49
CA LEU B 393 43.49 26.56 8.90
C LEU B 393 42.84 26.91 7.58
N PHE B 394 43.23 26.19 6.51
CA PHE B 394 42.69 26.43 5.18
C PHE B 394 41.99 25.24 4.57
N GLY B 395 40.84 25.49 3.95
CA GLY B 395 40.08 24.47 3.26
C GLY B 395 40.01 24.92 1.81
N PHE B 396 40.22 23.99 0.88
CA PHE B 396 40.18 24.32 -0.55
C PHE B 396 39.24 23.33 -1.23
N GLY B 397 38.49 23.79 -2.22
CA GLY B 397 37.58 22.90 -2.91
C GLY B 397 36.84 23.56 -4.06
N PRO B 398 35.78 22.92 -4.58
CA PRO B 398 34.96 23.40 -5.69
C PRO B 398 34.59 24.88 -5.60
N GLY B 399 34.90 25.63 -6.66
CA GLY B 399 34.58 27.05 -6.67
C GLY B 399 35.35 27.87 -7.70
N LEU B 400 36.67 27.96 -7.56
CA LEU B 400 37.43 27.33 -6.49
C LEU B 400 37.19 28.12 -5.20
N THR B 401 36.81 27.41 -4.14
CA THR B 401 36.51 28.02 -2.85
C THR B 401 37.63 27.84 -1.84
N ILE B 402 37.90 28.90 -1.06
CA ILE B 402 38.91 28.87 -0.02
C ILE B 402 38.24 29.26 1.30
N GLU B 403 38.35 28.39 2.29
CA GLU B 403 37.81 28.66 3.62
C GLU B 403 39.00 29.03 4.50
N THR B 404 38.92 30.16 5.19
CA THR B 404 39.98 30.58 6.09
C THR B 404 39.43 30.52 7.51
N VAL B 405 40.17 29.88 8.41
CA VAL B 405 39.75 29.80 9.82
C VAL B 405 40.92 30.24 10.68
N VAL B 406 40.74 31.32 11.43
CA VAL B 406 41.80 31.78 12.32
C VAL B 406 41.60 31.10 13.66
N LEU B 407 42.66 30.46 14.15
CA LEU B 407 42.61 29.74 15.41
C LEU B 407 43.56 30.33 16.44
N LYS B 408 43.23 30.06 17.71
CA LYS B 408 44.06 30.48 18.83
C LYS B 408 44.36 29.19 19.58
N SER B 409 45.62 28.96 19.90
CA SER B 409 46.01 27.77 20.63
C SER B 409 45.68 27.94 22.10
N VAL B 410 45.95 26.89 22.88
CA VAL B 410 45.70 26.91 24.31
C VAL B 410 47.04 26.65 24.99
N PRO B 411 47.32 27.35 26.10
CA PRO B 411 48.60 27.13 26.80
C PRO B 411 48.73 25.72 27.35
N ILE B 412 49.94 25.19 27.32
CA ILE B 412 50.21 23.86 27.85
C ILE B 412 51.02 24.00 29.13
N PHE C 26 -43.24 -36.94 16.97
CA PHE C 26 -42.51 -36.91 15.67
C PHE C 26 -43.15 -37.87 14.67
N GLU C 27 -42.39 -38.26 13.65
CA GLU C 27 -42.88 -39.17 12.62
C GLU C 27 -44.00 -38.50 11.83
N GLY C 28 -45.13 -38.27 12.48
CA GLY C 28 -46.24 -37.61 11.82
C GLY C 28 -45.83 -36.20 11.48
N PHE C 29 -44.82 -35.70 12.17
CA PHE C 29 -44.32 -34.35 11.94
C PHE C 29 -43.71 -34.29 10.54
N ARG C 30 -42.85 -35.27 10.24
CA ARG C 30 -42.19 -35.35 8.94
C ARG C 30 -43.22 -35.40 7.81
N LYS C 31 -44.26 -36.20 8.01
CA LYS C 31 -45.30 -36.35 7.00
C LYS C 31 -46.03 -35.03 6.76
N LEU C 32 -46.26 -34.29 7.85
CA LEU C 32 -46.95 -33.01 7.78
C LEU C 32 -46.02 -31.91 7.24
N GLN C 33 -44.73 -32.08 7.49
CA GLN C 33 -43.73 -31.11 7.08
C GLN C 33 -43.50 -31.02 5.56
N ARG C 34 -43.60 -32.17 4.88
CA ARG C 34 -43.39 -32.22 3.43
C ARG C 34 -44.65 -32.02 2.59
N ALA C 35 -44.44 -31.73 1.31
CA ALA C 35 -45.52 -31.49 0.34
C ALA C 35 -45.98 -32.81 -0.28
N ASP C 36 -47.09 -32.76 -1.01
CA ASP C 36 -47.64 -33.96 -1.63
C ASP C 36 -47.27 -34.27 -3.08
N GLY C 37 -47.53 -33.34 -3.99
CA GLY C 37 -47.23 -33.59 -5.39
C GLY C 37 -45.86 -33.17 -5.91
N PHE C 38 -45.75 -33.03 -7.22
CA PHE C 38 -44.50 -32.64 -7.87
C PHE C 38 -44.27 -31.14 -7.81
N ALA C 39 -43.01 -30.74 -7.75
CA ALA C 39 -42.67 -29.33 -7.76
C ALA C 39 -43.13 -28.84 -9.13
N SER C 40 -43.87 -27.74 -9.16
CA SER C 40 -44.38 -27.23 -10.41
C SER C 40 -44.02 -25.77 -10.64
N ILE C 41 -43.78 -25.41 -11.91
CA ILE C 41 -43.46 -24.04 -12.26
C ILE C 41 -44.80 -23.34 -12.38
N LEU C 42 -45.04 -22.36 -11.52
CA LEU C 42 -46.31 -21.64 -11.49
C LEU C 42 -46.28 -20.30 -12.21
N ALA C 43 -45.08 -19.86 -12.60
CA ALA C 43 -44.93 -18.59 -13.30
C ALA C 43 -43.51 -18.45 -13.83
N ILE C 44 -43.38 -17.68 -14.91
CA ILE C 44 -42.07 -17.43 -15.51
C ILE C 44 -42.04 -15.99 -15.99
N GLY C 45 -41.04 -15.25 -15.54
CA GLY C 45 -40.89 -13.85 -15.93
C GLY C 45 -39.47 -13.62 -16.42
N THR C 46 -39.28 -12.66 -17.31
CA THR C 46 -37.95 -12.38 -17.84
C THR C 46 -37.70 -10.88 -17.97
N ALA C 47 -36.44 -10.51 -18.11
CA ALA C 47 -36.04 -9.12 -18.25
C ALA C 47 -34.66 -9.03 -18.90
N ASN C 48 -34.39 -7.91 -19.57
CA ASN C 48 -33.10 -7.69 -20.22
C ASN C 48 -32.76 -6.21 -20.19
N PRO C 49 -31.47 -5.86 -20.36
CA PRO C 49 -31.10 -4.45 -20.36
C PRO C 49 -31.85 -3.77 -21.51
N PRO C 50 -32.23 -2.50 -21.34
CA PRO C 50 -32.96 -1.78 -22.40
C PRO C 50 -32.18 -1.62 -23.70
N ASN C 51 -30.85 -1.72 -23.61
CA ASN C 51 -29.99 -1.57 -24.77
C ASN C 51 -29.95 -2.80 -25.67
N ALA C 52 -30.52 -2.70 -26.87
CA ALA C 52 -30.53 -3.80 -27.82
C ALA C 52 -29.36 -3.65 -28.79
N VAL C 53 -28.58 -4.71 -28.94
CA VAL C 53 -27.41 -4.68 -29.81
C VAL C 53 -27.53 -5.61 -31.03
N ASP C 54 -27.32 -5.05 -32.22
CA ASP C 54 -27.39 -5.83 -33.46
C ASP C 54 -26.09 -6.55 -33.78
N GLN C 55 -26.19 -7.83 -34.07
CA GLN C 55 -25.02 -8.64 -34.38
C GLN C 55 -24.42 -8.26 -35.73
N SER C 56 -25.29 -7.98 -36.69
CA SER C 56 -24.84 -7.61 -38.03
C SER C 56 -23.88 -6.44 -38.01
N THR C 57 -24.08 -5.52 -37.08
CA THR C 57 -23.22 -4.34 -36.97
C THR C 57 -22.47 -4.27 -35.65
N TYR C 58 -22.06 -5.42 -35.11
CA TYR C 58 -21.33 -5.44 -33.85
C TYR C 58 -19.83 -5.42 -34.05
N PRO C 59 -19.32 -6.20 -35.02
CA PRO C 59 -17.87 -6.23 -35.27
C PRO C 59 -17.26 -4.84 -35.37
N ASP C 60 -17.95 -3.93 -36.05
CA ASP C 60 -17.47 -2.56 -36.20
C ASP C 60 -17.44 -1.84 -34.86
N PHE C 61 -18.57 -1.82 -34.18
CA PHE C 61 -18.67 -1.16 -32.88
C PHE C 61 -17.64 -1.73 -31.90
N TYR C 62 -17.65 -3.04 -31.75
CA TYR C 62 -16.74 -3.73 -30.85
C TYR C 62 -15.27 -3.43 -31.12
N PHE C 63 -14.84 -3.59 -32.36
CA PHE C 63 -13.46 -3.34 -32.71
C PHE C 63 -13.03 -1.88 -32.66
N ARG C 64 -13.99 -0.96 -32.72
CA ARG C 64 -13.64 0.46 -32.66
C ARG C 64 -13.82 1.00 -31.24
N ILE C 65 -14.62 0.32 -30.43
CA ILE C 65 -14.85 0.75 -29.07
C ILE C 65 -13.67 0.30 -28.20
N THR C 66 -12.97 -0.72 -28.67
CA THR C 66 -11.81 -1.23 -27.96
C THR C 66 -10.54 -0.70 -28.60
N GLY C 67 -10.69 0.35 -29.40
CA GLY C 67 -9.55 0.97 -30.07
C GLY C 67 -8.79 0.07 -31.02
N ASN C 68 -9.43 -1.03 -31.44
CA ASN C 68 -8.78 -1.96 -32.36
C ASN C 68 -9.18 -1.63 -33.81
N GLU C 69 -8.39 -2.11 -34.76
CA GLU C 69 -8.62 -1.89 -36.18
C GLU C 69 -7.49 -2.46 -37.01
N LYS C 77 -11.85 -12.25 -39.00
CA LYS C 77 -11.99 -13.53 -38.26
C LYS C 77 -13.15 -13.46 -37.28
N PHE C 78 -13.31 -12.30 -36.64
CA PHE C 78 -14.36 -12.09 -35.67
C PHE C 78 -15.71 -11.83 -36.36
N LYS C 79 -15.64 -11.21 -37.54
CA LYS C 79 -16.86 -10.92 -38.29
C LYS C 79 -17.50 -12.23 -38.74
N ARG C 80 -16.66 -13.21 -39.04
CA ARG C 80 -17.13 -14.53 -39.48
C ARG C 80 -17.79 -15.27 -38.31
N ILE C 81 -17.38 -14.92 -37.10
CA ILE C 81 -17.94 -15.54 -35.90
C ILE C 81 -19.36 -15.02 -35.68
N CYS C 82 -19.52 -13.71 -35.72
CA CYS C 82 -20.83 -13.09 -35.52
C CYS C 82 -21.79 -13.47 -36.64
N GLU C 83 -21.26 -13.62 -37.85
CA GLU C 83 -22.06 -13.97 -39.01
C GLU C 83 -22.66 -15.36 -38.91
N ARG C 84 -21.88 -16.32 -38.43
CA ARG C 84 -22.34 -17.70 -38.29
C ARG C 84 -22.79 -18.03 -36.88
N SER C 85 -23.04 -17.00 -36.07
CA SER C 85 -23.46 -17.20 -34.68
C SER C 85 -24.95 -17.51 -34.53
N ALA C 86 -25.73 -17.23 -35.57
CA ALA C 86 -27.16 -17.47 -35.52
C ALA C 86 -27.79 -16.63 -34.42
N ILE C 87 -27.15 -15.49 -34.14
CA ILE C 87 -27.62 -14.54 -33.14
C ILE C 87 -27.90 -13.24 -33.85
N LYS C 88 -29.16 -12.81 -33.82
CA LYS C 88 -29.55 -11.57 -34.49
C LYS C 88 -29.25 -10.36 -33.61
N GLN C 89 -29.49 -10.51 -32.31
CA GLN C 89 -29.24 -9.42 -31.37
C GLN C 89 -28.98 -9.92 -29.96
N ARG C 90 -28.57 -9.01 -29.10
CA ARG C 90 -28.28 -9.28 -27.69
C ARG C 90 -28.52 -7.99 -26.93
N TYR C 91 -28.99 -8.10 -25.69
CA TYR C 91 -29.23 -6.92 -24.87
C TYR C 91 -28.02 -6.78 -23.95
N MET C 92 -27.50 -5.56 -23.83
CA MET C 92 -26.32 -5.35 -23.01
C MET C 92 -26.40 -4.14 -22.10
N TYR C 93 -26.03 -4.34 -20.85
CA TYR C 93 -26.00 -3.28 -19.86
C TYR C 93 -24.99 -2.23 -20.30
N LEU C 94 -23.84 -2.70 -20.78
CA LEU C 94 -22.77 -1.82 -21.24
C LEU C 94 -23.16 -1.01 -22.47
N THR C 95 -23.41 0.28 -22.28
CA THR C 95 -23.78 1.18 -23.37
C THR C 95 -22.54 1.94 -23.82
N GLU C 96 -22.62 2.53 -25.01
CA GLU C 96 -21.50 3.28 -25.56
C GLU C 96 -21.00 4.31 -24.54
N GLU C 97 -21.93 4.95 -23.85
CA GLU C 97 -21.59 5.95 -22.85
C GLU C 97 -20.77 5.34 -21.72
N ILE C 98 -21.27 4.22 -21.17
CA ILE C 98 -20.57 3.55 -20.09
C ILE C 98 -19.18 3.08 -20.50
N LEU C 99 -19.08 2.50 -21.69
CA LEU C 99 -17.80 2.01 -22.19
C LEU C 99 -16.81 3.14 -22.45
N LYS C 100 -17.31 4.28 -22.90
CA LYS C 100 -16.43 5.42 -23.17
C LYS C 100 -15.83 5.91 -21.85
N LYS C 101 -16.64 5.86 -20.80
CA LYS C 101 -16.21 6.30 -19.48
C LYS C 101 -15.39 5.24 -18.73
N ASN C 102 -15.25 4.06 -19.34
CA ASN C 102 -14.49 2.98 -18.72
C ASN C 102 -13.55 2.27 -19.70
N PRO C 103 -12.50 2.98 -20.14
CA PRO C 103 -11.52 2.41 -21.08
C PRO C 103 -10.86 1.14 -20.56
N ASP C 104 -10.82 1.00 -19.23
CA ASP C 104 -10.20 -0.17 -18.62
C ASP C 104 -10.99 -1.45 -18.94
N VAL C 105 -12.29 -1.30 -19.12
CA VAL C 105 -13.16 -2.43 -19.46
C VAL C 105 -13.04 -2.78 -20.94
N CYS C 106 -12.61 -1.80 -21.75
CA CYS C 106 -12.46 -2.00 -23.19
C CYS C 106 -11.09 -2.60 -23.51
N ALA C 107 -10.20 -2.62 -22.53
CA ALA C 107 -8.88 -3.18 -22.73
C ALA C 107 -8.97 -4.70 -22.58
N PHE C 108 -7.89 -5.40 -22.92
CA PHE C 108 -7.88 -6.85 -22.77
C PHE C 108 -7.51 -7.16 -21.33
N VAL C 109 -6.23 -7.08 -21.01
CA VAL C 109 -5.76 -7.33 -19.65
C VAL C 109 -4.58 -6.42 -19.29
N GLU C 110 -4.37 -5.37 -20.08
CA GLU C 110 -3.27 -4.44 -19.87
C GLU C 110 -3.39 -3.69 -18.55
N VAL C 111 -4.62 -3.39 -18.15
CA VAL C 111 -4.88 -2.68 -16.90
C VAL C 111 -5.95 -3.43 -16.12
N PRO C 112 -6.01 -3.20 -14.80
CA PRO C 112 -7.00 -3.86 -13.94
C PRO C 112 -8.40 -3.31 -14.17
N SER C 113 -9.42 -4.11 -13.88
CA SER C 113 -10.79 -3.65 -14.07
C SER C 113 -11.80 -4.33 -13.15
N LEU C 114 -11.34 -5.28 -12.34
CA LEU C 114 -12.24 -6.00 -11.44
C LEU C 114 -13.08 -5.12 -10.53
N ASP C 115 -12.45 -4.22 -9.78
CA ASP C 115 -13.19 -3.36 -8.86
C ASP C 115 -14.31 -2.57 -9.55
N ALA C 116 -14.04 -2.08 -10.75
CA ALA C 116 -15.04 -1.32 -11.49
C ALA C 116 -16.18 -2.24 -11.93
N ARG C 117 -15.83 -3.45 -12.35
CA ARG C 117 -16.84 -4.41 -12.78
C ARG C 117 -17.70 -4.82 -11.59
N GLN C 118 -17.07 -4.99 -10.42
CA GLN C 118 -17.79 -5.37 -9.22
C GLN C 118 -18.84 -4.31 -8.90
N ALA C 119 -18.49 -3.04 -9.11
CA ALA C 119 -19.42 -1.95 -8.84
C ALA C 119 -20.63 -2.04 -9.78
N MET C 120 -20.37 -2.37 -11.04
CA MET C 120 -21.44 -2.51 -12.02
C MET C 120 -22.36 -3.66 -11.64
N LEU C 121 -21.76 -4.81 -11.34
CA LEU C 121 -22.53 -6.00 -10.96
C LEU C 121 -23.42 -5.77 -9.75
N ALA C 122 -22.87 -5.11 -8.72
CA ALA C 122 -23.64 -4.86 -7.51
C ALA C 122 -24.94 -4.13 -7.83
N MET C 123 -24.90 -3.32 -8.89
CA MET C 123 -26.07 -2.55 -9.30
C MET C 123 -26.96 -3.27 -10.32
N GLU C 124 -26.35 -3.70 -11.42
CA GLU C 124 -27.07 -4.35 -12.51
C GLU C 124 -27.70 -5.72 -12.24
N VAL C 125 -26.95 -6.64 -11.64
CA VAL C 125 -27.49 -7.96 -11.38
C VAL C 125 -28.78 -7.92 -10.56
N PRO C 126 -28.77 -7.21 -9.41
CA PRO C 126 -30.00 -7.15 -8.61
C PRO C 126 -31.11 -6.42 -9.38
N ARG C 127 -30.72 -5.45 -10.21
CA ARG C 127 -31.66 -4.67 -11.00
C ARG C 127 -32.48 -5.56 -11.94
N LEU C 128 -31.79 -6.33 -12.77
CA LEU C 128 -32.45 -7.22 -13.72
C LEU C 128 -33.23 -8.28 -12.98
N ALA C 129 -32.65 -8.80 -11.90
CA ALA C 129 -33.29 -9.84 -11.11
C ALA C 129 -34.65 -9.35 -10.60
N LYS C 130 -34.68 -8.13 -10.07
CA LYS C 130 -35.91 -7.56 -9.55
C LYS C 130 -37.00 -7.46 -10.61
N GLU C 131 -36.62 -6.97 -11.78
CA GLU C 131 -37.55 -6.79 -12.89
C GLU C 131 -38.17 -8.11 -13.36
N ALA C 132 -37.36 -9.15 -13.48
CA ALA C 132 -37.88 -10.47 -13.90
C ALA C 132 -38.78 -11.03 -12.81
N ALA C 133 -38.35 -10.89 -11.56
CA ALA C 133 -39.12 -11.39 -10.43
C ALA C 133 -40.50 -10.75 -10.35
N GLU C 134 -40.57 -9.45 -10.59
CA GLU C 134 -41.85 -8.77 -10.54
C GLU C 134 -42.82 -9.30 -11.58
N LYS C 135 -42.30 -9.61 -12.77
CA LYS C 135 -43.13 -10.14 -13.84
C LYS C 135 -43.62 -11.54 -13.45
N ALA C 136 -42.75 -12.32 -12.81
CA ALA C 136 -43.11 -13.67 -12.39
C ALA C 136 -44.13 -13.63 -11.26
N ILE C 137 -43.89 -12.76 -10.28
CA ILE C 137 -44.80 -12.63 -9.14
C ILE C 137 -46.17 -12.14 -9.62
N GLN C 138 -46.16 -11.26 -10.62
CA GLN C 138 -47.40 -10.74 -11.17
C GLN C 138 -48.22 -11.86 -11.80
N GLU C 139 -47.58 -12.66 -12.65
CA GLU C 139 -48.26 -13.78 -13.30
C GLU C 139 -48.82 -14.73 -12.25
N TRP C 140 -47.99 -15.06 -11.26
CA TRP C 140 -48.38 -15.93 -10.18
C TRP C 140 -49.64 -15.35 -9.53
N GLY C 141 -49.68 -14.02 -9.46
CA GLY C 141 -50.84 -13.33 -8.91
C GLY C 141 -51.15 -13.51 -7.45
N GLN C 142 -50.18 -13.94 -6.65
CA GLN C 142 -50.40 -14.14 -5.22
C GLN C 142 -49.56 -13.14 -4.45
N SER C 143 -49.86 -12.98 -3.16
CA SER C 143 -49.12 -12.07 -2.31
C SER C 143 -47.67 -12.53 -2.21
N LYS C 144 -46.72 -11.60 -2.32
CA LYS C 144 -45.32 -11.96 -2.23
C LYS C 144 -44.95 -12.39 -0.82
N SER C 145 -45.85 -12.13 0.13
CA SER C 145 -45.60 -12.53 1.51
C SER C 145 -45.70 -14.05 1.58
N GLY C 146 -46.19 -14.65 0.50
CA GLY C 146 -46.33 -16.09 0.44
C GLY C 146 -45.05 -16.79 0.00
N ILE C 147 -44.09 -16.00 -0.49
CA ILE C 147 -42.81 -16.54 -0.93
C ILE C 147 -42.01 -16.94 0.31
N THR C 148 -41.68 -18.23 0.39
CA THR C 148 -40.96 -18.78 1.54
C THR C 148 -39.48 -19.01 1.31
N HIS C 149 -39.08 -19.20 0.06
CA HIS C 149 -37.67 -19.45 -0.27
C HIS C 149 -37.24 -18.66 -1.49
N LEU C 150 -35.93 -18.44 -1.59
CA LEU C 150 -35.35 -17.73 -2.71
C LEU C 150 -34.05 -18.40 -3.14
N ILE C 151 -34.01 -18.83 -4.39
CA ILE C 151 -32.81 -19.44 -4.95
C ILE C 151 -32.35 -18.41 -5.97
N PHE C 152 -31.20 -17.79 -5.72
CA PHE C 152 -30.68 -16.77 -6.62
C PHE C 152 -29.37 -17.19 -7.26
N CYS C 153 -29.31 -17.06 -8.58
CA CYS C 153 -28.15 -17.45 -9.34
C CYS C 153 -27.57 -16.39 -10.28
N SER C 154 -26.24 -16.27 -10.27
CA SER C 154 -25.52 -15.37 -11.15
C SER C 154 -24.11 -15.93 -11.27
N THR C 155 -23.48 -15.75 -12.42
CA THR C 155 -22.13 -16.28 -12.64
C THR C 155 -21.19 -15.89 -11.50
N THR C 156 -21.31 -14.65 -11.04
CA THR C 156 -20.48 -14.18 -9.93
C THR C 156 -21.29 -13.20 -9.10
N THR C 157 -20.76 -12.89 -7.92
CA THR C 157 -21.39 -11.92 -7.04
C THR C 157 -20.20 -11.18 -6.44
N PRO C 158 -20.27 -9.85 -6.36
CA PRO C 158 -19.19 -9.02 -5.82
C PRO C 158 -18.83 -9.04 -4.35
N ASP C 159 -19.82 -9.15 -3.47
CA ASP C 159 -19.52 -9.12 -2.04
C ASP C 159 -20.24 -10.17 -1.23
N LEU C 160 -20.24 -9.93 0.08
CA LEU C 160 -20.93 -10.74 1.06
C LEU C 160 -21.63 -9.68 1.90
N PRO C 161 -22.96 -9.76 2.01
CA PRO C 161 -23.88 -10.76 1.46
C PRO C 161 -23.86 -10.88 -0.06
N GLY C 162 -24.29 -12.03 -0.55
CA GLY C 162 -24.35 -12.24 -1.99
C GLY C 162 -25.52 -11.45 -2.52
N ALA C 163 -25.66 -11.40 -3.84
CA ALA C 163 -26.75 -10.64 -4.45
C ALA C 163 -28.14 -11.14 -4.05
N ASP C 164 -28.22 -12.34 -3.47
CA ASP C 164 -29.52 -12.86 -3.06
C ASP C 164 -30.12 -11.97 -1.98
N PHE C 165 -29.24 -11.45 -1.11
CA PHE C 165 -29.68 -10.57 -0.03
C PHE C 165 -30.25 -9.27 -0.60
N GLU C 166 -29.51 -8.66 -1.53
CA GLU C 166 -29.94 -7.42 -2.15
C GLU C 166 -31.23 -7.57 -2.95
N VAL C 167 -31.38 -8.70 -3.63
CA VAL C 167 -32.56 -8.95 -4.43
C VAL C 167 -33.79 -9.03 -3.53
N ALA C 168 -33.69 -9.81 -2.46
CA ALA C 168 -34.78 -9.97 -1.51
C ALA C 168 -35.17 -8.60 -0.95
N LYS C 169 -34.17 -7.74 -0.76
CA LYS C 169 -34.40 -6.40 -0.23
C LYS C 169 -35.15 -5.53 -1.23
N LEU C 170 -34.66 -5.51 -2.47
CA LEU C 170 -35.29 -4.72 -3.52
C LEU C 170 -36.73 -5.16 -3.78
N LEU C 171 -37.02 -6.44 -3.55
CA LEU C 171 -38.35 -6.99 -3.77
C LEU C 171 -39.22 -6.88 -2.52
N GLY C 172 -38.62 -6.45 -1.41
CA GLY C 172 -39.36 -6.32 -0.17
C GLY C 172 -39.90 -7.63 0.36
N LEU C 173 -39.10 -8.70 0.29
CA LEU C 173 -39.54 -10.00 0.78
C LEU C 173 -39.39 -10.04 2.29
N HIS C 174 -40.14 -10.91 2.95
CA HIS C 174 -40.06 -11.03 4.40
C HIS C 174 -38.64 -11.40 4.80
N PRO C 175 -38.20 -10.91 5.97
CA PRO C 175 -36.84 -11.22 6.44
C PRO C 175 -36.65 -12.71 6.72
N SER C 176 -37.76 -13.43 6.84
CA SER C 176 -37.73 -14.87 7.12
C SER C 176 -37.63 -15.75 5.88
N VAL C 177 -37.56 -15.13 4.70
CA VAL C 177 -37.45 -15.91 3.47
C VAL C 177 -36.09 -16.61 3.47
N LYS C 178 -36.12 -17.93 3.27
CA LYS C 178 -34.88 -18.72 3.26
C LYS C 178 -34.21 -18.59 1.90
N ARG C 179 -32.98 -18.05 1.92
CA ARG C 179 -32.25 -17.84 0.69
C ARG C 179 -31.04 -18.74 0.50
N VAL C 180 -30.66 -18.91 -0.76
CA VAL C 180 -29.49 -19.68 -1.12
C VAL C 180 -28.98 -19.05 -2.42
N GLY C 181 -27.69 -18.73 -2.43
CA GLY C 181 -27.09 -18.14 -3.61
C GLY C 181 -26.31 -19.17 -4.39
N VAL C 182 -26.47 -19.15 -5.71
CA VAL C 182 -25.79 -20.09 -6.60
C VAL C 182 -24.82 -19.31 -7.47
N PHE C 183 -23.57 -19.20 -7.00
CA PHE C 183 -22.57 -18.45 -7.72
C PHE C 183 -21.43 -19.28 -8.29
N GLN C 184 -20.88 -18.77 -9.38
CA GLN C 184 -19.78 -19.40 -10.09
C GLN C 184 -20.01 -20.84 -10.51
N HIS C 185 -21.27 -21.14 -10.84
CA HIS C 185 -21.63 -22.46 -11.34
C HIS C 185 -21.57 -22.30 -12.85
N GLY C 186 -22.18 -21.24 -13.35
CA GLY C 186 -22.11 -20.99 -14.77
C GLY C 186 -23.33 -21.28 -15.62
N CYS C 187 -23.07 -21.54 -16.89
CA CYS C 187 -24.12 -21.78 -17.86
C CYS C 187 -25.04 -22.96 -17.68
N PHE C 188 -24.67 -23.92 -16.85
CA PHE C 188 -25.54 -25.07 -16.64
C PHE C 188 -26.50 -24.83 -15.47
N ALA C 189 -26.30 -23.73 -14.77
CA ALA C 189 -27.11 -23.42 -13.58
C ALA C 189 -28.60 -23.23 -13.80
N GLY C 190 -29.02 -23.07 -15.05
CA GLY C 190 -30.44 -22.90 -15.32
C GLY C 190 -31.11 -24.22 -14.95
N GLY C 191 -30.35 -25.30 -15.11
CA GLY C 191 -30.86 -26.60 -14.74
C GLY C 191 -30.65 -26.80 -13.25
N THR C 192 -29.50 -26.37 -12.75
CA THR C 192 -29.18 -26.51 -11.34
C THR C 192 -30.26 -25.94 -10.42
N VAL C 193 -30.73 -24.72 -10.71
CA VAL C 193 -31.73 -24.12 -9.85
C VAL C 193 -33.06 -24.87 -9.87
N LEU C 194 -33.37 -25.55 -10.96
CA LEU C 194 -34.61 -26.32 -11.01
C LEU C 194 -34.45 -27.59 -10.18
N ARG C 195 -33.26 -28.19 -10.26
CA ARG C 195 -32.94 -29.39 -9.49
C ARG C 195 -33.06 -29.06 -8.00
N MET C 196 -32.57 -27.88 -7.62
CA MET C 196 -32.64 -27.44 -6.24
C MET C 196 -34.08 -27.06 -5.84
N ALA C 197 -34.77 -26.34 -6.72
CA ALA C 197 -36.13 -25.93 -6.44
C ALA C 197 -37.07 -27.13 -6.22
N LYS C 198 -36.82 -28.20 -6.96
CA LYS C 198 -37.67 -29.39 -6.82
C LYS C 198 -37.65 -29.93 -5.40
N ASP C 199 -36.45 -30.14 -4.85
CA ASP C 199 -36.35 -30.67 -3.50
C ASP C 199 -36.87 -29.72 -2.45
N LEU C 200 -36.68 -28.42 -2.66
CA LEU C 200 -37.16 -27.42 -1.72
C LEU C 200 -38.69 -27.39 -1.68
N ALA C 201 -39.30 -27.29 -2.84
CA ALA C 201 -40.76 -27.21 -2.93
C ALA C 201 -41.43 -28.52 -2.49
N GLU C 202 -40.88 -29.65 -2.90
CA GLU C 202 -41.46 -30.94 -2.57
C GLU C 202 -41.30 -31.38 -1.11
N ASN C 203 -40.24 -30.94 -0.45
CA ASN C 203 -40.02 -31.36 0.94
C ASN C 203 -40.56 -30.38 1.97
N ASN C 204 -41.19 -29.30 1.50
CA ASN C 204 -41.73 -28.29 2.39
C ASN C 204 -43.16 -27.90 1.98
N ARG C 205 -44.14 -28.45 2.69
CA ARG C 205 -45.54 -28.19 2.43
C ARG C 205 -45.86 -26.70 2.44
N GLY C 206 -46.52 -26.23 1.38
CA GLY C 206 -46.88 -24.83 1.27
C GLY C 206 -45.76 -23.92 0.79
N ALA C 207 -44.56 -24.46 0.65
CA ALA C 207 -43.43 -23.67 0.20
C ALA C 207 -43.61 -23.14 -1.21
N ARG C 208 -43.29 -21.86 -1.40
CA ARG C 208 -43.37 -21.24 -2.71
C ARG C 208 -41.99 -20.62 -2.93
N VAL C 209 -41.27 -21.20 -3.89
CA VAL C 209 -39.91 -20.77 -4.18
C VAL C 209 -39.75 -19.80 -5.33
N LEU C 210 -39.11 -18.67 -5.04
CA LEU C 210 -38.82 -17.67 -6.06
C LEU C 210 -37.44 -18.07 -6.55
N VAL C 211 -37.35 -18.41 -7.83
CA VAL C 211 -36.08 -18.80 -8.44
C VAL C 211 -35.67 -17.73 -9.44
N ILE C 212 -34.44 -17.24 -9.33
CA ILE C 212 -33.95 -16.20 -10.22
C ILE C 212 -32.54 -16.42 -10.74
N CYS C 213 -32.36 -16.18 -12.04
CA CYS C 213 -31.06 -16.28 -12.69
C CYS C 213 -30.87 -14.91 -13.32
N SER C 214 -29.78 -14.23 -12.97
CA SER C 214 -29.52 -12.90 -13.50
C SER C 214 -28.08 -12.82 -13.98
N GLU C 215 -27.90 -12.56 -15.27
CA GLU C 215 -26.57 -12.52 -15.88
C GLU C 215 -26.30 -11.27 -16.70
N THR C 216 -25.05 -10.79 -16.66
CA THR C 216 -24.64 -9.61 -17.42
C THR C 216 -23.18 -9.70 -17.84
N THR C 217 -22.89 -9.29 -19.07
CA THR C 217 -21.53 -9.32 -19.60
C THR C 217 -20.65 -8.21 -19.05
N ALA C 218 -21.18 -7.47 -18.08
CA ALA C 218 -20.42 -6.39 -17.46
C ALA C 218 -19.11 -6.95 -16.89
N VAL C 219 -19.14 -8.21 -16.47
CA VAL C 219 -17.96 -8.82 -15.88
C VAL C 219 -17.12 -9.64 -16.86
N THR C 220 -17.62 -9.87 -18.07
CA THR C 220 -16.87 -10.65 -19.05
C THR C 220 -16.42 -9.87 -20.27
N PHE C 221 -17.09 -8.76 -20.56
CA PHE C 221 -16.74 -7.95 -21.71
C PHE C 221 -15.30 -7.43 -21.61
N ARG C 222 -14.58 -7.49 -22.72
CA ARG C 222 -13.22 -7.00 -22.79
C ARG C 222 -12.74 -7.01 -24.25
N GLY C 223 -11.65 -6.31 -24.51
CA GLY C 223 -11.12 -6.26 -25.87
C GLY C 223 -10.61 -7.59 -26.38
N PRO C 224 -10.51 -7.75 -27.71
CA PRO C 224 -10.02 -8.99 -28.34
C PRO C 224 -8.51 -9.14 -28.24
N SER C 225 -8.02 -10.36 -28.42
CA SER C 225 -6.60 -10.66 -28.35
C SER C 225 -6.22 -11.72 -29.37
N GLU C 226 -5.49 -11.30 -30.41
CA GLU C 226 -5.06 -12.23 -31.46
C GLU C 226 -4.38 -13.48 -30.91
N THR C 227 -3.79 -13.36 -29.72
CA THR C 227 -3.09 -14.49 -29.10
C THR C 227 -3.97 -15.22 -28.09
N HIS C 228 -5.27 -14.94 -28.12
CA HIS C 228 -6.21 -15.57 -27.19
C HIS C 228 -7.55 -15.80 -27.88
N SER C 231 -10.87 -16.94 -26.22
CA SER C 231 -11.72 -15.96 -25.48
C SER C 231 -12.44 -15.02 -26.44
N LEU C 232 -12.13 -15.15 -27.73
CA LEU C 232 -12.74 -14.30 -28.75
C LEU C 232 -14.21 -14.62 -29.03
N VAL C 233 -14.51 -15.87 -29.29
CA VAL C 233 -15.88 -16.30 -29.59
C VAL C 233 -16.87 -15.78 -28.56
N GLY C 234 -16.51 -15.88 -27.29
CA GLY C 234 -17.39 -15.43 -26.23
C GLY C 234 -17.92 -14.02 -26.37
N GLN C 235 -17.10 -13.11 -26.90
CA GLN C 235 -17.52 -11.73 -27.08
C GLN C 235 -18.64 -11.56 -28.10
N ALA C 236 -18.81 -12.55 -28.96
CA ALA C 236 -19.84 -12.49 -29.98
C ALA C 236 -21.12 -13.21 -29.56
N LEU C 237 -21.02 -14.06 -28.54
CA LEU C 237 -22.18 -14.84 -28.11
C LEU C 237 -22.86 -14.44 -26.80
N PHE C 238 -22.08 -14.10 -25.78
CA PHE C 238 -22.67 -13.75 -24.49
C PHE C 238 -23.55 -12.50 -24.48
N GLY C 239 -24.71 -12.63 -23.84
CA GLY C 239 -25.65 -11.53 -23.74
C GLY C 239 -26.19 -11.39 -22.33
N ASP C 240 -26.95 -10.34 -22.08
CA ASP C 240 -27.51 -10.06 -20.75
C ASP C 240 -28.98 -10.41 -20.63
N GLY C 241 -29.38 -10.80 -19.41
CA GLY C 241 -30.76 -11.14 -19.16
C GLY C 241 -30.99 -11.78 -17.81
N ALA C 242 -32.25 -11.78 -17.38
CA ALA C 242 -32.64 -12.38 -16.11
C ALA C 242 -33.96 -13.11 -16.27
N SER C 243 -34.08 -14.23 -15.56
CA SER C 243 -35.28 -15.04 -15.60
C SER C 243 -35.73 -15.26 -14.16
N ALA C 244 -37.03 -15.44 -13.96
CA ALA C 244 -37.55 -15.68 -12.62
C ALA C 244 -38.72 -16.66 -12.69
N LEU C 245 -38.79 -17.55 -11.72
CA LEU C 245 -39.85 -18.53 -11.65
C LEU C 245 -40.40 -18.64 -10.25
N ILE C 246 -41.64 -19.11 -10.15
CA ILE C 246 -42.25 -19.37 -8.87
C ILE C 246 -42.43 -20.88 -8.96
N VAL C 247 -41.86 -21.60 -8.02
CA VAL C 247 -41.97 -23.06 -8.01
C VAL C 247 -42.60 -23.52 -6.71
N GLY C 248 -43.52 -24.46 -6.81
CA GLY C 248 -44.18 -24.98 -5.63
C GLY C 248 -44.97 -26.23 -5.94
N ALA C 249 -45.16 -27.06 -4.92
CA ALA C 249 -45.93 -28.29 -5.07
C ALA C 249 -47.35 -28.01 -4.61
N ASP C 250 -48.28 -28.86 -5.06
CA ASP C 250 -49.69 -28.73 -4.68
C ASP C 250 -50.25 -27.35 -4.97
N PRO C 251 -50.33 -26.96 -6.25
CA PRO C 251 -50.86 -25.64 -6.60
C PRO C 251 -52.33 -25.49 -6.22
N ILE C 252 -52.70 -24.32 -5.71
CA ILE C 252 -54.08 -24.07 -5.31
C ILE C 252 -54.95 -24.08 -6.56
N PRO C 253 -55.86 -25.06 -6.66
CA PRO C 253 -56.75 -25.15 -7.84
C PRO C 253 -57.57 -23.88 -8.07
N GLN C 254 -57.66 -23.48 -9.35
CA GLN C 254 -58.42 -22.31 -9.76
C GLN C 254 -57.78 -20.99 -9.30
N VAL C 255 -56.67 -21.09 -8.57
CA VAL C 255 -55.98 -19.90 -8.08
C VAL C 255 -54.58 -19.83 -8.67
N GLU C 256 -53.84 -20.93 -8.57
CA GLU C 256 -52.49 -21.01 -9.12
C GLU C 256 -52.55 -21.87 -10.37
N LYS C 257 -51.63 -21.66 -11.30
CA LYS C 257 -51.61 -22.44 -12.53
C LYS C 257 -50.21 -22.90 -12.90
N ALA C 258 -50.03 -24.21 -12.96
CA ALA C 258 -48.74 -24.78 -13.32
C ALA C 258 -48.62 -24.91 -14.83
N CYS C 259 -47.40 -24.79 -15.35
CA CYS C 259 -47.17 -24.94 -16.78
C CYS C 259 -46.23 -26.12 -17.02
N PHE C 260 -45.50 -26.52 -15.98
CA PHE C 260 -44.57 -27.64 -16.06
C PHE C 260 -44.34 -28.26 -14.69
N GLU C 261 -44.06 -29.56 -14.68
CA GLU C 261 -43.78 -30.27 -13.44
C GLU C 261 -42.34 -30.76 -13.54
N ILE C 262 -41.58 -30.60 -12.47
CA ILE C 262 -40.18 -31.04 -12.45
C ILE C 262 -40.19 -32.46 -11.90
N VAL C 263 -40.07 -33.41 -12.82
CA VAL C 263 -40.13 -34.83 -12.48
C VAL C 263 -38.89 -35.52 -11.95
N TRP C 264 -37.77 -35.36 -12.64
CA TRP C 264 -36.53 -36.03 -12.28
C TRP C 264 -35.34 -35.21 -12.79
N THR C 265 -34.22 -35.25 -12.06
CA THR C 265 -33.04 -34.50 -12.47
C THR C 265 -31.74 -35.28 -12.30
N ALA C 266 -30.70 -34.82 -12.98
CA ALA C 266 -29.38 -35.42 -12.90
C ALA C 266 -28.32 -34.40 -13.29
N GLN C 267 -27.08 -34.65 -12.85
CA GLN C 267 -25.96 -33.80 -13.19
C GLN C 267 -24.79 -34.74 -13.41
N THR C 268 -23.98 -34.48 -14.43
CA THR C 268 -22.83 -35.32 -14.68
C THR C 268 -21.72 -34.52 -15.33
N VAL C 269 -20.52 -35.09 -15.33
CA VAL C 269 -19.36 -34.46 -15.91
C VAL C 269 -18.82 -35.28 -17.06
N VAL C 270 -18.45 -34.61 -18.15
CA VAL C 270 -17.89 -35.30 -19.30
C VAL C 270 -16.41 -35.54 -19.03
N PRO C 271 -15.95 -36.80 -19.21
CA PRO C 271 -14.54 -37.15 -18.98
C PRO C 271 -13.55 -36.26 -19.72
N ASN C 272 -12.41 -36.03 -19.08
CA ASN C 272 -11.32 -35.23 -19.65
C ASN C 272 -11.79 -34.01 -20.43
N SER C 273 -12.45 -33.07 -19.76
CA SER C 273 -12.93 -31.86 -20.44
C SER C 273 -12.93 -30.65 -19.51
N GLU C 274 -12.07 -30.68 -18.50
CA GLU C 274 -11.98 -29.60 -17.52
C GLU C 274 -11.74 -28.23 -18.17
N GLY C 275 -10.82 -28.17 -19.12
CA GLY C 275 -10.50 -26.91 -19.77
C GLY C 275 -11.40 -26.52 -20.93
N ALA C 276 -12.38 -27.36 -21.25
CA ALA C 276 -13.30 -27.08 -22.35
C ALA C 276 -14.06 -25.78 -22.14
N ILE C 277 -14.54 -25.58 -20.92
CA ILE C 277 -15.28 -24.37 -20.55
C ILE C 277 -14.83 -23.98 -19.16
N GLY C 278 -14.35 -22.75 -19.03
CA GLY C 278 -13.90 -22.30 -17.72
C GLY C 278 -13.77 -20.81 -17.59
N GLY C 279 -13.59 -20.37 -16.35
CA GLY C 279 -13.45 -18.95 -16.08
C GLY C 279 -12.59 -18.73 -14.85
N LYS C 280 -12.07 -17.53 -14.71
CA LYS C 280 -11.22 -17.18 -13.57
C LYS C 280 -11.55 -15.77 -13.10
N VAL C 281 -11.83 -15.63 -11.80
CA VAL C 281 -12.11 -14.32 -11.23
C VAL C 281 -10.76 -13.73 -10.85
N ARG C 282 -10.30 -12.74 -11.61
CA ARG C 282 -9.01 -12.13 -11.35
C ARG C 282 -9.06 -10.60 -11.34
N GLU C 283 -7.89 -10.00 -11.13
CA GLU C 283 -7.79 -8.55 -11.08
C GLU C 283 -8.28 -7.86 -12.34
N VAL C 284 -8.30 -8.58 -13.47
CA VAL C 284 -8.77 -8.02 -14.72
C VAL C 284 -10.22 -8.39 -14.98
N GLY C 285 -10.88 -8.89 -13.95
CA GLY C 285 -12.28 -9.29 -14.08
C GLY C 285 -12.40 -10.78 -14.32
N LEU C 286 -13.56 -11.22 -14.81
CA LEU C 286 -13.77 -12.63 -15.09
C LEU C 286 -13.31 -13.00 -16.49
N THR C 287 -12.23 -13.78 -16.58
CA THR C 287 -11.72 -14.22 -17.87
C THR C 287 -12.32 -15.59 -18.12
N PHE C 288 -12.42 -15.99 -19.38
CA PHE C 288 -13.00 -17.29 -19.70
C PHE C 288 -12.33 -17.93 -20.89
N GLN C 289 -12.48 -19.24 -20.99
CA GLN C 289 -11.91 -20.00 -22.10
C GLN C 289 -12.98 -20.95 -22.61
N LEU C 290 -13.09 -21.06 -23.93
CA LEU C 290 -14.05 -21.95 -24.57
C LEU C 290 -13.31 -22.70 -25.66
N LYS C 291 -13.29 -24.03 -25.57
CA LYS C 291 -12.62 -24.85 -26.57
C LYS C 291 -13.57 -25.15 -27.73
N GLY C 292 -13.02 -25.27 -28.92
CA GLY C 292 -13.84 -25.57 -30.08
C GLY C 292 -14.42 -26.97 -30.01
N ALA C 293 -13.87 -27.79 -29.11
CA ALA C 293 -14.32 -29.17 -28.95
C ALA C 293 -15.62 -29.30 -28.16
N VAL C 294 -16.08 -28.21 -27.56
CA VAL C 294 -17.30 -28.23 -26.77
C VAL C 294 -18.47 -28.94 -27.46
N PRO C 295 -18.83 -28.49 -28.68
CA PRO C 295 -19.95 -29.14 -29.38
C PRO C 295 -19.80 -30.66 -29.47
N ASP C 296 -18.61 -31.11 -29.89
CA ASP C 296 -18.33 -32.53 -30.03
C ASP C 296 -18.42 -33.27 -28.69
N LEU C 297 -17.82 -32.69 -27.66
CA LEU C 297 -17.84 -33.28 -26.33
C LEU C 297 -19.26 -33.48 -25.83
N ILE C 298 -20.09 -32.47 -26.00
CA ILE C 298 -21.48 -32.55 -25.55
C ILE C 298 -22.28 -33.56 -26.36
N SER C 299 -22.28 -33.40 -27.68
CA SER C 299 -23.01 -34.30 -28.56
C SER C 299 -22.56 -35.75 -28.38
N ALA C 300 -21.30 -35.94 -28.04
CA ALA C 300 -20.76 -37.29 -27.85
C ALA C 300 -21.22 -37.95 -26.56
N ASN C 301 -21.75 -37.16 -25.62
CA ASN C 301 -22.19 -37.71 -24.35
C ASN C 301 -23.67 -37.50 -24.07
N ILE C 302 -24.33 -36.74 -24.94
CA ILE C 302 -25.75 -36.43 -24.75
C ILE C 302 -26.66 -37.63 -24.81
N GLU C 303 -26.33 -38.62 -25.65
CA GLU C 303 -27.15 -39.81 -25.76
C GLU C 303 -27.23 -40.53 -24.42
N ASN C 304 -26.08 -40.64 -23.76
CA ASN C 304 -26.03 -41.31 -22.45
C ASN C 304 -26.98 -40.61 -21.45
N CYS C 305 -26.99 -39.28 -21.48
CA CYS C 305 -27.86 -38.55 -20.57
C CYS C 305 -29.33 -38.88 -20.82
N MET C 306 -29.68 -39.00 -22.11
CA MET C 306 -31.05 -39.31 -22.49
C MET C 306 -31.50 -40.70 -22.03
N VAL C 307 -30.65 -41.70 -22.24
CA VAL C 307 -30.98 -43.05 -21.84
C VAL C 307 -31.10 -43.13 -20.31
N GLU C 308 -30.18 -42.48 -19.62
CA GLU C 308 -30.19 -42.46 -18.16
C GLU C 308 -31.47 -41.83 -17.62
N ALA C 309 -31.93 -40.78 -18.28
CA ALA C 309 -33.13 -40.08 -17.84
C ALA C 309 -34.46 -40.70 -18.25
N PHE C 310 -34.52 -41.23 -19.46
CA PHE C 310 -35.77 -41.78 -19.97
C PHE C 310 -36.02 -43.28 -20.01
N SER C 311 -34.99 -44.09 -19.84
CA SER C 311 -35.19 -45.53 -19.86
C SER C 311 -36.24 -45.92 -18.83
N GLN C 312 -36.22 -45.25 -17.69
CA GLN C 312 -37.16 -45.53 -16.61
C GLN C 312 -38.60 -45.19 -16.96
N PHE C 313 -38.80 -44.38 -17.99
CA PHE C 313 -40.15 -43.99 -18.40
C PHE C 313 -40.57 -44.73 -19.66
N LYS C 314 -39.76 -45.71 -20.07
CA LYS C 314 -40.06 -46.50 -21.26
C LYS C 314 -40.12 -45.63 -22.51
N ILE C 315 -39.25 -44.63 -22.58
CA ILE C 315 -39.20 -43.75 -23.74
C ILE C 315 -37.83 -43.87 -24.39
N SER C 316 -37.82 -44.19 -25.69
CA SER C 316 -36.59 -44.34 -26.44
C SER C 316 -36.60 -43.50 -27.70
N ASP C 317 -37.75 -42.92 -28.02
CA ASP C 317 -37.90 -42.08 -29.20
C ASP C 317 -37.82 -40.62 -28.74
N TRP C 318 -36.67 -39.99 -28.97
CA TRP C 318 -36.43 -38.61 -28.56
C TRP C 318 -37.35 -37.59 -29.22
N ASN C 319 -38.02 -37.98 -30.30
CA ASN C 319 -38.93 -37.05 -30.97
C ASN C 319 -40.30 -37.04 -30.33
N LYS C 320 -40.50 -37.89 -29.33
CA LYS C 320 -41.76 -37.96 -28.62
C LYS C 320 -41.73 -37.01 -27.43
N LEU C 321 -40.65 -36.25 -27.31
CA LEU C 321 -40.47 -35.31 -26.21
C LEU C 321 -40.36 -33.88 -26.70
N PHE C 322 -40.67 -32.92 -25.82
CA PHE C 322 -40.48 -31.52 -26.19
C PHE C 322 -39.09 -31.19 -25.64
N TRP C 323 -38.41 -30.27 -26.31
CA TRP C 323 -37.04 -29.92 -25.96
C TRP C 323 -36.71 -28.49 -25.52
N VAL C 324 -35.77 -28.40 -24.58
CA VAL C 324 -35.27 -27.12 -24.08
C VAL C 324 -33.76 -27.34 -23.93
N VAL C 325 -32.97 -26.68 -24.74
CA VAL C 325 -31.52 -26.87 -24.69
C VAL C 325 -30.77 -25.56 -24.49
N HIS C 326 -29.82 -25.56 -23.56
CA HIS C 326 -29.04 -24.34 -23.34
C HIS C 326 -28.35 -23.99 -24.65
N PRO C 327 -28.62 -22.80 -25.20
CA PRO C 327 -28.03 -22.36 -26.46
C PRO C 327 -26.60 -21.81 -26.34
N GLY C 328 -25.68 -22.66 -25.91
CA GLY C 328 -24.30 -22.23 -25.75
C GLY C 328 -23.75 -21.68 -27.04
N GLY C 329 -24.11 -22.33 -28.15
CA GLY C 329 -23.65 -21.90 -29.45
C GLY C 329 -24.40 -22.66 -30.52
N ARG C 330 -24.39 -22.13 -31.74
CA ARG C 330 -25.08 -22.77 -32.86
C ARG C 330 -24.60 -24.21 -33.05
N ALA C 331 -23.28 -24.38 -33.07
CA ALA C 331 -22.65 -25.68 -33.26
C ALA C 331 -23.18 -26.73 -32.27
N ILE C 332 -23.35 -26.34 -31.02
CA ILE C 332 -23.86 -27.26 -30.01
C ILE C 332 -25.24 -27.76 -30.40
N LEU C 333 -26.12 -26.83 -30.75
CA LEU C 333 -27.48 -27.17 -31.15
C LEU C 333 -27.49 -28.04 -32.40
N ASP C 334 -26.66 -27.71 -33.39
CA ASP C 334 -26.62 -28.49 -34.62
C ASP C 334 -26.15 -29.91 -34.36
N ARG C 335 -25.07 -30.04 -33.58
CA ARG C 335 -24.51 -31.35 -33.27
C ARG C 335 -25.43 -32.24 -32.44
N VAL C 336 -26.16 -31.63 -31.51
CA VAL C 336 -27.09 -32.37 -30.67
C VAL C 336 -28.27 -32.85 -31.50
N GLU C 337 -28.79 -31.96 -32.32
CA GLU C 337 -29.92 -32.26 -33.19
C GLU C 337 -29.57 -33.41 -34.11
N ALA C 338 -28.39 -33.34 -34.71
CA ALA C 338 -27.92 -34.38 -35.62
C ALA C 338 -27.64 -35.70 -34.91
N LYS C 339 -26.95 -35.64 -33.78
CA LYS C 339 -26.61 -36.84 -33.02
C LYS C 339 -27.85 -37.62 -32.58
N LEU C 340 -28.85 -36.91 -32.08
CA LEU C 340 -30.08 -37.54 -31.61
C LEU C 340 -31.16 -37.62 -32.68
N ASN C 341 -30.83 -37.16 -33.89
CA ASN C 341 -31.74 -37.20 -35.02
C ASN C 341 -33.09 -36.60 -34.66
N LEU C 342 -33.10 -35.41 -34.07
CA LEU C 342 -34.34 -34.74 -33.70
C LEU C 342 -34.92 -34.10 -34.95
N ASP C 343 -36.24 -34.04 -35.06
CA ASP C 343 -36.83 -33.40 -36.22
C ASP C 343 -36.64 -31.89 -36.08
N PRO C 344 -36.62 -31.20 -37.22
CA PRO C 344 -36.40 -29.76 -37.25
C PRO C 344 -37.35 -28.87 -36.43
N THR C 345 -38.33 -29.47 -35.77
CA THR C 345 -39.26 -28.65 -34.98
C THR C 345 -38.91 -28.62 -33.50
N LYS C 346 -38.11 -29.58 -33.07
CA LYS C 346 -37.74 -29.68 -31.66
C LYS C 346 -36.99 -28.49 -31.09
N LEU C 347 -35.99 -28.00 -31.82
CA LEU C 347 -35.19 -26.88 -31.33
C LEU C 347 -35.65 -25.49 -31.79
N ILE C 348 -36.89 -25.38 -32.27
CA ILE C 348 -37.39 -24.09 -32.71
C ILE C 348 -37.40 -23.06 -31.57
N PRO C 349 -38.01 -23.39 -30.42
CA PRO C 349 -38.04 -22.44 -29.31
C PRO C 349 -36.63 -22.07 -28.83
N THR C 350 -35.76 -23.07 -28.78
CA THR C 350 -34.38 -22.89 -28.35
C THR C 350 -33.60 -21.95 -29.27
N ARG C 351 -33.70 -22.20 -30.58
CA ARG C 351 -33.00 -21.39 -31.57
C ARG C 351 -33.56 -19.97 -31.64
N HIS C 352 -34.85 -19.82 -31.34
CA HIS C 352 -35.47 -18.51 -31.37
C HIS C 352 -34.90 -17.64 -30.27
N VAL C 353 -34.79 -18.20 -29.07
CA VAL C 353 -34.25 -17.48 -27.93
C VAL C 353 -32.80 -17.08 -28.19
N MET C 354 -32.02 -18.00 -28.77
CA MET C 354 -30.63 -17.70 -29.05
C MET C 354 -30.51 -16.61 -30.10
N SER C 355 -31.44 -16.61 -31.05
CA SER C 355 -31.44 -15.62 -32.11
C SER C 355 -31.77 -14.22 -31.61
N GLU C 356 -32.72 -14.14 -30.68
CA GLU C 356 -33.17 -12.85 -30.16
C GLU C 356 -32.47 -12.34 -28.89
N TYR C 357 -31.81 -13.23 -28.16
CA TYR C 357 -31.15 -12.82 -26.91
C TYR C 357 -29.69 -13.21 -26.80
N GLY C 358 -29.26 -14.19 -27.61
CA GLY C 358 -27.90 -14.63 -27.53
C GLY C 358 -27.74 -15.55 -26.33
N ASN C 359 -26.51 -15.80 -25.91
CA ASN C 359 -26.22 -16.69 -24.78
C ASN C 359 -26.23 -15.93 -23.44
N MET C 360 -27.34 -16.01 -22.74
CA MET C 360 -27.49 -15.35 -21.44
C MET C 360 -27.17 -16.30 -20.29
N SER C 361 -26.26 -17.24 -20.54
CA SER C 361 -25.87 -18.20 -19.53
C SER C 361 -27.06 -18.93 -18.90
N SER C 362 -27.06 -19.03 -17.56
CA SER C 362 -28.10 -19.76 -16.84
C SER C 362 -29.55 -19.40 -17.15
N ALA C 363 -29.81 -18.16 -17.53
CA ALA C 363 -31.19 -17.73 -17.80
C ALA C 363 -31.83 -18.27 -19.08
N CYS C 364 -31.01 -18.61 -20.07
CA CYS C 364 -31.50 -19.10 -21.37
C CYS C 364 -32.60 -20.14 -21.32
N VAL C 365 -32.34 -21.26 -20.67
CA VAL C 365 -33.33 -22.33 -20.62
C VAL C 365 -34.68 -21.87 -20.06
N HIS C 366 -34.68 -20.89 -19.17
CA HIS C 366 -35.96 -20.42 -18.63
C HIS C 366 -36.69 -19.58 -19.68
N PHE C 367 -35.94 -18.81 -20.47
CA PHE C 367 -36.56 -18.01 -21.52
C PHE C 367 -37.19 -18.98 -22.51
N ILE C 368 -36.49 -20.06 -22.80
CA ILE C 368 -36.96 -21.08 -23.73
C ILE C 368 -38.23 -21.76 -23.22
N LEU C 369 -38.28 -22.05 -21.92
CA LEU C 369 -39.47 -22.68 -21.34
C LEU C 369 -40.67 -21.76 -21.51
N ASP C 370 -40.47 -20.46 -21.29
CA ASP C 370 -41.55 -19.50 -21.44
C ASP C 370 -42.03 -19.49 -22.89
N GLN C 371 -41.07 -19.53 -23.81
CA GLN C 371 -41.36 -19.55 -25.25
C GLN C 371 -42.12 -20.82 -25.61
N THR C 372 -41.75 -21.93 -24.98
CA THR C 372 -42.39 -23.21 -25.23
C THR C 372 -43.87 -23.22 -24.85
N ARG C 373 -44.19 -22.78 -23.65
CA ARG C 373 -45.59 -22.78 -23.20
C ARG C 373 -46.44 -21.77 -23.98
N LYS C 374 -45.86 -20.65 -24.36
CA LYS C 374 -46.59 -19.64 -25.12
C LYS C 374 -46.89 -20.15 -26.52
N ALA C 375 -45.87 -20.67 -27.18
CA ALA C 375 -46.03 -21.21 -28.54
C ALA C 375 -47.05 -22.35 -28.54
N SER C 376 -47.01 -23.18 -27.50
CA SER C 376 -47.94 -24.31 -27.40
C SER C 376 -49.39 -23.85 -27.31
N LEU C 377 -49.63 -22.84 -26.47
CA LEU C 377 -50.98 -22.30 -26.31
C LEU C 377 -51.41 -21.65 -27.62
N GLN C 378 -50.54 -20.82 -28.17
CA GLN C 378 -50.79 -20.11 -29.42
C GLN C 378 -51.05 -21.03 -30.61
N ASN C 379 -50.44 -22.22 -30.61
CA ASN C 379 -50.63 -23.16 -31.71
C ASN C 379 -51.78 -24.13 -31.49
N GLY C 380 -52.52 -23.92 -30.41
CA GLY C 380 -53.66 -24.78 -30.10
C GLY C 380 -53.30 -26.18 -29.64
N CYS C 381 -52.10 -26.35 -29.10
CA CYS C 381 -51.64 -27.66 -28.64
C CYS C 381 -52.42 -28.11 -27.41
N SER C 382 -52.43 -29.43 -27.17
CA SER C 382 -53.15 -30.00 -26.05
C SER C 382 -52.41 -29.85 -24.72
N THR C 383 -51.12 -29.57 -24.78
CA THR C 383 -50.31 -29.41 -23.58
C THR C 383 -49.33 -28.24 -23.75
N THR C 384 -48.75 -27.81 -22.63
CA THR C 384 -47.79 -26.70 -22.65
C THR C 384 -46.46 -27.14 -23.25
N GLY C 385 -46.38 -28.42 -23.61
CA GLY C 385 -45.16 -28.94 -24.20
C GLY C 385 -45.38 -29.37 -25.64
N GLU C 386 -45.94 -28.47 -26.45
CA GLU C 386 -46.20 -28.75 -27.85
C GLU C 386 -47.12 -29.97 -28.04
N GLY C 387 -48.00 -30.19 -27.07
CA GLY C 387 -48.92 -31.33 -27.17
C GLY C 387 -48.36 -32.65 -26.67
N LEU C 388 -47.09 -32.65 -26.28
CA LEU C 388 -46.45 -33.86 -25.79
C LEU C 388 -46.50 -33.89 -24.27
N GLU C 389 -46.38 -35.08 -23.68
CA GLU C 389 -46.45 -35.21 -22.24
C GLU C 389 -45.13 -34.94 -21.52
N MET C 390 -44.05 -35.55 -22.00
CA MET C 390 -42.74 -35.40 -21.36
C MET C 390 -41.79 -34.54 -22.18
N GLY C 391 -40.83 -33.94 -21.49
CA GLY C 391 -39.85 -33.10 -22.17
C GLY C 391 -38.53 -33.15 -21.43
N VAL C 392 -37.49 -32.61 -22.04
CA VAL C 392 -36.18 -32.60 -21.40
C VAL C 392 -35.56 -31.22 -21.52
N LEU C 393 -34.85 -30.81 -20.47
CA LEU C 393 -34.18 -29.53 -20.43
C LEU C 393 -32.73 -29.81 -20.10
N PHE C 394 -31.83 -29.23 -20.88
CA PHE C 394 -30.41 -29.42 -20.68
C PHE C 394 -29.64 -28.14 -20.41
N GLY C 395 -28.74 -28.21 -19.44
CA GLY C 395 -27.89 -27.09 -19.11
C GLY C 395 -26.47 -27.57 -19.32
N PHE C 396 -25.62 -26.77 -19.95
CA PHE C 396 -24.22 -27.14 -20.20
C PHE C 396 -23.33 -26.06 -19.62
N GLY C 397 -22.19 -26.44 -19.07
CA GLY C 397 -21.29 -25.45 -18.50
C GLY C 397 -19.95 -26.02 -18.06
N PRO C 398 -19.17 -25.25 -17.28
CA PRO C 398 -17.86 -25.65 -16.78
C PRO C 398 -17.83 -27.06 -16.19
N GLY C 399 -16.89 -27.88 -16.64
CA GLY C 399 -16.80 -29.24 -16.13
C GLY C 399 -16.00 -30.19 -17.01
N LEU C 400 -16.50 -30.49 -18.21
CA LEU C 400 -17.77 -29.95 -18.72
C LEU C 400 -18.93 -30.62 -17.98
N THR C 401 -19.86 -29.80 -17.49
CA THR C 401 -21.01 -30.28 -16.73
C THR C 401 -22.31 -30.25 -17.53
N ILE C 402 -23.10 -31.30 -17.39
CA ILE C 402 -24.39 -31.39 -18.08
C ILE C 402 -25.49 -31.62 -17.04
N GLU C 403 -26.45 -30.70 -16.98
CA GLU C 403 -27.57 -30.82 -16.07
C GLU C 403 -28.75 -31.34 -16.91
N THR C 404 -29.39 -32.39 -16.44
CA THR C 404 -30.55 -32.95 -17.13
C THR C 404 -31.79 -32.76 -16.27
N VAL C 405 -32.84 -32.19 -16.86
CA VAL C 405 -34.09 -32.01 -16.13
C VAL C 405 -35.24 -32.60 -16.95
N VAL C 406 -35.91 -33.59 -16.38
CA VAL C 406 -37.05 -34.22 -17.04
C VAL C 406 -38.29 -33.47 -16.59
N LEU C 407 -39.06 -32.99 -17.56
CA LEU C 407 -40.28 -32.24 -17.29
C LEU C 407 -41.53 -32.92 -17.79
N LYS C 408 -42.66 -32.57 -17.18
CA LYS C 408 -43.95 -33.07 -17.61
C LYS C 408 -44.75 -31.82 -17.94
N SER C 409 -45.41 -31.82 -19.09
CA SER C 409 -46.20 -30.68 -19.50
C SER C 409 -47.51 -30.66 -18.71
N VAL C 410 -48.32 -29.65 -18.95
CA VAL C 410 -49.61 -29.51 -18.27
C VAL C 410 -50.68 -29.37 -19.36
N PRO C 411 -51.82 -30.05 -19.19
CA PRO C 411 -52.90 -29.98 -20.18
C PRO C 411 -53.43 -28.57 -20.41
N ILE C 412 -53.75 -28.25 -21.65
CA ILE C 412 -54.30 -26.94 -21.99
C ILE C 412 -55.77 -27.10 -22.36
N PHE D 26 -47.44 -41.66 -12.15
CA PHE D 26 -46.57 -40.57 -11.62
C PHE D 26 -46.76 -40.38 -10.11
N GLU D 27 -47.98 -40.58 -9.63
CA GLU D 27 -48.26 -40.42 -8.21
C GLU D 27 -47.38 -41.40 -7.43
N GLY D 28 -47.37 -42.65 -7.88
CA GLY D 28 -46.55 -43.67 -7.23
C GLY D 28 -45.08 -43.38 -7.37
N PHE D 29 -44.71 -42.74 -8.48
CA PHE D 29 -43.31 -42.40 -8.74
C PHE D 29 -42.80 -41.41 -7.69
N ARG D 30 -43.60 -40.39 -7.40
CA ARG D 30 -43.24 -39.37 -6.41
C ARG D 30 -43.10 -40.00 -5.03
N LYS D 31 -44.02 -40.91 -4.70
CA LYS D 31 -44.00 -41.59 -3.41
C LYS D 31 -42.74 -42.43 -3.25
N LEU D 32 -42.32 -43.07 -4.34
CA LEU D 32 -41.12 -43.91 -4.30
C LEU D 32 -39.84 -43.10 -4.43
N GLN D 33 -39.95 -41.92 -5.03
CA GLN D 33 -38.81 -41.03 -5.24
C GLN D 33 -38.27 -40.41 -3.95
N ARG D 34 -39.15 -40.14 -2.99
CA ARG D 34 -38.74 -39.53 -1.74
C ARG D 34 -38.40 -40.51 -0.61
N ALA D 35 -37.66 -40.02 0.39
CA ALA D 35 -37.26 -40.82 1.53
C ALA D 35 -38.34 -40.78 2.61
N ASP D 36 -38.26 -41.67 3.59
CA ASP D 36 -39.27 -41.72 4.64
C ASP D 36 -39.07 -40.92 5.93
N GLY D 37 -37.90 -41.03 6.54
CA GLY D 37 -37.66 -40.31 7.79
C GLY D 37 -36.92 -38.99 7.71
N PHE D 38 -36.43 -38.54 8.86
CA PHE D 38 -35.69 -37.28 8.97
C PHE D 38 -34.24 -37.39 8.49
N ALA D 39 -33.75 -36.31 7.88
CA ALA D 39 -32.37 -36.27 7.41
C ALA D 39 -31.52 -36.42 8.67
N SER D 40 -30.55 -37.31 8.62
CA SER D 40 -29.70 -37.55 9.79
C SER D 40 -28.22 -37.44 9.45
N ILE D 41 -27.43 -36.95 10.41
CA ILE D 41 -25.99 -36.85 10.22
C ILE D 41 -25.45 -38.24 10.55
N LEU D 42 -24.84 -38.89 9.57
CA LEU D 42 -24.33 -40.24 9.73
C LEU D 42 -22.84 -40.32 10.01
N ALA D 43 -22.15 -39.20 9.82
CA ALA D 43 -20.71 -39.16 10.05
C ALA D 43 -20.23 -37.72 10.05
N ILE D 44 -19.14 -37.47 10.77
CA ILE D 44 -18.54 -36.14 10.83
C ILE D 44 -17.02 -36.30 10.81
N GLY D 45 -16.38 -35.59 9.90
CA GLY D 45 -14.93 -35.64 9.80
C GLY D 45 -14.40 -34.22 9.72
N THR D 46 -13.20 -34.00 10.24
CA THR D 46 -12.60 -32.67 10.20
C THR D 46 -11.12 -32.72 9.84
N ALA D 47 -10.60 -31.58 9.40
CA ALA D 47 -9.19 -31.47 9.01
C ALA D 47 -8.69 -30.04 9.16
N ASN D 48 -7.38 -29.90 9.30
CA ASN D 48 -6.75 -28.58 9.42
C ASN D 48 -5.35 -28.66 8.83
N PRO D 49 -4.80 -27.51 8.39
CA PRO D 49 -3.46 -27.49 7.83
C PRO D 49 -2.47 -27.98 8.88
N PRO D 50 -1.38 -28.63 8.45
CA PRO D 50 -0.37 -29.14 9.39
C PRO D 50 0.26 -28.08 10.30
N ASN D 51 0.24 -26.84 9.85
CA ASN D 51 0.83 -25.73 10.60
C ASN D 51 0.00 -25.23 11.78
N ALA D 52 0.45 -25.53 12.99
CA ALA D 52 -0.25 -25.10 14.20
C ALA D 52 0.39 -23.78 14.66
N VAL D 53 -0.41 -22.73 14.68
CA VAL D 53 0.06 -21.40 15.07
C VAL D 53 -0.41 -21.01 16.47
N ASP D 54 0.53 -20.90 17.41
CA ASP D 54 0.21 -20.53 18.78
C ASP D 54 -0.18 -19.05 18.87
N GLN D 55 -1.30 -18.79 19.53
CA GLN D 55 -1.81 -17.43 19.67
C GLN D 55 -0.95 -16.52 20.55
N SER D 56 -0.41 -17.09 21.62
CA SER D 56 0.41 -16.34 22.56
C SER D 56 1.63 -15.68 21.90
N THR D 57 2.15 -16.30 20.84
CA THR D 57 3.32 -15.78 20.16
C THR D 57 3.02 -15.26 18.75
N TYR D 58 1.73 -15.18 18.40
CA TYR D 58 1.34 -14.72 17.07
C TYR D 58 1.61 -13.23 16.81
N PRO D 59 1.25 -12.36 17.76
CA PRO D 59 1.46 -10.92 17.57
C PRO D 59 2.86 -10.55 17.08
N ASP D 60 3.90 -11.10 17.72
CA ASP D 60 5.27 -10.82 17.32
C ASP D 60 5.54 -11.32 15.91
N PHE D 61 5.05 -12.51 15.61
CA PHE D 61 5.24 -13.11 14.29
C PHE D 61 4.50 -12.31 13.24
N TYR D 62 3.25 -12.00 13.53
CA TYR D 62 2.39 -11.25 12.62
C TYR D 62 2.97 -9.89 12.23
N PHE D 63 3.25 -9.05 13.23
CA PHE D 63 3.79 -7.73 12.98
C PHE D 63 5.18 -7.70 12.36
N ARG D 64 5.97 -8.72 12.63
CA ARG D 64 7.32 -8.80 12.07
C ARG D 64 7.25 -9.16 10.58
N ILE D 65 6.40 -10.13 10.27
CA ILE D 65 6.25 -10.61 8.90
C ILE D 65 5.49 -9.65 7.98
N THR D 66 4.68 -8.75 8.54
CA THR D 66 3.92 -7.84 7.68
C THR D 66 4.66 -6.56 7.23
N GLY D 67 4.63 -5.44 7.95
CA GLY D 67 3.94 -5.27 9.22
C GLY D 67 4.67 -4.31 10.13
N ASN D 68 5.99 -4.38 10.10
CA ASN D 68 6.84 -3.52 10.93
C ASN D 68 6.76 -3.86 12.40
N GLU D 69 7.79 -4.55 12.90
CA GLU D 69 7.88 -4.93 14.29
C GLU D 69 7.87 -3.67 15.15
N LEU D 74 -1.49 -0.88 15.66
CA LEU D 74 -0.75 -0.92 16.95
C LEU D 74 -0.48 -2.35 17.39
N LYS D 75 0.79 -2.69 17.57
CA LYS D 75 1.19 -4.01 17.99
C LYS D 75 0.62 -4.36 19.36
N ASP D 76 0.54 -3.35 20.22
CA ASP D 76 0.00 -3.54 21.56
C ASP D 76 -1.50 -3.81 21.48
N LYS D 77 -2.18 -3.08 20.61
CA LYS D 77 -3.62 -3.27 20.44
C LYS D 77 -3.89 -4.71 20.02
N PHE D 78 -3.25 -5.14 18.94
CA PHE D 78 -3.42 -6.49 18.44
C PHE D 78 -3.16 -7.50 19.55
N LYS D 79 -2.04 -7.32 20.25
CA LYS D 79 -1.68 -8.21 21.35
C LYS D 79 -2.83 -8.33 22.34
N ARG D 80 -3.53 -7.22 22.56
CA ARG D 80 -4.66 -7.20 23.48
C ARG D 80 -5.79 -8.05 22.91
N ILE D 81 -6.06 -7.87 21.61
CA ILE D 81 -7.12 -8.63 20.94
C ILE D 81 -6.87 -10.12 21.08
N CYS D 82 -5.67 -10.55 20.69
CA CYS D 82 -5.28 -11.95 20.77
C CYS D 82 -5.39 -12.46 22.20
N SER D 85 -9.04 -13.11 23.01
CA SER D 85 -9.81 -13.76 21.91
C SER D 85 -10.31 -15.14 22.32
N ALA D 86 -9.74 -15.67 23.41
CA ALA D 86 -10.12 -16.99 23.90
C ALA D 86 -9.73 -18.07 22.90
N ILE D 87 -8.66 -17.81 22.15
CA ILE D 87 -8.14 -18.74 21.16
C ILE D 87 -6.72 -19.11 21.52
N LYS D 88 -6.50 -20.36 21.89
CA LYS D 88 -5.16 -20.82 22.25
C LYS D 88 -4.31 -21.04 21.00
N GLN D 89 -4.96 -21.49 19.93
CA GLN D 89 -4.24 -21.72 18.68
C GLN D 89 -5.14 -21.78 17.47
N ARG D 90 -4.53 -21.75 16.30
CA ARG D 90 -5.22 -21.82 15.02
C ARG D 90 -4.29 -22.50 14.02
N TYR D 91 -4.87 -23.19 13.06
CA TYR D 91 -4.09 -23.86 12.03
C TYR D 91 -4.11 -22.97 10.79
N MET D 92 -2.97 -22.80 10.15
CA MET D 92 -2.91 -21.93 8.98
C MET D 92 -2.09 -22.48 7.83
N TYR D 93 -2.65 -22.36 6.63
CA TYR D 93 -1.99 -22.80 5.42
C TYR D 93 -0.79 -21.88 5.18
N LEU D 94 -0.98 -20.61 5.49
CA LEU D 94 0.06 -19.60 5.30
C LEU D 94 1.20 -19.75 6.29
N THR D 95 2.32 -20.28 5.81
CA THR D 95 3.50 -20.48 6.65
C THR D 95 4.48 -19.34 6.42
N GLU D 96 5.45 -19.21 7.31
CA GLU D 96 6.46 -18.15 7.19
C GLU D 96 7.08 -18.20 5.79
N GLU D 97 7.34 -19.40 5.30
CA GLU D 97 7.94 -19.59 3.99
C GLU D 97 7.04 -19.08 2.86
N ILE D 98 5.74 -19.31 2.98
CA ILE D 98 4.79 -18.85 1.97
C ILE D 98 4.66 -17.34 1.95
N LEU D 99 4.49 -16.73 3.12
CA LEU D 99 4.35 -15.28 3.24
C LEU D 99 5.56 -14.55 2.69
N LYS D 100 6.75 -15.10 2.95
CA LYS D 100 7.99 -14.49 2.48
C LYS D 100 8.05 -14.61 0.96
N LYS D 101 7.42 -15.65 0.42
CA LYS D 101 7.39 -15.89 -1.02
C LYS D 101 6.31 -15.03 -1.68
N ASN D 102 5.39 -14.52 -0.87
CA ASN D 102 4.31 -13.67 -1.38
C ASN D 102 4.14 -12.44 -0.50
N PRO D 103 5.03 -11.45 -0.67
CA PRO D 103 4.98 -10.21 0.11
C PRO D 103 3.71 -9.38 -0.16
N ASP D 104 3.13 -9.57 -1.34
CA ASP D 104 1.92 -8.84 -1.70
C ASP D 104 0.81 -9.10 -0.68
N VAL D 105 0.77 -10.31 -0.14
CA VAL D 105 -0.24 -10.68 0.83
C VAL D 105 0.02 -10.09 2.22
N CYS D 106 1.29 -9.86 2.54
CA CYS D 106 1.66 -9.30 3.84
C CYS D 106 1.32 -7.82 3.93
N ALA D 107 1.10 -7.19 2.80
CA ALA D 107 0.75 -5.78 2.77
C ALA D 107 -0.73 -5.65 3.12
N PHE D 108 -1.18 -4.42 3.35
CA PHE D 108 -2.58 -4.18 3.69
C PHE D 108 -3.38 -4.09 2.40
N VAL D 109 -3.39 -2.90 1.79
CA VAL D 109 -4.11 -2.69 0.53
C VAL D 109 -3.32 -1.76 -0.38
N GLU D 110 -2.03 -1.62 -0.12
CA GLU D 110 -1.17 -0.74 -0.91
C GLU D 110 -0.84 -1.33 -2.28
N VAL D 111 -1.00 -2.64 -2.40
CA VAL D 111 -0.73 -3.34 -3.64
C VAL D 111 -1.77 -4.43 -3.85
N PRO D 112 -2.02 -4.83 -5.11
CA PRO D 112 -3.01 -5.87 -5.39
C PRO D 112 -2.45 -7.24 -4.98
N SER D 113 -3.34 -8.18 -4.68
CA SER D 113 -2.89 -9.51 -4.26
C SER D 113 -3.93 -10.59 -4.53
N LEU D 114 -5.02 -10.24 -5.20
CA LEU D 114 -6.07 -11.21 -5.50
C LEU D 114 -5.58 -12.42 -6.28
N ASP D 115 -4.95 -12.17 -7.42
CA ASP D 115 -4.44 -13.25 -8.26
C ASP D 115 -3.62 -14.26 -7.46
N ALA D 116 -2.70 -13.76 -6.64
CA ALA D 116 -1.86 -14.62 -5.83
C ALA D 116 -2.71 -15.48 -4.88
N ARG D 117 -3.70 -14.85 -4.25
CA ARG D 117 -4.58 -15.53 -3.32
C ARG D 117 -5.43 -16.61 -4.01
N GLN D 118 -5.90 -16.31 -5.21
CA GLN D 118 -6.72 -17.26 -5.95
C GLN D 118 -5.95 -18.54 -6.20
N ALA D 119 -4.66 -18.41 -6.50
CA ALA D 119 -3.81 -19.56 -6.75
C ALA D 119 -3.71 -20.43 -5.50
N MET D 120 -3.63 -19.77 -4.35
CA MET D 120 -3.53 -20.48 -3.06
C MET D 120 -4.82 -21.23 -2.77
N LEU D 121 -5.95 -20.53 -2.92
CA LEU D 121 -7.27 -21.11 -2.67
C LEU D 121 -7.55 -22.30 -3.58
N ALA D 122 -7.19 -22.17 -4.85
CA ALA D 122 -7.41 -23.22 -5.82
C ALA D 122 -6.79 -24.54 -5.39
N MET D 123 -5.72 -24.47 -4.62
CA MET D 123 -5.03 -25.66 -4.17
C MET D 123 -5.42 -26.09 -2.75
N GLU D 124 -5.40 -25.14 -1.83
CA GLU D 124 -5.69 -25.41 -0.42
C GLU D 124 -7.13 -25.79 -0.05
N VAL D 125 -8.12 -25.05 -0.56
CA VAL D 125 -9.50 -25.37 -0.22
C VAL D 125 -9.88 -26.81 -0.58
N PRO D 126 -9.56 -27.25 -1.80
CA PRO D 126 -9.90 -28.63 -2.16
C PRO D 126 -9.08 -29.64 -1.35
N ARG D 127 -7.84 -29.29 -1.06
CA ARG D 127 -6.95 -30.17 -0.30
C ARG D 127 -7.51 -30.46 1.08
N LEU D 128 -7.85 -29.41 1.83
CA LEU D 128 -8.41 -29.56 3.16
C LEU D 128 -9.74 -30.30 3.10
N ALA D 129 -10.55 -29.94 2.12
CA ALA D 129 -11.85 -30.57 1.94
C ALA D 129 -11.70 -32.07 1.77
N LYS D 130 -10.74 -32.47 0.94
CA LYS D 130 -10.48 -33.89 0.70
C LYS D 130 -10.18 -34.63 1.99
N GLU D 131 -9.31 -34.06 2.81
CA GLU D 131 -8.92 -34.66 4.06
C GLU D 131 -10.11 -34.87 5.00
N ALA D 132 -10.92 -33.84 5.19
CA ALA D 132 -12.09 -33.95 6.06
C ALA D 132 -13.08 -34.96 5.52
N ALA D 133 -13.30 -34.91 4.21
CA ALA D 133 -14.23 -35.82 3.56
C ALA D 133 -13.79 -37.28 3.73
N GLU D 134 -12.49 -37.52 3.59
CA GLU D 134 -11.97 -38.88 3.74
C GLU D 134 -12.28 -39.42 5.14
N LYS D 135 -12.11 -38.59 6.16
CA LYS D 135 -12.37 -39.01 7.53
C LYS D 135 -13.85 -39.28 7.74
N ALA D 136 -14.70 -38.45 7.15
CA ALA D 136 -16.14 -38.62 7.27
C ALA D 136 -16.56 -39.95 6.64
N ILE D 137 -16.03 -40.23 5.46
CA ILE D 137 -16.34 -41.46 4.75
C ILE D 137 -15.80 -42.69 5.48
N GLN D 138 -14.66 -42.53 6.15
CA GLN D 138 -14.07 -43.63 6.91
C GLN D 138 -15.02 -44.01 8.05
N GLU D 139 -15.53 -43.01 8.76
CA GLU D 139 -16.45 -43.26 9.86
C GLU D 139 -17.73 -43.88 9.35
N TRP D 140 -18.26 -43.30 8.28
CA TRP D 140 -19.48 -43.78 7.66
C TRP D 140 -19.36 -45.28 7.34
N GLY D 141 -18.21 -45.67 6.78
CA GLY D 141 -17.97 -47.07 6.48
C GLY D 141 -18.52 -47.63 5.19
N GLN D 142 -19.27 -46.82 4.45
CA GLN D 142 -19.86 -47.26 3.20
C GLN D 142 -19.00 -46.81 2.02
N SER D 143 -19.29 -47.32 0.84
CA SER D 143 -18.52 -46.95 -0.34
C SER D 143 -18.86 -45.54 -0.80
N LYS D 144 -17.86 -44.83 -1.31
CA LYS D 144 -18.08 -43.48 -1.80
C LYS D 144 -18.94 -43.52 -3.05
N SER D 145 -19.12 -44.70 -3.62
CA SER D 145 -19.94 -44.85 -4.82
C SER D 145 -21.39 -44.64 -4.42
N GLY D 146 -21.65 -44.69 -3.11
CA GLY D 146 -23.00 -44.51 -2.60
C GLY D 146 -23.34 -43.05 -2.36
N ILE D 147 -22.35 -42.17 -2.51
CA ILE D 147 -22.55 -40.74 -2.33
C ILE D 147 -23.26 -40.23 -3.59
N THR D 148 -24.46 -39.69 -3.41
CA THR D 148 -25.27 -39.19 -4.51
C THR D 148 -25.24 -37.68 -4.71
N HIS D 149 -24.98 -36.95 -3.63
CA HIS D 149 -24.96 -35.49 -3.69
C HIS D 149 -23.76 -34.93 -2.96
N LEU D 150 -23.38 -33.71 -3.32
CA LEU D 150 -22.27 -33.03 -2.67
C LEU D 150 -22.65 -31.57 -2.50
N ILE D 151 -22.68 -31.09 -1.26
CA ILE D 151 -22.96 -29.69 -0.99
C ILE D 151 -21.60 -29.20 -0.49
N PHE D 152 -21.00 -28.27 -1.21
CA PHE D 152 -19.69 -27.76 -0.85
C PHE D 152 -19.74 -26.27 -0.56
N CYS D 153 -19.17 -25.88 0.58
CA CYS D 153 -19.19 -24.49 0.99
C CYS D 153 -17.80 -23.93 1.33
N SER D 154 -17.55 -22.72 0.85
CA SER D 154 -16.29 -22.02 1.13
C SER D 154 -16.62 -20.54 0.96
N THR D 155 -16.00 -19.68 1.76
CA THR D 155 -16.27 -18.24 1.69
C THR D 155 -16.18 -17.74 0.26
N THR D 156 -15.20 -18.24 -0.49
CA THR D 156 -15.06 -17.86 -1.90
C THR D 156 -14.50 -19.03 -2.69
N THR D 157 -14.53 -18.89 -4.00
CA THR D 157 -13.96 -19.90 -4.86
C THR D 157 -13.36 -19.06 -6.01
N PRO D 158 -12.12 -19.37 -6.41
CA PRO D 158 -11.43 -18.63 -7.46
C PRO D 158 -11.86 -18.76 -8.92
N ASP D 159 -12.36 -19.93 -9.31
CA ASP D 159 -12.72 -20.13 -10.70
C ASP D 159 -14.09 -20.75 -10.95
N LEU D 160 -14.26 -21.18 -12.20
CA LEU D 160 -15.42 -21.90 -12.68
C LEU D 160 -14.72 -22.98 -13.50
N PRO D 161 -14.91 -24.26 -13.17
CA PRO D 161 -15.76 -24.80 -12.11
C PRO D 161 -15.41 -24.33 -10.69
N GLY D 162 -16.38 -24.39 -9.80
CA GLY D 162 -16.15 -24.01 -8.41
C GLY D 162 -15.37 -25.11 -7.73
N ALA D 163 -14.98 -24.89 -6.48
CA ALA D 163 -14.19 -25.88 -5.75
C ALA D 163 -14.91 -27.21 -5.56
N ASP D 164 -16.24 -27.19 -5.64
CA ASP D 164 -17.02 -28.42 -5.48
C ASP D 164 -16.61 -29.44 -6.52
N PHE D 165 -16.34 -28.97 -7.73
CA PHE D 165 -15.93 -29.85 -8.81
C PHE D 165 -14.57 -30.46 -8.50
N GLU D 166 -13.65 -29.62 -8.03
CA GLU D 166 -12.31 -30.08 -7.72
C GLU D 166 -12.27 -31.11 -6.59
N VAL D 167 -13.08 -30.90 -5.56
CA VAL D 167 -13.11 -31.82 -4.43
C VAL D 167 -13.65 -33.18 -4.87
N ALA D 168 -14.70 -33.17 -5.68
CA ALA D 168 -15.28 -34.41 -6.18
C ALA D 168 -14.23 -35.20 -6.97
N LYS D 169 -13.44 -34.48 -7.76
CA LYS D 169 -12.40 -35.10 -8.58
C LYS D 169 -11.34 -35.75 -7.69
N LEU D 170 -10.88 -35.00 -6.69
CA LEU D 170 -9.86 -35.52 -5.78
C LEU D 170 -10.34 -36.76 -5.03
N LEU D 171 -11.61 -36.76 -4.63
CA LEU D 171 -12.18 -37.88 -3.89
C LEU D 171 -12.53 -39.06 -4.78
N GLY D 172 -12.47 -38.86 -6.09
CA GLY D 172 -12.81 -39.94 -7.00
C GLY D 172 -14.29 -40.26 -6.97
N LEU D 173 -15.10 -39.25 -6.71
CA LEU D 173 -16.55 -39.45 -6.66
C LEU D 173 -17.06 -39.76 -8.06
N HIS D 174 -18.21 -40.41 -8.14
CA HIS D 174 -18.80 -40.74 -9.43
C HIS D 174 -19.07 -39.43 -10.16
N PRO D 175 -18.88 -39.42 -11.49
CA PRO D 175 -19.11 -38.20 -12.27
C PRO D 175 -20.54 -37.67 -12.14
N SER D 176 -21.47 -38.56 -11.81
CA SER D 176 -22.87 -38.17 -11.69
C SER D 176 -23.30 -37.67 -10.31
N VAL D 177 -22.34 -37.46 -9.41
CA VAL D 177 -22.70 -36.95 -8.10
C VAL D 177 -23.27 -35.55 -8.34
N LYS D 178 -24.43 -35.27 -7.74
CA LYS D 178 -25.11 -33.98 -7.91
C LYS D 178 -24.52 -32.94 -6.96
N ARG D 179 -23.89 -31.92 -7.55
CA ARG D 179 -23.21 -30.88 -6.80
C ARG D 179 -23.93 -29.54 -6.68
N VAL D 180 -23.70 -28.88 -5.55
CA VAL D 180 -24.23 -27.55 -5.28
C VAL D 180 -23.13 -26.86 -4.50
N GLY D 181 -22.65 -25.74 -5.01
CA GLY D 181 -21.61 -24.99 -4.33
C GLY D 181 -22.24 -23.82 -3.61
N VAL D 182 -21.82 -23.58 -2.38
CA VAL D 182 -22.34 -22.49 -1.57
C VAL D 182 -21.20 -21.53 -1.29
N PHE D 183 -21.13 -20.47 -2.11
CA PHE D 183 -20.05 -19.50 -2.02
C PHE D 183 -20.50 -18.09 -1.64
N GLN D 184 -19.60 -17.40 -0.95
CA GLN D 184 -19.84 -16.04 -0.49
C GLN D 184 -21.10 -15.87 0.35
N HIS D 185 -21.39 -16.87 1.17
CA HIS D 185 -22.52 -16.79 2.09
C HIS D 185 -21.94 -16.31 3.41
N GLY D 186 -20.80 -16.87 3.78
CA GLY D 186 -20.16 -16.45 5.00
C GLY D 186 -20.22 -17.40 6.18
N CYS D 187 -19.99 -16.85 7.36
CA CYS D 187 -19.98 -17.63 8.59
C CYS D 187 -21.28 -18.29 9.03
N PHE D 188 -22.40 -17.96 8.40
CA PHE D 188 -23.66 -18.58 8.78
C PHE D 188 -23.94 -19.84 7.97
N ALA D 189 -23.13 -20.06 6.94
CA ALA D 189 -23.31 -21.20 6.04
C ALA D 189 -23.23 -22.59 6.66
N GLY D 190 -22.63 -22.69 7.86
CA GLY D 190 -22.55 -23.99 8.49
C GLY D 190 -23.97 -24.47 8.76
N GLY D 191 -24.86 -23.51 8.96
CA GLY D 191 -26.26 -23.84 9.18
C GLY D 191 -26.95 -23.99 7.84
N THR D 192 -26.59 -23.11 6.91
CA THR D 192 -27.18 -23.14 5.57
C THR D 192 -27.05 -24.51 4.90
N VAL D 193 -25.86 -25.10 4.95
CA VAL D 193 -25.66 -26.40 4.30
C VAL D 193 -26.49 -27.50 4.95
N LEU D 194 -26.81 -27.35 6.23
CA LEU D 194 -27.62 -28.36 6.91
C LEU D 194 -29.07 -28.20 6.47
N ARG D 195 -29.49 -26.94 6.32
CA ARG D 195 -30.85 -26.65 5.87
C ARG D 195 -31.02 -27.23 4.48
N MET D 196 -30.00 -27.09 3.64
CA MET D 196 -30.04 -27.60 2.28
C MET D 196 -29.95 -29.12 2.25
N ALA D 197 -29.06 -29.68 3.06
CA ALA D 197 -28.87 -31.13 3.11
C ALA D 197 -30.14 -31.84 3.56
N LYS D 198 -30.92 -31.20 4.42
CA LYS D 198 -32.16 -31.81 4.92
C LYS D 198 -33.11 -32.09 3.76
N ASP D 199 -33.34 -31.10 2.90
CA ASP D 199 -34.26 -31.30 1.79
C ASP D 199 -33.75 -32.28 0.73
N LEU D 200 -32.46 -32.27 0.46
CA LEU D 200 -31.91 -33.19 -0.53
C LEU D 200 -32.04 -34.62 -0.03
N ALA D 201 -31.67 -34.84 1.22
CA ALA D 201 -31.73 -36.18 1.79
C ALA D 201 -33.15 -36.72 1.96
N GLU D 202 -34.07 -35.89 2.44
CA GLU D 202 -35.43 -36.32 2.67
C GLU D 202 -36.30 -36.46 1.41
N ASN D 203 -35.95 -35.73 0.35
CA ASN D 203 -36.75 -35.81 -0.86
C ASN D 203 -36.19 -36.81 -1.88
N ASN D 204 -35.10 -37.48 -1.53
CA ASN D 204 -34.48 -38.44 -2.42
C ASN D 204 -34.16 -39.75 -1.71
N ARG D 205 -35.02 -40.75 -1.92
CA ARG D 205 -34.84 -42.05 -1.29
C ARG D 205 -33.45 -42.62 -1.62
N GLY D 206 -32.73 -43.02 -0.56
CA GLY D 206 -31.41 -43.59 -0.74
C GLY D 206 -30.28 -42.59 -0.87
N ALA D 207 -30.62 -41.32 -1.01
CA ALA D 207 -29.60 -40.29 -1.15
C ALA D 207 -28.70 -40.19 0.06
N ARG D 208 -27.40 -40.05 -0.20
CA ARG D 208 -26.40 -39.89 0.84
C ARG D 208 -25.63 -38.67 0.40
N VAL D 209 -25.81 -37.59 1.14
CA VAL D 209 -25.21 -36.30 0.84
C VAL D 209 -23.92 -36.00 1.59
N LEU D 210 -22.87 -35.72 0.84
CA LEU D 210 -21.59 -35.36 1.43
C LEU D 210 -21.66 -33.84 1.57
N VAL D 211 -21.53 -33.35 2.80
CA VAL D 211 -21.61 -31.91 3.06
C VAL D 211 -20.24 -31.45 3.56
N ILE D 212 -19.62 -30.53 2.83
CA ILE D 212 -18.29 -30.04 3.20
C ILE D 212 -18.18 -28.53 3.30
N CYS D 213 -17.47 -28.07 4.32
CA CYS D 213 -17.19 -26.65 4.53
C CYS D 213 -15.68 -26.58 4.65
N SER D 214 -15.03 -25.82 3.77
CA SER D 214 -13.58 -25.69 3.79
C SER D 214 -13.20 -24.21 3.74
N GLU D 215 -12.52 -23.75 4.78
CA GLU D 215 -12.13 -22.35 4.88
C GLU D 215 -10.63 -22.16 5.18
N THR D 216 -10.05 -21.12 4.59
CA THR D 216 -8.64 -20.82 4.80
C THR D 216 -8.41 -19.31 4.72
N THR D 217 -7.66 -18.78 5.68
CA THR D 217 -7.37 -17.34 5.72
C THR D 217 -6.47 -16.88 4.58
N ALA D 218 -6.17 -17.78 3.65
CA ALA D 218 -5.31 -17.43 2.51
C ALA D 218 -5.93 -16.27 1.74
N VAL D 219 -7.24 -16.09 1.85
CA VAL D 219 -7.92 -15.03 1.14
C VAL D 219 -8.21 -13.78 1.97
N THR D 220 -8.13 -13.89 3.29
CA THR D 220 -8.40 -12.75 4.16
C THR D 220 -7.20 -12.18 4.89
N PHE D 221 -6.12 -12.95 4.99
CA PHE D 221 -4.91 -12.49 5.67
C PHE D 221 -4.28 -11.29 4.98
N ARG D 222 -3.95 -10.26 5.75
CA ARG D 222 -3.32 -9.06 5.21
C ARG D 222 -2.65 -8.27 6.33
N GLY D 223 -1.82 -7.29 5.96
CA GLY D 223 -1.13 -6.49 6.95
C GLY D 223 -2.08 -5.67 7.79
N PRO D 224 -1.63 -5.19 8.97
CA PRO D 224 -2.45 -4.37 9.86
C PRO D 224 -2.58 -2.93 9.41
N SER D 225 -3.62 -2.24 9.89
CA SER D 225 -3.86 -0.85 9.54
C SER D 225 -4.52 -0.09 10.68
N GLU D 226 -3.85 0.95 11.15
CA GLU D 226 -4.36 1.77 12.24
C GLU D 226 -5.69 2.43 11.88
N THR D 227 -6.05 2.38 10.59
CA THR D 227 -7.29 2.98 10.13
C THR D 227 -8.42 1.96 9.95
N HIS D 228 -8.06 0.69 9.84
CA HIS D 228 -9.05 -0.37 9.67
C HIS D 228 -8.98 -1.35 10.83
N LEU D 229 -9.41 -0.90 12.01
CA LEU D 229 -9.38 -1.71 13.23
C LEU D 229 -10.08 -3.06 13.08
N ASP D 230 -11.27 -3.05 12.49
CA ASP D 230 -12.03 -4.29 12.31
C ASP D 230 -11.23 -5.37 11.60
N SER D 231 -10.55 -5.00 10.52
CA SER D 231 -9.76 -5.96 9.77
C SER D 231 -8.70 -6.56 10.69
N LEU D 232 -8.18 -5.75 11.60
CA LEU D 232 -7.17 -6.20 12.55
C LEU D 232 -7.72 -7.34 13.40
N VAL D 233 -8.93 -7.14 13.91
CA VAL D 233 -9.59 -8.15 14.74
C VAL D 233 -9.66 -9.51 14.04
N GLY D 234 -10.06 -9.49 12.77
CA GLY D 234 -10.16 -10.73 12.02
C GLY D 234 -8.84 -11.47 11.94
N GLN D 235 -7.74 -10.72 11.84
CA GLN D 235 -6.42 -11.34 11.74
C GLN D 235 -6.09 -12.14 12.99
N ALA D 236 -6.81 -11.89 14.07
CA ALA D 236 -6.57 -12.60 15.33
C ALA D 236 -7.58 -13.71 15.58
N LEU D 237 -8.70 -13.69 14.88
CA LEU D 237 -9.74 -14.69 15.09
C LEU D 237 -9.88 -15.79 14.04
N PHE D 238 -9.82 -15.42 12.77
CA PHE D 238 -9.99 -16.40 11.69
C PHE D 238 -8.88 -17.43 11.56
N GLY D 239 -9.28 -18.70 11.47
CA GLY D 239 -8.35 -19.80 11.32
C GLY D 239 -8.75 -20.70 10.15
N ASP D 240 -7.93 -21.69 9.86
CA ASP D 240 -8.18 -22.61 8.74
C ASP D 240 -8.77 -23.93 9.20
N GLY D 241 -9.59 -24.54 8.35
CA GLY D 241 -10.19 -25.82 8.70
C GLY D 241 -11.28 -26.24 7.74
N ALA D 242 -11.58 -27.53 7.75
CA ALA D 242 -12.60 -28.08 6.89
C ALA D 242 -13.38 -29.14 7.65
N SER D 243 -14.70 -29.14 7.46
CA SER D 243 -15.56 -30.12 8.09
C SER D 243 -16.26 -30.88 6.98
N ALA D 244 -16.66 -32.11 7.26
CA ALA D 244 -17.36 -32.93 6.29
C ALA D 244 -18.36 -33.80 7.02
N LEU D 245 -19.56 -33.90 6.46
CA LEU D 245 -20.61 -34.72 7.05
C LEU D 245 -21.21 -35.60 5.98
N ILE D 246 -21.81 -36.69 6.42
CA ILE D 246 -22.54 -37.58 5.52
C ILE D 246 -23.95 -37.41 6.07
N VAL D 247 -24.87 -36.96 5.22
CA VAL D 247 -26.25 -36.77 5.65
C VAL D 247 -27.18 -37.62 4.79
N GLY D 248 -28.10 -38.30 5.45
CA GLY D 248 -29.05 -39.14 4.75
C GLY D 248 -30.23 -39.50 5.63
N ALA D 249 -31.35 -39.81 4.99
CA ALA D 249 -32.53 -40.20 5.74
C ALA D 249 -32.59 -41.72 5.69
N ASP D 250 -33.38 -42.32 6.58
CA ASP D 250 -33.54 -43.78 6.62
C ASP D 250 -32.21 -44.51 6.79
N PRO D 251 -31.49 -44.25 7.89
CA PRO D 251 -30.21 -44.95 8.07
C PRO D 251 -30.43 -46.46 8.14
N ILE D 252 -29.53 -47.20 7.50
CA ILE D 252 -29.62 -48.65 7.48
C ILE D 252 -29.30 -49.24 8.86
N PRO D 253 -30.27 -49.96 9.45
CA PRO D 253 -30.07 -50.58 10.76
C PRO D 253 -28.85 -51.49 10.81
N GLN D 254 -28.06 -51.34 11.88
CA GLN D 254 -26.86 -52.16 12.07
C GLN D 254 -25.79 -51.95 11.01
N VAL D 255 -25.92 -50.90 10.22
CA VAL D 255 -24.93 -50.62 9.18
C VAL D 255 -24.44 -49.19 9.31
N GLU D 256 -25.39 -48.25 9.35
CA GLU D 256 -25.07 -46.84 9.49
C GLU D 256 -25.49 -46.39 10.88
N LYS D 257 -24.85 -45.33 11.38
CA LYS D 257 -25.18 -44.80 12.71
C LYS D 257 -25.38 -43.29 12.66
N ALA D 258 -26.55 -42.85 13.09
CA ALA D 258 -26.85 -41.42 13.11
C ALA D 258 -26.52 -40.85 14.48
N CYS D 259 -26.09 -39.59 14.51
CA CYS D 259 -25.78 -38.94 15.79
C CYS D 259 -26.72 -37.77 16.03
N PHE D 260 -27.29 -37.24 14.95
CA PHE D 260 -28.23 -36.12 15.05
C PHE D 260 -29.23 -36.15 13.90
N GLU D 261 -30.41 -35.60 14.14
CA GLU D 261 -31.45 -35.52 13.12
C GLU D 261 -31.75 -34.04 12.90
N ILE D 262 -31.84 -33.63 11.64
CA ILE D 262 -32.13 -32.24 11.31
C ILE D 262 -33.65 -32.12 11.21
N VAL D 263 -34.24 -31.61 12.28
CA VAL D 263 -35.69 -31.51 12.39
C VAL D 263 -36.40 -30.31 11.76
N TRP D 264 -35.86 -29.12 12.00
CA TRP D 264 -36.49 -27.90 11.51
C TRP D 264 -35.43 -26.83 11.30
N THR D 265 -35.65 -25.93 10.35
CA THR D 265 -34.69 -24.86 10.09
C THR D 265 -35.39 -23.56 9.75
N ALA D 266 -34.65 -22.46 9.92
CA ALA D 266 -35.15 -21.13 9.62
C ALA D 266 -33.95 -20.25 9.34
N GLN D 267 -34.19 -19.14 8.65
CA GLN D 267 -33.15 -18.18 8.34
C GLN D 267 -33.81 -16.82 8.40
N THR D 268 -33.16 -15.86 9.02
CA THR D 268 -33.73 -14.53 9.11
C THR D 268 -32.65 -13.47 9.09
N VAL D 269 -33.05 -12.24 8.80
CA VAL D 269 -32.13 -11.12 8.75
C VAL D 269 -32.57 -10.10 9.78
N VAL D 270 -31.64 -9.67 10.64
CA VAL D 270 -31.97 -8.67 11.64
C VAL D 270 -31.94 -7.32 10.93
N PRO D 271 -32.98 -6.50 11.12
CA PRO D 271 -33.09 -5.19 10.50
C PRO D 271 -32.01 -4.18 10.89
N ASN D 272 -31.63 -3.33 9.93
CA ASN D 272 -30.64 -2.29 10.13
C ASN D 272 -29.27 -2.78 10.58
N SER D 273 -28.78 -3.85 9.94
CA SER D 273 -27.48 -4.40 10.29
C SER D 273 -26.66 -4.71 9.03
N GLU D 274 -27.07 -4.12 7.92
CA GLU D 274 -26.41 -4.33 6.63
C GLU D 274 -24.89 -4.38 6.68
N GLY D 275 -24.26 -3.36 7.25
CA GLY D 275 -22.81 -3.33 7.32
C GLY D 275 -22.18 -3.94 8.55
N ALA D 276 -22.98 -4.50 9.45
CA ALA D 276 -22.46 -5.11 10.66
C ALA D 276 -21.37 -6.13 10.36
N ILE D 277 -21.65 -7.02 9.41
CA ILE D 277 -20.70 -8.04 8.99
C ILE D 277 -20.71 -8.08 7.47
N GLY D 278 -19.55 -7.89 6.86
CA GLY D 278 -19.49 -7.91 5.41
C GLY D 278 -18.12 -8.14 4.84
N GLY D 279 -18.08 -8.34 3.53
CA GLY D 279 -16.83 -8.57 2.85
C GLY D 279 -16.97 -8.17 1.39
N LYS D 280 -15.83 -7.96 0.73
CA LYS D 280 -15.84 -7.58 -0.68
C LYS D 280 -14.68 -8.24 -1.41
N VAL D 281 -14.97 -8.85 -2.55
CA VAL D 281 -13.95 -9.50 -3.34
C VAL D 281 -13.40 -8.44 -4.30
N ARG D 282 -12.18 -8.00 -4.04
CA ARG D 282 -11.56 -6.97 -4.86
C ARG D 282 -10.14 -7.34 -5.30
N GLU D 283 -9.47 -6.39 -5.94
CA GLU D 283 -8.11 -6.61 -6.43
C GLU D 283 -7.09 -6.85 -5.32
N VAL D 284 -7.43 -6.48 -4.10
CA VAL D 284 -6.54 -6.69 -2.96
C VAL D 284 -6.99 -7.92 -2.19
N GLY D 285 -7.81 -8.75 -2.83
CA GLY D 285 -8.31 -9.94 -2.17
C GLY D 285 -9.63 -9.68 -1.47
N LEU D 286 -9.95 -10.50 -0.48
CA LEU D 286 -11.19 -10.34 0.27
C LEU D 286 -11.05 -9.45 1.48
N THR D 287 -11.69 -8.29 1.44
CA THR D 287 -11.66 -7.35 2.55
C THR D 287 -12.93 -7.58 3.36
N PHE D 288 -12.88 -7.34 4.65
CA PHE D 288 -14.05 -7.56 5.48
C PHE D 288 -14.27 -6.47 6.52
N GLN D 289 -15.53 -6.29 6.90
CA GLN D 289 -15.92 -5.29 7.87
C GLN D 289 -16.65 -5.96 9.02
N LEU D 290 -16.28 -5.61 10.24
CA LEU D 290 -16.90 -6.17 11.43
C LEU D 290 -17.16 -5.04 12.42
N LYS D 291 -18.41 -4.59 12.48
CA LYS D 291 -18.80 -3.51 13.39
C LYS D 291 -18.79 -4.00 14.84
N GLY D 292 -18.59 -3.09 15.77
CA GLY D 292 -18.57 -3.47 17.18
C GLY D 292 -19.93 -3.77 17.77
N ALA D 293 -20.99 -3.43 17.03
CA ALA D 293 -22.35 -3.67 17.49
C ALA D 293 -22.84 -5.10 17.26
N VAL D 294 -22.04 -5.88 16.54
CA VAL D 294 -22.42 -7.26 16.24
C VAL D 294 -22.84 -8.05 17.47
N PRO D 295 -22.02 -8.04 18.54
CA PRO D 295 -22.37 -8.78 19.75
C PRO D 295 -23.77 -8.40 20.27
N ASP D 296 -24.03 -7.11 20.34
CA ASP D 296 -25.32 -6.62 20.83
C ASP D 296 -26.44 -6.98 19.86
N LEU D 297 -26.18 -6.81 18.56
CA LEU D 297 -27.17 -7.12 17.55
C LEU D 297 -27.67 -8.56 17.63
N ILE D 298 -26.73 -9.50 17.74
CA ILE D 298 -27.09 -10.92 17.81
C ILE D 298 -27.91 -11.23 19.05
N SER D 299 -27.36 -10.92 20.22
CA SER D 299 -28.05 -11.19 21.49
C SER D 299 -29.39 -10.47 21.53
N ALA D 300 -29.52 -9.39 20.77
CA ALA D 300 -30.75 -8.62 20.74
C ALA D 300 -31.89 -9.30 20.00
N ASN D 301 -31.56 -10.22 19.10
CA ASN D 301 -32.60 -10.92 18.33
C ASN D 301 -32.60 -12.43 18.50
N ILE D 302 -31.56 -12.97 19.13
CA ILE D 302 -31.46 -14.42 19.32
C ILE D 302 -32.63 -15.01 20.11
N GLU D 303 -33.17 -14.23 21.04
CA GLU D 303 -34.28 -14.71 21.86
C GLU D 303 -35.49 -15.02 20.98
N ASN D 304 -35.74 -14.16 19.99
CA ASN D 304 -36.86 -14.34 19.08
C ASN D 304 -36.69 -15.60 18.24
N CYS D 305 -35.46 -15.87 17.83
CA CYS D 305 -35.19 -17.06 17.03
C CYS D 305 -35.55 -18.32 17.80
N MET D 306 -35.30 -18.31 19.11
CA MET D 306 -35.61 -19.46 19.96
C MET D 306 -37.11 -19.71 20.07
N VAL D 307 -37.87 -18.65 20.27
CA VAL D 307 -39.32 -18.76 20.42
C VAL D 307 -39.97 -19.34 19.16
N GLU D 308 -39.68 -18.74 18.02
CA GLU D 308 -40.25 -19.19 16.75
C GLU D 308 -39.84 -20.61 16.37
N ALA D 309 -38.75 -21.08 16.97
CA ALA D 309 -38.25 -22.42 16.66
C ALA D 309 -38.73 -23.52 17.62
N PHE D 310 -38.77 -23.21 18.91
CA PHE D 310 -39.15 -24.22 19.91
C PHE D 310 -40.56 -24.16 20.49
N SER D 311 -41.30 -23.10 20.22
CA SER D 311 -42.66 -23.01 20.74
C SER D 311 -43.47 -24.21 20.28
N GLN D 312 -43.30 -24.58 19.01
CA GLN D 312 -44.01 -25.71 18.44
C GLN D 312 -43.67 -27.03 19.12
N PHE D 313 -42.54 -27.07 19.80
CA PHE D 313 -42.11 -28.28 20.50
C PHE D 313 -42.37 -28.14 22.00
N LYS D 314 -43.14 -27.12 22.36
CA LYS D 314 -43.48 -26.86 23.76
C LYS D 314 -42.25 -26.79 24.65
N ILE D 315 -41.23 -26.06 24.21
CA ILE D 315 -40.00 -25.90 24.97
C ILE D 315 -39.70 -24.43 25.21
N SER D 316 -39.65 -24.05 26.49
CA SER D 316 -39.37 -22.67 26.85
C SER D 316 -38.11 -22.53 27.68
N ASP D 317 -37.64 -23.64 28.25
CA ASP D 317 -36.43 -23.62 29.06
C ASP D 317 -35.22 -23.96 28.20
N TRP D 318 -34.51 -22.91 27.77
CA TRP D 318 -33.34 -23.04 26.92
C TRP D 318 -32.26 -23.96 27.47
N ASN D 319 -32.25 -24.18 28.78
CA ASN D 319 -31.25 -25.04 29.39
C ASN D 319 -31.60 -26.52 29.25
N LYS D 320 -32.78 -26.79 28.69
CA LYS D 320 -33.22 -28.17 28.48
C LYS D 320 -32.74 -28.65 27.12
N LEU D 321 -31.99 -27.80 26.42
CA LEU D 321 -31.49 -28.13 25.10
C LEU D 321 -29.97 -28.13 25.06
N PHE D 322 -29.37 -28.86 24.11
CA PHE D 322 -27.94 -28.86 23.96
C PHE D 322 -27.66 -27.76 22.95
N TRP D 323 -26.51 -27.10 23.05
CA TRP D 323 -26.20 -25.99 22.16
C TRP D 323 -24.98 -26.08 21.26
N VAL D 324 -25.11 -25.41 20.12
CA VAL D 324 -24.06 -25.30 19.13
C VAL D 324 -24.19 -23.90 18.56
N VAL D 325 -23.24 -23.03 18.88
CA VAL D 325 -23.30 -21.65 18.39
C VAL D 325 -22.03 -21.30 17.63
N HIS D 326 -22.18 -20.66 16.47
CA HIS D 326 -21.01 -20.26 15.69
C HIS D 326 -20.18 -19.34 16.59
N PRO D 327 -18.92 -19.71 16.84
CA PRO D 327 -18.03 -18.91 17.69
C PRO D 327 -17.44 -17.72 16.95
N GLY D 328 -18.29 -16.79 16.54
CA GLY D 328 -17.83 -15.62 15.82
C GLY D 328 -16.78 -14.85 16.58
N GLY D 329 -17.05 -14.66 17.88
CA GLY D 329 -16.13 -13.95 18.74
C GLY D 329 -16.50 -14.23 20.18
N ARG D 330 -15.51 -14.28 21.06
CA ARG D 330 -15.76 -14.56 22.47
C ARG D 330 -16.90 -13.69 23.01
N ALA D 331 -16.89 -12.41 22.64
CA ALA D 331 -17.90 -11.46 23.09
C ALA D 331 -19.31 -11.87 22.71
N ILE D 332 -19.48 -12.40 21.50
CA ILE D 332 -20.79 -12.84 21.04
C ILE D 332 -21.32 -13.97 21.90
N LEU D 333 -20.45 -14.90 22.26
CA LEU D 333 -20.84 -16.02 23.09
C LEU D 333 -21.27 -15.58 24.48
N ASP D 334 -20.53 -14.66 25.08
CA ASP D 334 -20.88 -14.17 26.41
C ASP D 334 -22.21 -13.44 26.39
N ARG D 335 -22.39 -12.58 25.39
CA ARG D 335 -23.61 -11.80 25.26
C ARG D 335 -24.83 -12.71 25.09
N VAL D 336 -24.66 -13.80 24.35
CA VAL D 336 -25.75 -14.75 24.14
C VAL D 336 -25.98 -15.55 25.41
N GLU D 337 -24.89 -16.02 26.01
CA GLU D 337 -24.96 -16.81 27.23
C GLU D 337 -25.70 -16.04 28.32
N ALA D 338 -25.50 -14.73 28.36
CA ALA D 338 -26.13 -13.87 29.35
C ALA D 338 -27.60 -13.58 29.02
N LYS D 339 -27.86 -13.16 27.79
CA LYS D 339 -29.21 -12.82 27.35
C LYS D 339 -30.22 -13.96 27.51
N LEU D 340 -29.79 -15.19 27.25
CA LEU D 340 -30.68 -16.35 27.36
C LEU D 340 -30.56 -17.07 28.68
N ASN D 341 -29.69 -16.58 29.55
CA ASN D 341 -29.48 -17.17 30.87
C ASN D 341 -29.16 -18.66 30.77
N LEU D 342 -28.09 -18.98 30.05
CA LEU D 342 -27.67 -20.37 29.88
C LEU D 342 -26.60 -20.68 30.91
N ASP D 343 -26.64 -21.88 31.49
CA ASP D 343 -25.64 -22.25 32.49
C ASP D 343 -24.29 -22.44 31.80
N PRO D 344 -23.19 -22.27 32.56
CA PRO D 344 -21.81 -22.40 32.06
C PRO D 344 -21.47 -23.66 31.27
N THR D 345 -22.32 -24.68 31.34
CA THR D 345 -22.03 -25.92 30.62
C THR D 345 -22.56 -25.96 29.19
N LYS D 346 -23.55 -25.13 28.89
CA LYS D 346 -24.14 -25.12 27.56
C LYS D 346 -23.16 -24.80 26.42
N LEU D 347 -22.29 -23.82 26.62
CA LEU D 347 -21.35 -23.45 25.57
C LEU D 347 -19.95 -24.05 25.71
N ILE D 348 -19.80 -25.05 26.57
CA ILE D 348 -18.51 -25.69 26.75
C ILE D 348 -17.96 -26.22 25.41
N PRO D 349 -18.77 -27.01 24.69
CA PRO D 349 -18.32 -27.55 23.40
C PRO D 349 -17.92 -26.44 22.43
N THR D 350 -18.74 -25.40 22.38
CA THR D 350 -18.49 -24.27 21.49
C THR D 350 -17.18 -23.56 21.83
N ARG D 351 -17.02 -23.18 23.09
CA ARG D 351 -15.82 -22.50 23.53
C ARG D 351 -14.57 -23.37 23.38
N HIS D 352 -14.75 -24.68 23.49
CA HIS D 352 -13.64 -25.60 23.35
C HIS D 352 -13.09 -25.55 21.92
N VAL D 353 -14.00 -25.61 20.95
CA VAL D 353 -13.61 -25.57 19.54
C VAL D 353 -12.93 -24.25 19.20
N MET D 354 -13.50 -23.15 19.66
CA MET D 354 -12.94 -21.84 19.37
C MET D 354 -11.55 -21.70 19.98
N SER D 355 -11.35 -22.35 21.11
CA SER D 355 -10.07 -22.29 21.81
C SER D 355 -8.96 -23.03 21.07
N GLU D 356 -9.29 -24.17 20.49
CA GLU D 356 -8.28 -24.97 19.78
C GLU D 356 -8.21 -24.72 18.28
N TYR D 357 -9.22 -24.08 17.70
CA TYR D 357 -9.24 -23.86 16.27
C TYR D 357 -9.49 -22.42 15.82
N GLY D 358 -10.08 -21.61 16.70
CA GLY D 358 -10.37 -20.25 16.33
C GLY D 358 -11.61 -20.23 15.44
N ASN D 359 -11.88 -19.08 14.81
CA ASN D 359 -13.04 -18.95 13.94
C ASN D 359 -12.74 -19.47 12.54
N MET D 360 -13.19 -20.69 12.26
CA MET D 360 -12.98 -21.32 10.96
C MET D 360 -14.20 -21.08 10.06
N SER D 361 -14.93 -20.02 10.36
CA SER D 361 -16.13 -19.65 9.61
C SER D 361 -17.20 -20.74 9.57
N SER D 362 -17.70 -21.05 8.39
CA SER D 362 -18.76 -22.05 8.24
C SER D 362 -18.51 -23.41 8.90
N ALA D 363 -17.25 -23.86 8.91
CA ALA D 363 -16.91 -25.16 9.47
C ALA D 363 -17.06 -25.32 10.99
N CYS D 364 -17.01 -24.22 11.73
CA CYS D 364 -17.10 -24.25 13.19
C CYS D 364 -18.21 -25.08 13.82
N VAL D 365 -19.46 -24.80 13.49
CA VAL D 365 -20.57 -25.53 14.07
C VAL D 365 -20.51 -27.04 13.87
N HIS D 366 -19.87 -27.47 12.79
CA HIS D 366 -19.74 -28.91 12.53
C HIS D 366 -18.67 -29.50 13.45
N PHE D 367 -17.64 -28.72 13.75
CA PHE D 367 -16.59 -29.18 14.64
C PHE D 367 -17.22 -29.34 16.02
N ILE D 368 -18.09 -28.39 16.36
CA ILE D 368 -18.78 -28.37 17.65
C ILE D 368 -19.75 -29.55 17.78
N LEU D 369 -20.44 -29.87 16.69
CA LEU D 369 -21.36 -31.01 16.72
C LEU D 369 -20.52 -32.27 16.99
N ASP D 370 -19.35 -32.34 16.37
CA ASP D 370 -18.47 -33.49 16.54
C ASP D 370 -18.03 -33.59 18.00
N GLN D 371 -17.65 -32.45 18.58
CA GLN D 371 -17.21 -32.41 19.97
C GLN D 371 -18.36 -32.76 20.92
N THR D 372 -19.56 -32.33 20.56
CA THR D 372 -20.74 -32.59 21.39
C THR D 372 -21.04 -34.07 21.53
N ARG D 373 -21.07 -34.79 20.42
CA ARG D 373 -21.37 -36.22 20.45
C ARG D 373 -20.20 -37.02 21.01
N LYS D 374 -18.98 -36.54 20.74
CA LYS D 374 -17.78 -37.22 21.22
C LYS D 374 -17.78 -37.22 22.75
N ALA D 375 -18.07 -36.06 23.32
CA ALA D 375 -18.10 -35.90 24.77
C ALA D 375 -19.25 -36.71 25.36
N SER D 376 -20.38 -36.73 24.65
CA SER D 376 -21.56 -37.46 25.10
C SER D 376 -21.31 -38.97 25.13
N LEU D 377 -20.68 -39.48 24.07
CA LEU D 377 -20.40 -40.91 23.99
C LEU D 377 -19.41 -41.37 25.06
N GLN D 378 -18.29 -40.65 25.17
CA GLN D 378 -17.27 -41.00 26.15
C GLN D 378 -17.77 -40.88 27.59
N ASN D 379 -18.60 -39.87 27.86
CA ASN D 379 -19.13 -39.67 29.20
C ASN D 379 -20.36 -40.52 29.49
N GLY D 380 -20.72 -41.39 28.54
CA GLY D 380 -21.86 -42.27 28.72
C GLY D 380 -23.18 -41.57 28.99
N CYS D 381 -23.48 -40.53 28.22
CA CYS D 381 -24.73 -39.80 28.38
C CYS D 381 -25.83 -40.64 27.74
N SER D 382 -27.08 -40.31 28.04
CA SER D 382 -28.21 -41.05 27.48
C SER D 382 -28.44 -40.74 26.00
N THR D 383 -27.90 -39.62 25.54
CA THR D 383 -28.03 -39.24 24.14
C THR D 383 -26.76 -38.58 23.66
N THR D 384 -26.65 -38.42 22.34
CA THR D 384 -25.48 -37.79 21.73
C THR D 384 -25.52 -36.29 21.96
N GLY D 385 -26.59 -35.81 22.58
CA GLY D 385 -26.73 -34.39 22.87
C GLY D 385 -26.64 -34.13 24.35
N GLU D 386 -25.58 -34.63 24.97
CA GLU D 386 -25.36 -34.44 26.40
C GLU D 386 -26.51 -34.98 27.24
N GLY D 387 -27.21 -35.98 26.71
CA GLY D 387 -28.32 -36.58 27.43
C GLY D 387 -29.68 -35.91 27.21
N LEU D 388 -29.69 -34.85 26.39
CA LEU D 388 -30.93 -34.14 26.11
C LEU D 388 -31.48 -34.58 24.75
N GLU D 389 -32.78 -34.43 24.55
CA GLU D 389 -33.42 -34.83 23.30
C GLU D 389 -33.30 -33.83 22.16
N MET D 390 -33.63 -32.57 22.43
CA MET D 390 -33.57 -31.54 21.40
C MET D 390 -32.41 -30.59 21.61
N GLY D 391 -31.97 -29.97 20.52
CA GLY D 391 -30.87 -29.03 20.60
C GLY D 391 -31.00 -27.96 19.53
N VAL D 392 -30.17 -26.93 19.62
CA VAL D 392 -30.22 -25.84 18.64
C VAL D 392 -28.83 -25.52 18.12
N LEU D 393 -28.75 -25.20 16.83
CA LEU D 393 -27.49 -24.86 16.19
C LEU D 393 -27.70 -23.49 15.54
N PHE D 394 -26.78 -22.57 15.81
CA PHE D 394 -26.87 -21.22 15.27
C PHE D 394 -25.69 -20.81 14.41
N GLY D 395 -26.00 -20.21 13.27
CA GLY D 395 -24.99 -19.72 12.35
C GLY D 395 -25.20 -18.22 12.24
N PHE D 396 -24.11 -17.45 12.30
CA PHE D 396 -24.18 -15.99 12.23
C PHE D 396 -23.27 -15.48 11.10
N GLY D 397 -23.74 -14.51 10.35
CA GLY D 397 -22.93 -13.98 9.26
C GLY D 397 -23.50 -12.75 8.58
N PRO D 398 -22.93 -12.33 7.44
CA PRO D 398 -23.35 -11.15 6.68
C PRO D 398 -24.87 -11.04 6.52
N GLY D 399 -25.40 -9.86 6.81
CA GLY D 399 -26.84 -9.66 6.70
C GLY D 399 -27.37 -8.47 7.47
N LEU D 400 -27.38 -8.54 8.79
CA LEU D 400 -26.90 -9.70 9.54
C LEU D 400 -27.86 -10.87 9.41
N THR D 401 -27.33 -12.03 9.04
CA THR D 401 -28.14 -13.22 8.86
C THR D 401 -27.95 -14.22 10.00
N ILE D 402 -29.05 -14.84 10.41
CA ILE D 402 -29.03 -15.84 11.46
C ILE D 402 -29.72 -17.11 10.97
N GLU D 403 -28.99 -18.23 11.01
CA GLU D 403 -29.53 -19.51 10.59
C GLU D 403 -29.87 -20.28 11.86
N THR D 404 -31.08 -20.82 11.92
CA THR D 404 -31.50 -21.61 13.07
C THR D 404 -31.72 -23.04 12.61
N VAL D 405 -31.07 -23.99 13.29
CA VAL D 405 -31.24 -25.39 12.96
C VAL D 405 -31.63 -26.14 14.22
N VAL D 406 -32.85 -26.67 14.23
CA VAL D 406 -33.32 -27.44 15.37
C VAL D 406 -32.89 -28.88 15.15
N LEU D 407 -32.20 -29.45 16.13
CA LEU D 407 -31.71 -30.82 16.02
C LEU D 407 -32.29 -31.75 17.07
N LYS D 408 -32.26 -33.04 16.77
CA LYS D 408 -32.72 -34.06 17.69
C LYS D 408 -31.53 -34.99 17.88
N SER D 409 -31.21 -35.30 19.13
CA SER D 409 -30.10 -36.19 19.42
C SER D 409 -30.51 -37.64 19.18
N VAL D 410 -29.55 -38.55 19.33
CA VAL D 410 -29.82 -39.96 19.14
C VAL D 410 -29.54 -40.68 20.46
N PRO D 411 -30.44 -41.58 20.88
CA PRO D 411 -30.24 -42.30 22.13
C PRO D 411 -28.95 -43.12 22.11
N ILE D 412 -28.23 -43.11 23.23
CA ILE D 412 -26.98 -43.86 23.37
C ILE D 412 -27.16 -45.05 24.32
N GLN D 413 -26.59 -46.18 23.94
CA GLN D 413 -26.65 -47.40 24.76
C GLN D 413 -25.24 -47.92 24.99
CAO 3IO E . 9.10 15.13 -0.36
CAG 3IO E . 9.47 13.97 0.32
CAE 3IO E . 10.57 13.24 -0.12
CAD 3IO E . 11.29 13.67 -1.24
CAF 3IO E . 10.91 14.82 -1.91
CAN 3IO E . 9.81 15.56 -1.47
NAJ 3IO E . 9.24 16.67 -1.90
CAH 3IO E . 8.21 16.98 -1.13
CAM 3IO E . 8.07 16.06 -0.18
CAI 3IO E . 6.93 15.98 0.84
CAL 3IO E . 7.40 16.14 2.29
OAB 3IO E . 8.51 15.75 2.66
CAK 3IO E . 6.47 16.81 3.30
OAC 3IO E . 5.64 17.64 2.87
OAA 3IO E . 6.62 16.52 4.50
CAO 3IO F . 36.76 15.82 -4.86
CAG 3IO F . 36.34 16.69 -5.87
CAE 3IO F . 35.09 16.50 -6.46
CAD 3IO F . 34.28 15.44 -6.06
CAF 3IO F . 34.70 14.58 -5.05
CAN 3IO F . 35.94 14.77 -4.45
NAJ 3IO F . 36.59 14.13 -3.47
CAH 3IO F . 37.75 14.71 -3.25
CAM 3IO F . 37.91 15.75 -4.08
CAI 3IO F . 39.19 16.59 -4.22
CAL 3IO F . 38.98 18.08 -3.89
OAB 3IO F . 37.89 18.63 -4.07
CAK 3IO F . 40.15 18.88 -3.31
OAC 3IO F . 40.14 20.11 -3.50
OAA 3IO F . 41.05 18.26 -2.70
CAO 3IO G . -19.20 -18.46 -19.66
CAG 3IO G . -18.09 -19.25 -19.39
CAE 3IO G . -17.20 -18.87 -18.39
CAD 3IO G . -17.43 -17.71 -17.66
CAF 3IO G . -18.54 -16.92 -17.93
CAN 3IO G . -19.43 -17.29 -18.93
NAJ 3IO G . -20.54 -16.74 -19.39
CAH 3IO G . -21.03 -17.50 -20.37
CAM 3IO G . -20.24 -18.55 -20.57
CAI 3IO G . -20.41 -19.62 -21.65
CAL 3IO G . -20.71 -21.01 -21.07
OAB 3IO G . -20.23 -21.37 -20.00
CAK 3IO G . -21.64 -21.95 -21.83
OAC 3IO G . -21.48 -23.18 -21.67
OAA 3IO G . -22.50 -21.46 -22.59
CAO 3IO H . -15.89 -13.03 7.61
CAG 3IO H . -16.59 -11.87 7.28
CAE 3IO H . -16.50 -11.35 5.99
CAD 3IO H . -15.70 -11.98 5.04
CAF 3IO H . -15.00 -13.14 5.37
CAN 3IO H . -15.09 -13.66 6.65
NAJ 3IO H . -14.54 -14.72 7.23
CAH 3IO H . -14.94 -14.79 8.50
CAM 3IO H . -15.75 -13.77 8.78
CAI 3IO H . -16.32 -13.42 10.15
CAL 3IO H . -17.82 -13.72 10.23
OAB 3IO H . -18.55 -13.68 9.24
CAK 3IO H . -18.44 -14.11 11.58
OAC 3IO H . -19.64 -13.85 11.77
OAA 3IO H . -17.70 -14.66 12.43
#